data_4D9Q
#
_entry.id   4D9Q
#
_cell.length_a   182.330
_cell.length_b   80.760
_cell.length_c   142.630
_cell.angle_alpha   90.00
_cell.angle_beta   107.19
_cell.angle_gamma   90.00
#
_symmetry.space_group_name_H-M   'C 1 2 1'
#
loop_
_entity.id
_entity.type
_entity.pdbx_description
1 polymer 'Factor D'
2 polymer 'Anti-Factor D, light chain'
3 polymer 'Anti-Factor D, heavy chain'
4 non-polymer GLYCEROL
5 non-polymer 'ZINC ION'
6 non-polymer 'SULFATE ION'
7 water water
#
loop_
_entity_poly.entity_id
_entity_poly.type
_entity_poly.pdbx_seq_one_letter_code
_entity_poly.pdbx_strand_id
1 'polypeptide(L)'
;ILGGREAEAHARPYMASVQVNGEHLCGGVLVAEQWVLSAAHCLEDAADGKVQVLLGAHSLSQPEPSKRLYDVLRAVPHPD
SRPDTIDHDLLLLQLSEKATLGPAVRPLPWQRVDRDVEPGTLCDVAGWGIVSHAGRRPDRLQHVLLPVLDRATCNRRTHH
DGAITQRMMCAESNRRDSCKGDSGGPLVCGGVLEGVVTSGSRVCGNRKKPGIYTRVASYAAWIDSVLA
;
A,B
2 'polypeptide(L)'
;DIQVTQSPSSLSASVGDRVTITCITSTDIDDDMNWYQQKPGKVPKLLISGGNTLRPGVPSRFSGSGSGTDFTLTISSLQP
EDVATYYCLQSDSLPYTFGQGTKVEIKRTVAAPSVFIFPPSDEQLKSGTASVVCLLNNFYPREAKVQWKVDNALQSGNSQ
ESVTEQDSKDSTYSLSSTLTLSKADYEKHKVYACEVTHQGLSSPVTKSFNRGE
;
D,L
3 'polypeptide(L)'
;EVQLVQSGPELKKPGASVKVSCKASGYTFTNYGMNWVRQAPGQGLEWMGWINTYTGETTYADDFKGRFVFSLDTSVSTAY
LQISSLKAEDTAVYYCEREGGVNNWGQGTLVTVSSASTKGPSVFPLAPSSKSTSGGTAALGCLVKDYFPEPVTVSWNSGA
LTSGVHTFPAVLQSSGLYSLSSVVTVPSSSLGTQTYICNVNHKPSNTKVDKKVEPKS
;
E,H
#
loop_
_chem_comp.id
_chem_comp.type
_chem_comp.name
_chem_comp.formula
GOL non-polymer GLYCEROL 'C3 H8 O3'
SO4 non-polymer 'SULFATE ION' 'O4 S -2'
ZN non-polymer 'ZINC ION' 'Zn 2'
#
# COMPACT_ATOMS: atom_id res chain seq x y z
N ILE A 1 40.99 -0.06 -20.62
CA ILE A 1 41.52 -0.20 -19.26
C ILE A 1 41.19 1.07 -18.48
N LEU A 2 40.46 0.93 -17.36
CA LEU A 2 40.13 2.04 -16.49
C LEU A 2 41.12 2.10 -15.35
N GLY A 3 41.56 3.31 -14.99
CA GLY A 3 42.46 3.54 -13.88
C GLY A 3 43.85 2.96 -14.03
N GLY A 4 44.28 2.73 -15.25
CA GLY A 4 45.62 2.23 -15.52
C GLY A 4 46.56 3.34 -15.93
N ARG A 5 47.62 2.97 -16.64
CA ARG A 5 48.66 3.85 -17.17
C ARG A 5 49.15 3.22 -18.46
N GLU A 6 49.76 4.04 -19.30
CA GLU A 6 50.33 3.59 -20.57
C GLU A 6 51.41 2.55 -20.27
N ALA A 7 51.31 1.41 -20.94
CA ALA A 7 52.28 0.33 -20.79
C ALA A 7 53.61 0.74 -21.45
N GLU A 8 54.73 0.14 -21.00
CA GLU A 8 56.04 0.33 -21.64
C GLU A 8 55.92 -0.31 -23.02
N ALA A 9 56.37 0.37 -24.06
CA ALA A 9 56.13 -0.18 -25.39
C ALA A 9 56.85 -1.52 -25.56
N HIS A 10 56.11 -2.52 -26.02
CA HIS A 10 56.68 -3.81 -26.40
C HIS A 10 57.16 -4.66 -25.24
N ALA A 11 56.77 -4.28 -24.02
CA ALA A 11 57.08 -4.98 -22.79
C ALA A 11 56.20 -6.21 -22.60
N ARG A 12 55.13 -6.33 -23.43
CA ARG A 12 54.18 -7.44 -23.47
C ARG A 12 54.12 -7.89 -24.93
N PRO A 13 55.19 -8.60 -25.40
CA PRO A 13 55.24 -8.99 -26.83
C PRO A 13 54.16 -9.95 -27.30
N TYR A 14 53.39 -10.51 -26.35
CA TYR A 14 52.28 -11.43 -26.64
C TYR A 14 50.98 -10.69 -27.01
N MET A 15 50.89 -9.40 -26.67
CA MET A 15 49.73 -8.54 -26.88
C MET A 15 49.33 -8.34 -28.34
N ALA A 16 48.12 -8.79 -28.66
CA ALA A 16 47.56 -8.65 -30.00
C ALA A 16 46.34 -7.72 -29.98
N SER A 17 46.09 -7.05 -31.12
CA SER A 17 44.91 -6.22 -31.31
C SER A 17 44.05 -6.90 -32.37
N VAL A 18 42.91 -7.45 -31.96
CA VAL A 18 41.96 -8.12 -32.86
C VAL A 18 41.14 -7.01 -33.52
N GLN A 19 41.34 -6.84 -34.83
CA GLN A 19 40.73 -5.77 -35.60
C GLN A 19 39.65 -6.25 -36.59
N VAL A 20 38.70 -5.35 -36.87
CA VAL A 20 37.64 -5.53 -37.86
C VAL A 20 37.61 -4.27 -38.74
N ASN A 21 37.88 -4.45 -40.06
CA ASN A 21 37.96 -3.36 -41.05
C ASN A 21 39.01 -2.31 -40.65
N GLY A 22 40.18 -2.80 -40.22
CA GLY A 22 41.31 -1.98 -39.80
C GLY A 22 41.14 -1.18 -38.51
N GLU A 23 40.10 -1.50 -37.73
CA GLU A 23 39.80 -0.84 -36.46
C GLU A 23 39.85 -1.84 -35.30
N HIS A 24 40.54 -1.46 -34.19
CA HIS A 24 40.64 -2.28 -32.98
C HIS A 24 39.26 -2.64 -32.43
N LEU A 25 39.00 -3.94 -32.25
CA LEU A 25 37.74 -4.40 -31.70
C LEU A 25 37.93 -5.05 -30.31
N CYS A 26 38.93 -5.94 -30.22
CA CYS A 26 39.22 -6.72 -29.01
C CYS A 26 40.71 -6.87 -28.83
N GLY A 27 41.08 -7.24 -27.62
CA GLY A 27 42.43 -7.63 -27.30
C GLY A 27 42.59 -9.08 -27.70
N GLY A 28 43.80 -9.57 -27.63
CA GLY A 28 44.15 -10.94 -27.99
C GLY A 28 45.52 -11.26 -27.44
N VAL A 29 45.85 -12.54 -27.42
CA VAL A 29 47.13 -13.02 -26.88
C VAL A 29 47.73 -14.10 -27.77
N LEU A 30 48.97 -13.85 -28.23
CA LEU A 30 49.71 -14.79 -29.06
C LEU A 30 50.11 -15.95 -28.16
N VAL A 31 49.52 -17.12 -28.40
CA VAL A 31 49.76 -18.33 -27.62
C VAL A 31 50.67 -19.35 -28.32
N ALA A 32 50.78 -19.25 -29.65
CA ALA A 32 51.62 -20.07 -30.53
C ALA A 32 52.07 -19.15 -31.65
N GLU A 33 53.00 -19.59 -32.50
CA GLU A 33 53.49 -18.80 -33.63
C GLU A 33 52.40 -18.40 -34.64
N GLN A 34 51.38 -19.24 -34.84
CA GLN A 34 50.28 -18.94 -35.78
C GLN A 34 48.92 -18.77 -35.06
N TRP A 35 48.91 -18.80 -33.72
CA TRP A 35 47.67 -18.73 -32.99
C TRP A 35 47.51 -17.60 -31.99
N VAL A 36 46.39 -16.88 -32.10
CA VAL A 36 46.02 -15.78 -31.21
C VAL A 36 44.70 -16.16 -30.50
N LEU A 37 44.70 -16.12 -29.18
CA LEU A 37 43.54 -16.44 -28.37
C LEU A 37 42.78 -15.19 -27.93
N SER A 38 41.48 -15.19 -28.07
CA SER A 38 40.66 -14.03 -27.79
C SER A 38 39.32 -14.48 -27.25
N ALA A 39 38.32 -13.64 -27.32
CA ALA A 39 37.02 -13.97 -26.76
C ALA A 39 35.97 -14.20 -27.81
N ALA A 40 35.22 -15.25 -27.62
CA ALA A 40 34.20 -15.69 -28.58
C ALA A 40 33.26 -14.60 -29.06
N HIS A 41 32.75 -13.75 -28.15
CA HIS A 41 31.84 -12.67 -28.55
C HIS A 41 32.41 -11.65 -29.53
N CYS A 42 33.75 -11.52 -29.60
CA CYS A 42 34.44 -10.63 -30.55
C CYS A 42 34.11 -11.02 -32.00
N LEU A 43 34.01 -12.33 -32.28
CA LEU A 43 33.68 -12.83 -33.61
C LEU A 43 32.23 -12.46 -33.99
N GLU A 44 31.35 -12.45 -33.03
CA GLU A 44 30.01 -11.99 -33.25
C GLU A 44 29.93 -10.55 -33.55
N ASP A 45 30.73 -9.78 -32.83
CA ASP A 45 30.75 -8.33 -33.00
C ASP A 45 31.42 -7.95 -34.31
N ALA A 46 32.31 -8.80 -34.80
CA ALA A 46 33.01 -8.53 -36.07
C ALA A 46 32.08 -8.73 -37.26
N ALA A 47 31.31 -9.84 -37.23
CA ALA A 47 30.35 -10.32 -38.24
C ALA A 47 30.89 -10.32 -39.71
N ASP A 48 30.36 -9.39 -40.51
CA ASP A 48 30.62 -9.17 -41.94
C ASP A 48 32.08 -8.83 -42.26
N GLY A 49 32.65 -7.90 -41.47
CA GLY A 49 33.98 -7.32 -41.69
C GLY A 49 35.18 -8.23 -41.78
N LYS A 50 36.29 -7.69 -42.32
CA LYS A 50 37.55 -8.41 -42.45
C LYS A 50 38.23 -8.44 -41.07
N VAL A 51 38.47 -9.66 -40.54
CA VAL A 51 39.10 -9.85 -39.24
C VAL A 51 40.61 -9.95 -39.46
N GLN A 52 41.36 -9.07 -38.80
CA GLN A 52 42.81 -9.06 -38.87
C GLN A 52 43.40 -8.95 -37.48
N VAL A 53 44.63 -9.45 -37.29
CA VAL A 53 45.32 -9.39 -36.00
C VAL A 53 46.60 -8.55 -36.14
N LEU A 54 46.75 -7.52 -35.29
CA LEU A 54 47.93 -6.65 -35.32
C LEU A 54 48.87 -7.03 -34.17
N LEU A 55 50.12 -7.44 -34.52
CA LEU A 55 51.16 -7.81 -33.56
C LEU A 55 52.26 -6.75 -33.57
N GLY A 56 53.10 -6.75 -32.54
CA GLY A 56 54.25 -5.83 -32.41
C GLY A 56 53.91 -4.38 -32.21
N ALA A 57 52.63 -4.08 -31.85
CA ALA A 57 52.11 -2.72 -31.69
C ALA A 57 52.22 -2.13 -30.29
N HIS A 58 52.31 -0.80 -30.26
CA HIS A 58 52.17 -0.03 -29.05
C HIS A 58 51.08 1.00 -29.41
N SER A 59 51.39 1.89 -30.37
CA SER A 59 50.45 2.85 -30.93
C SER A 59 49.67 2.15 -32.04
N LEU A 60 48.33 2.32 -32.04
CA LEU A 60 47.49 1.72 -33.07
C LEU A 60 47.61 2.51 -34.38
N SER A 61 47.77 3.84 -34.29
CA SER A 61 47.83 4.72 -35.47
C SER A 61 49.23 4.94 -36.08
N GLN A 62 50.24 5.20 -35.24
CA GLN A 62 51.62 5.46 -35.69
C GLN A 62 52.35 4.22 -36.23
N PRO A 63 52.87 4.28 -37.50
CA PRO A 63 53.59 3.12 -38.07
C PRO A 63 54.97 2.92 -37.42
N GLU A 64 55.45 1.68 -37.40
CA GLU A 64 56.68 1.19 -36.76
C GLU A 64 57.13 -0.05 -37.47
N PRO A 65 58.44 -0.37 -37.51
CA PRO A 65 58.88 -1.63 -38.16
C PRO A 65 58.43 -2.90 -37.42
N SER A 66 58.30 -2.84 -36.07
CA SER A 66 57.82 -3.98 -35.28
C SER A 66 56.34 -4.36 -35.57
N LYS A 67 55.53 -3.36 -35.96
CA LYS A 67 54.10 -3.53 -36.26
C LYS A 67 53.88 -4.38 -37.51
N ARG A 68 53.04 -5.43 -37.38
CA ARG A 68 52.66 -6.31 -38.50
C ARG A 68 51.22 -6.73 -38.40
N LEU A 69 50.44 -6.42 -39.44
CA LEU A 69 49.02 -6.76 -39.52
C LEU A 69 48.86 -8.07 -40.26
N TYR A 70 48.30 -9.07 -39.58
CA TYR A 70 48.09 -10.40 -40.14
C TYR A 70 46.65 -10.66 -40.51
N ASP A 71 46.45 -11.38 -41.61
CA ASP A 71 45.14 -11.81 -42.03
C ASP A 71 44.87 -13.05 -41.20
N VAL A 72 43.60 -13.35 -41.03
CA VAL A 72 43.19 -14.51 -40.26
C VAL A 72 42.79 -15.55 -41.27
N LEU A 73 43.39 -16.74 -41.13
CA LEU A 73 43.18 -17.91 -41.95
C LEU A 73 41.90 -18.64 -41.51
N ARG A 74 41.72 -18.81 -40.18
CA ARG A 74 40.61 -19.56 -39.58
C ARG A 74 40.23 -18.98 -38.18
N ALA A 75 38.92 -18.79 -37.90
CA ALA A 75 38.40 -18.29 -36.61
C ALA A 75 37.66 -19.42 -35.89
N VAL A 76 38.25 -19.95 -34.83
CA VAL A 76 37.72 -21.09 -34.08
C VAL A 76 37.06 -20.67 -32.73
N PRO A 77 35.75 -20.38 -32.71
CA PRO A 77 35.11 -20.08 -31.42
C PRO A 77 34.85 -21.37 -30.67
N HIS A 78 34.84 -21.33 -29.34
CA HIS A 78 34.58 -22.54 -28.56
C HIS A 78 33.17 -23.04 -28.93
N PRO A 79 33.02 -24.34 -29.28
CA PRO A 79 31.70 -24.86 -29.73
C PRO A 79 30.51 -24.63 -28.78
N ASP A 80 30.77 -24.50 -27.47
CA ASP A 80 29.74 -24.31 -26.45
C ASP A 80 29.38 -22.85 -26.12
N SER A 81 30.05 -21.89 -26.76
CA SER A 81 29.78 -20.46 -26.55
C SER A 81 28.47 -20.06 -27.27
N ARG A 82 27.60 -19.30 -26.56
CA ARG A 82 26.33 -18.78 -27.08
C ARG A 82 26.29 -17.23 -26.93
N PRO A 83 25.53 -16.49 -27.79
CA PRO A 83 25.55 -15.01 -27.69
C PRO A 83 24.86 -14.41 -26.45
N ASP A 84 23.98 -15.20 -25.81
CA ASP A 84 23.21 -14.81 -24.62
C ASP A 84 23.83 -15.32 -23.30
N THR A 85 25.03 -15.93 -23.37
CA THR A 85 25.81 -16.42 -22.22
C THR A 85 27.22 -15.78 -22.22
N ILE A 86 27.94 -15.94 -21.11
CA ILE A 86 29.33 -15.50 -20.93
C ILE A 86 30.25 -16.74 -20.77
N ASP A 87 29.64 -17.94 -20.76
CA ASP A 87 30.32 -19.23 -20.64
C ASP A 87 31.08 -19.59 -21.90
N HIS A 88 32.25 -20.24 -21.73
CA HIS A 88 33.13 -20.73 -22.81
C HIS A 88 33.48 -19.65 -23.82
N ASP A 89 33.65 -18.41 -23.34
CA ASP A 89 33.89 -17.24 -24.17
C ASP A 89 35.31 -17.20 -24.74
N LEU A 90 35.76 -18.30 -25.36
CA LEU A 90 37.08 -18.36 -25.97
C LEU A 90 37.02 -18.45 -27.48
N LEU A 91 38.04 -17.91 -28.14
CA LEU A 91 38.15 -17.89 -29.58
C LEU A 91 39.63 -17.99 -29.97
N LEU A 92 39.95 -18.92 -30.89
CA LEU A 92 41.33 -19.08 -31.36
C LEU A 92 41.37 -18.64 -32.80
N LEU A 93 42.35 -17.79 -33.17
CA LEU A 93 42.48 -17.26 -34.52
C LEU A 93 43.79 -17.71 -35.11
N GLN A 94 43.71 -18.33 -36.29
CA GLN A 94 44.87 -18.80 -37.04
C GLN A 94 45.34 -17.69 -37.97
N LEU A 95 46.59 -17.26 -37.83
CA LEU A 95 47.12 -16.19 -38.69
C LEU A 95 47.42 -16.73 -40.10
N SER A 96 47.42 -15.84 -41.13
CA SER A 96 47.72 -16.19 -42.54
C SER A 96 49.03 -16.95 -42.69
N GLU A 97 50.02 -16.63 -41.86
CA GLU A 97 51.32 -17.29 -41.77
C GLU A 97 51.83 -17.21 -40.30
N LYS A 98 52.87 -18.00 -39.95
CA LYS A 98 53.50 -17.98 -38.63
C LYS A 98 54.06 -16.58 -38.41
N ALA A 99 53.81 -15.99 -37.21
CA ALA A 99 54.27 -14.65 -36.88
C ALA A 99 55.80 -14.56 -36.76
N THR A 100 56.35 -13.46 -37.27
CA THR A 100 57.78 -13.17 -37.23
C THR A 100 58.11 -12.77 -35.79
N LEU A 101 58.85 -13.65 -35.11
CA LEU A 101 59.23 -13.48 -33.73
C LEU A 101 60.42 -12.55 -33.56
N GLY A 102 60.43 -11.80 -32.45
CA GLY A 102 61.48 -10.85 -32.10
C GLY A 102 61.24 -10.19 -30.76
N PRO A 103 62.01 -9.11 -30.44
CA PRO A 103 61.81 -8.40 -29.15
C PRO A 103 60.38 -7.89 -28.91
N ALA A 104 59.65 -7.56 -30.00
CA ALA A 104 58.29 -7.02 -29.92
C ALA A 104 57.16 -8.03 -30.18
N VAL A 105 57.48 -9.27 -30.69
CA VAL A 105 56.50 -10.32 -30.98
C VAL A 105 56.99 -11.68 -30.42
N ARG A 106 56.30 -12.21 -29.39
CA ARG A 106 56.66 -13.49 -28.75
C ARG A 106 55.43 -14.12 -28.08
N PRO A 107 55.14 -15.43 -28.31
CA PRO A 107 53.99 -16.06 -27.64
C PRO A 107 54.16 -16.14 -26.12
N LEU A 108 53.04 -16.19 -25.40
CA LEU A 108 53.06 -16.26 -23.96
C LEU A 108 52.64 -17.66 -23.49
N PRO A 109 53.43 -18.28 -22.60
CA PRO A 109 53.01 -19.59 -22.05
C PRO A 109 51.73 -19.40 -21.21
N TRP A 110 50.72 -20.21 -21.54
CA TRP A 110 49.42 -20.20 -20.87
C TRP A 110 49.28 -21.35 -19.86
N GLN A 111 48.58 -21.09 -18.74
CA GLN A 111 48.38 -22.04 -17.65
C GLN A 111 47.72 -23.36 -18.09
N ARG A 112 48.44 -24.46 -17.82
CA ARG A 112 48.02 -25.81 -18.18
C ARG A 112 47.44 -26.54 -16.97
N VAL A 113 47.97 -26.25 -15.77
CA VAL A 113 47.54 -26.87 -14.51
C VAL A 113 46.24 -26.18 -14.03
N ASP A 114 45.14 -26.93 -13.99
CA ASP A 114 43.86 -26.44 -13.56
C ASP A 114 43.78 -26.27 -12.06
N ARG A 115 44.31 -25.16 -11.57
CA ARG A 115 44.31 -24.77 -10.15
C ARG A 115 44.02 -23.25 -10.14
N ASP A 116 43.06 -22.81 -9.30
CA ASP A 116 42.67 -21.40 -9.19
C ASP A 116 43.83 -20.51 -8.80
N VAL A 117 43.83 -19.28 -9.34
CA VAL A 117 44.77 -18.26 -8.93
C VAL A 117 44.32 -17.89 -7.50
N GLU A 118 45.23 -17.77 -6.58
CA GLU A 118 44.86 -17.46 -5.22
C GLU A 118 44.21 -16.06 -5.10
N PRO A 119 43.12 -15.91 -4.29
CA PRO A 119 42.52 -14.57 -4.12
C PRO A 119 43.56 -13.57 -3.58
N GLY A 120 43.52 -12.34 -4.08
CA GLY A 120 44.45 -11.29 -3.67
C GLY A 120 45.71 -11.18 -4.50
N THR A 121 45.97 -12.21 -5.36
CA THR A 121 47.14 -12.23 -6.24
C THR A 121 47.02 -11.05 -7.21
N LEU A 122 48.11 -10.33 -7.42
CA LEU A 122 48.08 -9.20 -8.35
C LEU A 122 48.39 -9.73 -9.72
N CYS A 123 47.47 -9.52 -10.64
CA CYS A 123 47.62 -9.94 -12.03
C CYS A 123 47.54 -8.70 -12.91
N ASP A 124 48.17 -8.76 -14.06
CA ASP A 124 48.27 -7.68 -15.00
C ASP A 124 47.34 -7.89 -16.20
N VAL A 125 46.51 -6.88 -16.52
CA VAL A 125 45.64 -6.89 -17.70
C VAL A 125 46.05 -5.71 -18.55
N ALA A 126 46.07 -5.90 -19.87
CA ALA A 126 46.46 -4.84 -20.81
C ALA A 126 45.48 -4.78 -21.94
N GLY A 127 45.33 -3.61 -22.52
CA GLY A 127 44.42 -3.45 -23.66
C GLY A 127 44.35 -2.06 -24.22
N TRP A 128 43.65 -1.95 -25.35
CA TRP A 128 43.37 -0.72 -26.08
C TRP A 128 41.88 -0.39 -25.91
N GLY A 129 41.28 -0.99 -24.88
CA GLY A 129 39.88 -0.73 -24.52
C GLY A 129 39.69 0.66 -23.94
N ILE A 130 38.42 1.08 -23.79
CA ILE A 130 38.14 2.46 -23.28
C ILE A 130 38.83 2.79 -21.95
N VAL A 131 39.23 4.05 -21.79
CA VAL A 131 39.96 4.60 -20.62
C VAL A 131 39.08 5.59 -19.78
N SER A 132 37.87 5.89 -20.28
CA SER A 132 36.85 6.76 -19.65
C SER A 132 35.46 6.20 -19.97
N HIS A 133 34.47 6.53 -19.17
CA HIS A 133 33.10 6.09 -19.43
C HIS A 133 32.53 6.78 -20.66
N ALA A 134 33.07 7.96 -20.99
CA ALA A 134 32.76 8.74 -22.20
C ALA A 134 33.08 7.96 -23.50
N GLY A 135 33.75 6.82 -23.34
CA GLY A 135 34.11 5.91 -24.42
C GLY A 135 35.40 6.20 -25.13
N ARG A 136 36.33 6.92 -24.47
CA ARG A 136 37.60 7.25 -25.13
C ARG A 136 38.50 6.06 -25.38
N ARG A 137 38.90 5.92 -26.64
CA ARG A 137 39.75 4.87 -27.13
C ARG A 137 41.23 5.35 -27.12
N PRO A 138 42.13 4.77 -26.26
CA PRO A 138 43.54 5.18 -26.27
C PRO A 138 44.23 4.76 -27.56
N ASP A 139 45.19 5.54 -27.98
CA ASP A 139 45.97 5.19 -29.17
C ASP A 139 47.04 4.16 -28.76
N ARG A 140 47.60 4.32 -27.54
CA ARG A 140 48.68 3.50 -27.03
C ARG A 140 48.19 2.50 -25.99
N LEU A 141 48.83 1.32 -25.96
CA LEU A 141 48.52 0.23 -25.03
C LEU A 141 48.53 0.69 -23.58
N GLN A 142 47.48 0.34 -22.85
CA GLN A 142 47.33 0.62 -21.42
C GLN A 142 47.43 -0.70 -20.65
N HIS A 143 47.71 -0.64 -19.35
CA HIS A 143 47.73 -1.83 -18.50
C HIS A 143 47.39 -1.42 -17.08
N VAL A 144 47.00 -2.39 -16.25
CA VAL A 144 46.71 -2.16 -14.84
C VAL A 144 46.94 -3.49 -14.07
N LEU A 145 47.41 -3.36 -12.84
CA LEU A 145 47.66 -4.48 -11.97
C LEU A 145 46.43 -4.60 -11.05
N LEU A 146 45.71 -5.73 -11.15
CA LEU A 146 44.48 -5.95 -10.41
C LEU A 146 44.56 -7.12 -9.42
N PRO A 147 44.06 -6.96 -8.18
CA PRO A 147 44.00 -8.12 -7.27
C PRO A 147 42.85 -9.08 -7.64
N VAL A 148 43.16 -10.37 -7.68
CA VAL A 148 42.18 -11.42 -7.95
C VAL A 148 41.15 -11.40 -6.78
N LEU A 149 39.86 -11.54 -7.13
CA LEU A 149 38.79 -11.55 -6.15
C LEU A 149 38.27 -12.98 -6.09
N ASP A 150 38.11 -13.54 -4.86
CA ASP A 150 37.63 -14.91 -4.73
C ASP A 150 36.25 -15.11 -5.40
N ARG A 151 35.98 -16.33 -5.85
CA ARG A 151 34.75 -16.70 -6.53
C ARG A 151 33.47 -16.52 -5.69
N ALA A 152 33.52 -16.86 -4.38
CA ALA A 152 32.35 -16.78 -3.50
C ALA A 152 31.92 -15.29 -3.36
N THR A 153 32.88 -14.35 -3.15
CA THR A 153 32.56 -12.92 -3.10
C THR A 153 31.95 -12.52 -4.44
N CYS A 154 32.59 -12.92 -5.56
CA CYS A 154 32.14 -12.61 -6.89
C CYS A 154 30.72 -13.11 -7.25
N ASN A 155 30.28 -14.17 -6.63
CA ASN A 155 28.95 -14.72 -6.78
C ASN A 155 27.87 -14.20 -5.82
N ARG A 156 28.24 -13.40 -4.84
CA ARG A 156 27.23 -12.69 -4.07
C ARG A 156 26.24 -12.05 -5.06
N ARG A 157 24.96 -11.99 -4.49
CA ARG A 157 23.85 -11.51 -5.32
C ARG A 157 24.10 -10.07 -5.81
N THR A 158 24.75 -9.28 -4.97
CA THR A 158 25.09 -7.91 -5.32
C THR A 158 25.96 -7.90 -6.57
N HIS A 159 26.85 -8.88 -6.67
CA HIS A 159 27.78 -8.95 -7.78
C HIS A 159 27.29 -9.76 -8.95
N HIS A 160 27.85 -10.94 -9.19
CA HIS A 160 27.49 -11.68 -10.35
C HIS A 160 26.52 -12.80 -10.15
N ASP A 161 26.12 -12.95 -8.92
CA ASP A 161 24.96 -13.75 -8.54
C ASP A 161 24.94 -15.23 -9.06
N GLY A 162 26.06 -15.94 -8.87
CA GLY A 162 26.18 -17.33 -9.29
C GLY A 162 26.66 -17.62 -10.69
N ALA A 163 26.79 -16.58 -11.57
CA ALA A 163 27.22 -16.77 -12.96
C ALA A 163 28.74 -17.13 -13.06
N ILE A 164 29.53 -16.93 -11.97
CA ILE A 164 30.98 -17.24 -12.00
C ILE A 164 31.20 -18.73 -11.74
N THR A 165 31.47 -19.46 -12.79
CA THR A 165 31.71 -20.91 -12.65
C THR A 165 33.17 -21.14 -12.27
N GLN A 166 33.54 -22.43 -12.14
CA GLN A 166 34.90 -22.87 -11.86
C GLN A 166 35.79 -22.55 -13.04
N ARG A 167 35.24 -22.37 -14.22
CA ARG A 167 36.01 -22.08 -15.45
C ARG A 167 36.23 -20.58 -15.64
N MET A 168 35.87 -19.81 -14.61
CA MET A 168 35.96 -18.36 -14.62
C MET A 168 36.59 -17.84 -13.37
N MET A 169 37.11 -16.65 -13.48
CA MET A 169 37.66 -15.95 -12.31
C MET A 169 37.25 -14.48 -12.35
N CYS A 170 37.49 -13.79 -11.26
CA CYS A 170 37.17 -12.39 -11.09
C CYS A 170 38.38 -11.62 -10.60
N ALA A 171 38.35 -10.31 -10.79
CA ALA A 171 39.31 -9.37 -10.24
C ALA A 171 38.57 -8.15 -9.75
N GLU A 172 39.18 -7.40 -8.85
CA GLU A 172 38.59 -6.16 -8.37
C GLU A 172 38.36 -5.15 -9.51
N SER A 173 37.28 -4.38 -9.41
CA SER A 173 36.88 -3.44 -10.45
C SER A 173 36.73 -1.99 -9.93
N ASN A 174 36.95 -1.71 -8.68
CA ASN A 174 36.57 -0.43 -8.17
C ASN A 174 37.54 0.60 -8.65
N ARG A 175 37.11 1.33 -9.66
CA ARG A 175 37.81 2.45 -10.23
C ARG A 175 39.04 2.03 -11.08
N ARG A 176 39.26 0.73 -11.16
CA ARG A 176 40.35 0.12 -11.90
C ARG A 176 39.81 -1.11 -12.50
N ASP A 177 39.88 -1.25 -13.79
CA ASP A 177 39.15 -2.35 -14.38
C ASP A 177 39.48 -2.53 -15.84
N SER A 178 39.08 -3.67 -16.41
CA SER A 178 39.16 -3.92 -17.86
C SER A 178 37.78 -3.42 -18.39
N CYS A 179 37.74 -2.83 -19.59
CA CYS A 179 36.52 -2.20 -20.11
C CYS A 179 36.20 -2.66 -21.52
N LYS A 180 35.15 -2.06 -22.16
CA LYS A 180 34.79 -2.30 -23.57
C LYS A 180 36.04 -2.12 -24.42
N GLY A 181 36.34 -3.12 -25.23
CA GLY A 181 37.50 -3.12 -26.12
C GLY A 181 38.69 -3.87 -25.57
N ASP A 182 38.65 -4.23 -24.24
CA ASP A 182 39.68 -4.99 -23.54
C ASP A 182 39.37 -6.51 -23.60
N SER A 183 38.13 -6.87 -23.96
CA SER A 183 37.67 -8.26 -24.09
C SER A 183 38.60 -9.03 -25.01
N GLY A 184 38.90 -10.25 -24.64
CA GLY A 184 39.79 -11.06 -25.45
C GLY A 184 41.25 -10.92 -25.06
N GLY A 185 41.56 -9.87 -24.29
CA GLY A 185 42.92 -9.60 -23.84
C GLY A 185 43.41 -10.49 -22.72
N PRO A 186 44.70 -10.36 -22.35
CA PRO A 186 45.26 -11.23 -21.33
C PRO A 186 45.26 -10.76 -19.89
N LEU A 187 45.09 -11.71 -18.94
CA LEU A 187 45.22 -11.49 -17.51
C LEU A 187 46.39 -12.42 -17.17
N VAL A 188 47.53 -11.82 -16.78
CA VAL A 188 48.82 -12.51 -16.57
C VAL A 188 49.22 -12.41 -15.11
N CYS A 189 49.43 -13.59 -14.49
CA CYS A 189 49.78 -13.67 -13.08
C CYS A 189 51.16 -14.31 -12.95
N GLY A 190 52.12 -13.53 -12.47
CA GLY A 190 53.52 -13.94 -12.30
C GLY A 190 54.14 -14.50 -13.56
N GLY A 191 53.92 -13.82 -14.68
CA GLY A 191 54.44 -14.22 -15.98
C GLY A 191 53.65 -15.28 -16.73
N VAL A 192 52.55 -15.80 -16.15
CA VAL A 192 51.75 -16.84 -16.81
C VAL A 192 50.35 -16.36 -17.19
N LEU A 193 49.92 -16.64 -18.44
CA LEU A 193 48.57 -16.31 -18.89
C LEU A 193 47.61 -17.17 -18.09
N GLU A 194 46.73 -16.54 -17.30
CA GLU A 194 45.73 -17.24 -16.48
C GLU A 194 44.30 -17.06 -16.96
N GLY A 195 43.98 -15.87 -17.48
CA GLY A 195 42.63 -15.62 -17.95
C GLY A 195 42.55 -14.85 -19.24
N VAL A 196 41.38 -14.84 -19.83
CA VAL A 196 41.08 -14.04 -21.03
C VAL A 196 39.92 -13.13 -20.60
N VAL A 197 40.06 -11.79 -20.78
CA VAL A 197 38.98 -10.84 -20.47
C VAL A 197 37.69 -11.27 -21.17
N THR A 198 36.63 -11.57 -20.41
CA THR A 198 35.34 -12.05 -20.92
C THR A 198 34.49 -10.90 -21.42
N SER A 199 33.83 -11.11 -22.59
CA SER A 199 32.87 -10.18 -23.21
C SER A 199 31.59 -10.10 -22.36
N GLY A 200 30.80 -9.06 -22.59
CA GLY A 200 29.56 -8.83 -21.88
C GLY A 200 29.15 -7.39 -21.86
N SER A 201 27.94 -7.11 -21.33
CA SER A 201 27.37 -5.77 -21.25
C SER A 201 27.68 -5.10 -19.88
N ARG A 202 28.76 -5.57 -19.23
CA ARG A 202 29.22 -5.08 -17.94
C ARG A 202 29.78 -3.66 -18.02
N VAL A 203 29.30 -2.82 -17.10
CA VAL A 203 29.76 -1.45 -16.90
C VAL A 203 31.10 -1.58 -16.18
N CYS A 204 32.07 -0.70 -16.48
CA CYS A 204 33.39 -0.85 -15.88
C CYS A 204 33.72 0.15 -14.79
N GLY A 205 34.59 -0.24 -13.88
CA GLY A 205 34.99 0.63 -12.78
C GLY A 205 34.08 0.66 -11.56
N ASN A 206 33.00 -0.14 -11.59
CA ASN A 206 32.07 -0.22 -10.48
C ASN A 206 32.41 -1.40 -9.57
N ARG A 207 32.66 -1.15 -8.25
CA ARG A 207 32.92 -2.19 -7.23
C ARG A 207 31.84 -3.26 -7.15
N LYS A 208 30.61 -2.94 -7.58
CA LYS A 208 29.50 -3.90 -7.51
C LYS A 208 29.57 -4.88 -8.63
N LYS A 209 30.38 -4.59 -9.65
CA LYS A 209 30.51 -5.47 -10.82
C LYS A 209 31.96 -5.84 -11.10
N PRO A 210 32.50 -6.82 -10.33
CA PRO A 210 33.91 -7.26 -10.59
C PRO A 210 34.18 -7.66 -12.03
N GLY A 211 35.42 -7.47 -12.47
CA GLY A 211 35.86 -7.88 -13.80
C GLY A 211 35.83 -9.39 -13.89
N ILE A 212 35.43 -9.90 -15.06
CA ILE A 212 35.28 -11.34 -15.33
C ILE A 212 36.31 -11.84 -16.35
N TYR A 213 36.96 -12.97 -16.03
CA TYR A 213 38.02 -13.55 -16.86
C TYR A 213 37.79 -15.03 -16.99
N THR A 214 37.83 -15.55 -18.23
CA THR A 214 37.69 -16.99 -18.47
C THR A 214 39.06 -17.63 -18.14
N ARG A 215 39.06 -18.67 -17.34
CA ARG A 215 40.29 -19.38 -16.97
C ARG A 215 40.79 -20.26 -18.12
N VAL A 216 41.97 -19.96 -18.68
CA VAL A 216 42.56 -20.72 -19.82
C VAL A 216 42.82 -22.22 -19.51
N ALA A 217 43.28 -22.53 -18.28
CA ALA A 217 43.59 -23.86 -17.75
C ALA A 217 42.42 -24.82 -17.89
N SER A 218 41.17 -24.31 -17.72
CA SER A 218 39.93 -25.06 -17.86
C SER A 218 39.69 -25.54 -19.29
N TYR A 219 40.28 -24.86 -20.26
CA TYR A 219 40.09 -25.17 -21.66
C TYR A 219 41.37 -25.74 -22.29
N ALA A 220 42.33 -26.21 -21.46
CA ALA A 220 43.63 -26.76 -21.89
C ALA A 220 43.56 -27.79 -23.02
N ALA A 221 42.60 -28.74 -22.94
CA ALA A 221 42.43 -29.78 -23.95
C ALA A 221 41.88 -29.21 -25.26
N TRP A 222 40.96 -28.24 -25.18
CA TRP A 222 40.37 -27.56 -26.35
C TRP A 222 41.45 -26.71 -27.04
N ILE A 223 42.31 -26.02 -26.26
CA ILE A 223 43.39 -25.21 -26.81
C ILE A 223 44.41 -26.12 -27.52
N ASP A 224 44.85 -27.22 -26.85
CA ASP A 224 45.79 -28.22 -27.39
C ASP A 224 45.29 -28.77 -28.74
N SER A 225 44.00 -29.15 -28.83
CA SER A 225 43.42 -29.69 -30.05
C SER A 225 43.51 -28.75 -31.26
N VAL A 226 43.05 -27.50 -31.10
CA VAL A 226 43.03 -26.49 -32.16
C VAL A 226 44.49 -26.08 -32.57
N LEU A 227 45.41 -25.95 -31.59
CA LEU A 227 46.81 -25.58 -31.82
C LEU A 227 47.65 -26.68 -32.51
N ALA A 228 47.05 -27.86 -32.75
CA ALA A 228 47.71 -28.99 -33.42
C ALA A 228 46.98 -29.45 -34.69
N ILE B 1 -10.69 28.00 -33.77
CA ILE B 1 -11.98 27.30 -33.72
C ILE B 1 -11.82 25.80 -34.05
N LEU B 2 -12.30 24.92 -33.14
CA LEU B 2 -12.29 23.48 -33.31
C LEU B 2 -13.63 22.99 -33.83
N GLY B 3 -13.56 22.04 -34.77
CA GLY B 3 -14.74 21.37 -35.33
C GLY B 3 -15.69 22.30 -36.05
N GLY B 4 -15.17 23.41 -36.56
CA GLY B 4 -16.00 24.35 -37.29
C GLY B 4 -15.85 24.20 -38.80
N ARG B 5 -16.17 25.28 -39.51
CA ARG B 5 -16.05 25.41 -40.96
C ARG B 5 -15.71 26.87 -41.26
N GLU B 6 -15.08 27.12 -42.42
CA GLU B 6 -14.74 28.46 -42.88
C GLU B 6 -16.03 29.25 -42.96
N ALA B 7 -16.02 30.44 -42.34
CA ALA B 7 -17.17 31.33 -42.32
C ALA B 7 -17.34 31.92 -43.74
N GLU B 8 -18.58 32.28 -44.09
CA GLU B 8 -18.99 32.96 -45.33
C GLU B 8 -18.30 34.35 -45.25
N ALA B 9 -17.42 34.72 -46.23
CA ALA B 9 -16.64 35.97 -46.18
C ALA B 9 -17.51 37.20 -45.92
N HIS B 10 -17.14 37.98 -44.90
CA HIS B 10 -17.81 39.22 -44.47
C HIS B 10 -19.26 39.11 -43.96
N ALA B 11 -19.73 37.88 -43.65
CA ALA B 11 -21.06 37.59 -43.12
C ALA B 11 -21.18 37.98 -41.64
N ARG B 12 -20.03 38.30 -40.99
CA ARG B 12 -19.91 38.76 -39.61
C ARG B 12 -19.10 40.04 -39.67
N PRO B 13 -19.74 41.16 -40.13
CA PRO B 13 -19.00 42.43 -40.30
C PRO B 13 -18.45 43.05 -39.02
N TYR B 14 -18.85 42.52 -37.85
CA TYR B 14 -18.37 42.97 -36.54
C TYR B 14 -17.02 42.38 -36.16
N MET B 15 -16.62 41.29 -36.82
CA MET B 15 -15.41 40.53 -36.54
C MET B 15 -14.11 41.28 -36.71
N ALA B 16 -13.36 41.43 -35.62
CA ALA B 16 -12.07 42.10 -35.61
C ALA B 16 -10.95 41.13 -35.30
N SER B 17 -9.73 41.43 -35.80
CA SER B 17 -8.53 40.67 -35.50
C SER B 17 -7.60 41.59 -34.71
N VAL B 18 -7.43 41.31 -33.42
CA VAL B 18 -6.56 42.10 -32.55
C VAL B 18 -5.14 41.59 -32.78
N GLN B 19 -4.31 42.47 -33.38
CA GLN B 19 -2.96 42.14 -33.80
C GLN B 19 -1.86 42.81 -32.98
N VAL B 20 -0.71 42.14 -32.92
CA VAL B 20 0.49 42.62 -32.26
C VAL B 20 1.66 42.41 -33.25
N ASN B 21 2.30 43.51 -33.69
CA ASN B 21 3.39 43.51 -34.68
C ASN B 21 2.95 42.83 -36.00
N GLY B 22 1.76 43.21 -36.46
CA GLY B 22 1.15 42.71 -37.69
C GLY B 22 0.73 41.26 -37.73
N GLU B 23 0.79 40.55 -36.58
CA GLU B 23 0.41 39.13 -36.45
C GLU B 23 -0.79 38.96 -35.50
N HIS B 24 -1.89 38.30 -35.99
CA HIS B 24 -3.11 38.01 -35.23
C HIS B 24 -2.81 37.44 -33.85
N LEU B 25 -3.35 38.06 -32.80
CA LEU B 25 -3.15 37.60 -31.42
C LEU B 25 -4.46 37.11 -30.80
N CYS B 26 -5.53 37.91 -30.97
CA CYS B 26 -6.84 37.67 -30.39
C CYS B 26 -7.92 38.08 -31.35
N GLY B 27 -9.13 37.57 -31.09
CA GLY B 27 -10.33 38.01 -31.78
C GLY B 27 -10.79 39.28 -31.09
N GLY B 28 -11.79 39.92 -31.67
CA GLY B 28 -12.37 41.16 -31.17
C GLY B 28 -13.69 41.39 -31.84
N VAL B 29 -14.48 42.30 -31.28
CA VAL B 29 -15.82 42.61 -31.80
C VAL B 29 -16.06 44.12 -31.82
N LEU B 30 -16.40 44.65 -33.01
CA LEU B 30 -16.71 46.07 -33.19
C LEU B 30 -18.06 46.28 -32.54
N VAL B 31 -18.06 47.04 -31.44
CA VAL B 31 -19.27 47.35 -30.68
C VAL B 31 -19.80 48.78 -30.91
N ALA B 32 -18.93 49.68 -31.40
CA ALA B 32 -19.22 51.08 -31.75
C ALA B 32 -18.35 51.41 -32.95
N GLU B 33 -18.55 52.58 -33.58
CA GLU B 33 -17.74 53.01 -34.73
C GLU B 33 -16.22 53.14 -34.43
N GLN B 34 -15.85 53.51 -33.19
CA GLN B 34 -14.43 53.64 -32.82
C GLN B 34 -14.02 52.63 -31.74
N TRP B 35 -14.92 51.70 -31.37
CA TRP B 35 -14.62 50.76 -30.28
C TRP B 35 -14.70 49.29 -30.60
N VAL B 36 -13.64 48.57 -30.22
CA VAL B 36 -13.50 47.11 -30.40
C VAL B 36 -13.34 46.47 -29.00
N LEU B 37 -14.29 45.56 -28.68
CA LEU B 37 -14.30 44.79 -27.42
C LEU B 37 -13.52 43.48 -27.65
N SER B 38 -12.57 43.20 -26.75
CA SER B 38 -11.75 41.99 -26.77
C SER B 38 -11.56 41.50 -25.31
N ALA B 39 -10.53 40.68 -25.04
CA ALA B 39 -10.27 40.14 -23.71
C ALA B 39 -9.07 40.80 -23.06
N ALA B 40 -9.13 41.05 -21.74
CA ALA B 40 -8.08 41.73 -20.97
C ALA B 40 -6.70 41.08 -21.08
N HIS B 41 -6.63 39.74 -21.01
CA HIS B 41 -5.33 39.05 -21.09
C HIS B 41 -4.56 39.22 -22.40
N CYS B 42 -5.27 39.58 -23.50
CA CYS B 42 -4.67 39.84 -24.79
C CYS B 42 -3.65 41.00 -24.71
N LEU B 43 -3.95 42.02 -23.88
CA LEU B 43 -3.08 43.16 -23.63
C LEU B 43 -1.78 42.70 -22.98
N GLU B 44 -1.89 41.86 -21.96
CA GLU B 44 -0.70 41.36 -21.26
C GLU B 44 0.17 40.56 -22.22
N ASP B 45 -0.47 39.77 -23.07
CA ASP B 45 0.25 38.96 -24.05
C ASP B 45 0.95 39.82 -25.08
N ALA B 46 0.29 40.91 -25.50
CA ALA B 46 0.84 41.82 -26.49
C ALA B 46 2.22 42.39 -26.04
N ALA B 47 2.53 42.27 -24.72
CA ALA B 47 3.77 42.68 -24.04
C ALA B 47 4.20 44.13 -24.25
N ASP B 48 4.84 44.44 -25.39
CA ASP B 48 5.34 45.78 -25.71
C ASP B 48 5.09 46.19 -27.16
N GLY B 49 4.80 45.20 -28.01
CA GLY B 49 4.51 45.37 -29.44
C GLY B 49 3.41 46.35 -29.78
N LYS B 50 3.33 46.73 -31.07
CA LYS B 50 2.34 47.66 -31.57
C LYS B 50 1.01 46.93 -31.71
N VAL B 51 -0.02 47.41 -30.98
CA VAL B 51 -1.36 46.82 -31.00
C VAL B 51 -2.16 47.49 -32.10
N GLN B 52 -2.68 46.69 -33.03
CA GLN B 52 -3.50 47.18 -34.13
C GLN B 52 -4.74 46.31 -34.28
N VAL B 53 -5.81 46.86 -34.86
CA VAL B 53 -7.06 46.13 -35.07
C VAL B 53 -7.38 46.06 -36.56
N LEU B 54 -7.58 44.85 -37.08
CA LEU B 54 -7.89 44.65 -38.50
C LEU B 54 -9.40 44.39 -38.67
N LEU B 55 -10.08 45.27 -39.43
CA LEU B 55 -11.51 45.16 -39.72
C LEU B 55 -11.71 44.83 -41.20
N GLY B 56 -12.93 44.39 -41.54
CA GLY B 56 -13.33 43.99 -42.89
C GLY B 56 -12.60 42.81 -43.48
N ALA B 57 -11.94 41.99 -42.63
CA ALA B 57 -11.14 40.84 -43.05
C ALA B 57 -11.86 39.51 -43.11
N HIS B 58 -11.37 38.65 -43.99
CA HIS B 58 -11.74 37.25 -44.10
C HIS B 58 -10.41 36.53 -44.03
N SER B 59 -9.55 36.74 -45.06
CA SER B 59 -8.19 36.24 -45.08
C SER B 59 -7.27 37.22 -44.32
N LEU B 60 -6.42 36.68 -43.44
CA LEU B 60 -5.43 37.38 -42.62
C LEU B 60 -4.19 37.82 -43.44
N SER B 61 -3.92 37.15 -44.61
CA SER B 61 -2.78 37.44 -45.49
C SER B 61 -3.13 38.11 -46.83
N GLN B 62 -4.18 37.63 -47.51
CA GLN B 62 -4.60 38.16 -48.82
C GLN B 62 -5.24 39.54 -48.76
N PRO B 63 -4.74 40.52 -49.56
CA PRO B 63 -5.35 41.86 -49.54
C PRO B 63 -6.73 41.86 -50.22
N GLU B 64 -7.66 42.62 -49.63
CA GLU B 64 -9.07 42.78 -50.02
C GLU B 64 -9.42 44.28 -49.92
N PRO B 65 -10.33 44.86 -50.78
CA PRO B 65 -10.66 46.29 -50.62
C PRO B 65 -11.34 46.60 -49.28
N SER B 66 -12.15 45.66 -48.73
CA SER B 66 -12.85 45.78 -47.44
C SER B 66 -11.88 45.82 -46.24
N LYS B 67 -10.71 45.20 -46.37
CA LYS B 67 -9.69 45.13 -45.31
C LYS B 67 -9.10 46.49 -45.01
N ARG B 68 -8.97 46.79 -43.72
CA ARG B 68 -8.36 48.02 -43.24
C ARG B 68 -7.82 47.80 -41.83
N LEU B 69 -6.53 48.10 -41.63
CA LEU B 69 -5.81 47.96 -40.37
C LEU B 69 -5.78 49.29 -39.64
N TYR B 70 -6.31 49.32 -38.41
CA TYR B 70 -6.39 50.52 -37.58
C TYR B 70 -5.40 50.52 -36.45
N ASP B 71 -4.92 51.71 -36.06
CA ASP B 71 -4.03 51.86 -34.92
C ASP B 71 -4.88 52.06 -33.65
N VAL B 72 -4.29 51.87 -32.47
CA VAL B 72 -5.02 52.03 -31.22
C VAL B 72 -4.54 53.22 -30.40
N LEU B 73 -5.45 54.17 -30.09
CA LEU B 73 -5.13 55.33 -29.27
C LEU B 73 -4.92 54.88 -27.83
N ARG B 74 -5.98 54.29 -27.24
CA ARG B 74 -5.97 53.76 -25.89
C ARG B 74 -6.62 52.38 -25.81
N ALA B 75 -6.01 51.57 -24.95
CA ALA B 75 -6.39 50.21 -24.61
C ALA B 75 -6.95 50.27 -23.18
N VAL B 76 -8.29 50.05 -23.04
CA VAL B 76 -8.99 50.13 -21.76
C VAL B 76 -9.30 48.73 -21.17
N PRO B 77 -8.40 48.15 -20.35
CA PRO B 77 -8.74 46.87 -19.72
C PRO B 77 -9.67 47.13 -18.55
N HIS B 78 -10.54 46.16 -18.22
CA HIS B 78 -11.44 46.35 -17.09
C HIS B 78 -10.58 46.55 -15.82
N PRO B 79 -10.85 47.60 -15.01
CA PRO B 79 -10.01 47.88 -13.82
C PRO B 79 -9.82 46.75 -12.82
N ASP B 80 -10.79 45.82 -12.75
CA ASP B 80 -10.75 44.69 -11.83
C ASP B 80 -10.11 43.39 -12.34
N SER B 81 -9.62 43.41 -13.59
CA SER B 81 -8.95 42.24 -14.19
C SER B 81 -7.53 42.09 -13.62
N ARG B 82 -7.16 40.86 -13.23
CA ARG B 82 -5.84 40.51 -12.68
C ARG B 82 -5.18 39.40 -13.54
N PRO B 83 -3.84 39.31 -13.65
CA PRO B 83 -3.25 38.24 -14.50
C PRO B 83 -3.49 36.82 -14.00
N ASP B 84 -3.55 36.64 -12.68
CA ASP B 84 -3.73 35.35 -12.02
C ASP B 84 -5.20 34.90 -11.91
N THR B 85 -6.13 35.67 -12.50
CA THR B 85 -7.58 35.40 -12.51
C THR B 85 -8.11 35.40 -13.95
N ILE B 86 -9.36 34.95 -14.13
CA ILE B 86 -10.09 34.96 -15.42
C ILE B 86 -11.32 35.89 -15.30
N ASP B 87 -11.50 36.49 -14.10
CA ASP B 87 -12.59 37.43 -13.77
C ASP B 87 -12.38 38.77 -14.47
N HIS B 88 -13.50 39.39 -14.92
CA HIS B 88 -13.54 40.72 -15.56
C HIS B 88 -12.56 40.81 -16.74
N ASP B 89 -12.42 39.71 -17.49
CA ASP B 89 -11.50 39.59 -18.62
C ASP B 89 -11.97 40.36 -19.87
N LEU B 90 -12.31 41.63 -19.68
CA LEU B 90 -12.74 42.47 -20.79
C LEU B 90 -11.73 43.57 -21.09
N LEU B 91 -11.69 43.99 -22.36
CA LEU B 91 -10.78 45.01 -22.85
C LEU B 91 -11.44 45.75 -23.98
N LEU B 92 -11.45 47.08 -23.89
CA LEU B 92 -11.98 47.91 -24.96
C LEU B 92 -10.84 48.65 -25.64
N LEU B 93 -10.89 48.71 -26.96
CA LEU B 93 -9.82 49.35 -27.74
C LEU B 93 -10.41 50.43 -28.58
N GLN B 94 -9.87 51.66 -28.43
CA GLN B 94 -10.29 52.82 -29.21
C GLN B 94 -9.44 52.87 -30.48
N LEU B 95 -10.09 52.88 -31.64
CA LEU B 95 -9.37 52.96 -32.92
C LEU B 95 -8.85 54.40 -33.16
N SER B 96 -7.77 54.57 -33.93
CA SER B 96 -7.21 55.91 -34.23
C SER B 96 -8.26 56.88 -34.80
N GLU B 97 -9.20 56.35 -35.60
CA GLU B 97 -10.35 57.09 -36.15
C GLU B 97 -11.58 56.16 -36.20
N LYS B 98 -12.79 56.74 -36.40
CA LYS B 98 -14.03 55.97 -36.54
C LYS B 98 -13.90 55.08 -37.77
N ALA B 99 -14.28 53.80 -37.63
CA ALA B 99 -14.18 52.84 -38.72
C ALA B 99 -15.14 53.14 -39.86
N THR B 100 -14.65 52.94 -41.09
CA THR B 100 -15.42 53.14 -42.31
C THR B 100 -16.42 52.00 -42.41
N LEU B 101 -17.69 52.31 -42.22
CA LEU B 101 -18.78 51.35 -42.25
C LEU B 101 -19.21 51.00 -43.67
N GLY B 102 -19.63 49.75 -43.85
CA GLY B 102 -20.11 49.21 -45.12
C GLY B 102 -20.56 47.77 -44.99
N PRO B 103 -20.80 47.07 -46.13
CA PRO B 103 -21.25 45.66 -46.04
C PRO B 103 -20.28 44.72 -45.27
N ALA B 104 -18.98 45.05 -45.23
CA ALA B 104 -17.97 44.25 -44.55
C ALA B 104 -17.53 44.76 -43.16
N VAL B 105 -17.93 45.99 -42.77
CA VAL B 105 -17.59 46.59 -41.47
C VAL B 105 -18.86 47.21 -40.84
N ARG B 106 -19.35 46.63 -39.74
CA ARG B 106 -20.56 47.11 -39.04
C ARG B 106 -20.55 46.67 -37.59
N PRO B 107 -20.78 47.58 -36.61
CA PRO B 107 -20.80 47.17 -35.21
C PRO B 107 -21.95 46.21 -34.89
N LEU B 108 -21.76 45.39 -33.84
CA LEU B 108 -22.78 44.43 -33.44
C LEU B 108 -23.48 44.89 -32.17
N PRO B 109 -24.83 44.89 -32.15
CA PRO B 109 -25.54 45.21 -30.90
C PRO B 109 -25.23 44.13 -29.84
N TRP B 110 -24.79 44.58 -28.67
CA TRP B 110 -24.45 43.74 -27.54
C TRP B 110 -25.55 43.73 -26.47
N GLN B 111 -25.74 42.58 -25.79
CA GLN B 111 -26.75 42.36 -24.75
C GLN B 111 -26.66 43.31 -23.58
N ARG B 112 -27.75 44.03 -23.36
CA ARG B 112 -27.88 45.05 -22.32
C ARG B 112 -28.63 44.51 -21.10
N VAL B 113 -29.63 43.62 -21.33
CA VAL B 113 -30.46 43.01 -20.31
C VAL B 113 -29.68 41.86 -19.64
N ASP B 114 -29.38 42.02 -18.35
CA ASP B 114 -28.66 41.05 -17.56
C ASP B 114 -29.52 39.85 -17.20
N ARG B 115 -29.67 38.93 -18.14
CA ARG B 115 -30.41 37.69 -18.02
C ARG B 115 -29.57 36.63 -18.72
N ASP B 116 -29.32 35.48 -18.06
CA ASP B 116 -28.49 34.39 -18.61
C ASP B 116 -29.04 33.89 -19.94
N VAL B 117 -28.16 33.50 -20.85
CA VAL B 117 -28.54 32.81 -22.07
C VAL B 117 -28.99 31.43 -21.56
N GLU B 118 -30.13 30.96 -22.05
CA GLU B 118 -30.65 29.69 -21.56
C GLU B 118 -29.73 28.51 -21.92
N PRO B 119 -29.51 27.57 -20.98
CA PRO B 119 -28.71 26.37 -21.31
C PRO B 119 -29.26 25.64 -22.54
N GLY B 120 -28.36 25.18 -23.42
CA GLY B 120 -28.75 24.47 -24.64
C GLY B 120 -28.92 25.35 -25.86
N THR B 121 -28.99 26.68 -25.66
CA THR B 121 -29.12 27.64 -26.76
C THR B 121 -27.91 27.53 -27.67
N LEU B 122 -28.14 27.48 -28.98
CA LEU B 122 -27.03 27.43 -29.94
C LEU B 122 -26.57 28.82 -30.24
N CYS B 123 -25.31 29.08 -29.93
CA CYS B 123 -24.65 30.36 -30.15
C CYS B 123 -23.52 30.18 -31.13
N ASP B 124 -23.15 31.24 -31.84
CA ASP B 124 -22.09 31.22 -32.84
C ASP B 124 -20.84 31.91 -32.32
N VAL B 125 -19.68 31.24 -32.43
CA VAL B 125 -18.37 31.81 -32.09
C VAL B 125 -17.52 31.77 -33.37
N ALA B 126 -16.75 32.82 -33.62
CA ALA B 126 -15.91 32.91 -34.80
C ALA B 126 -14.52 33.36 -34.40
N GLY B 127 -13.52 32.97 -35.18
CA GLY B 127 -12.15 33.36 -34.91
C GLY B 127 -11.11 32.81 -35.86
N TRP B 128 -9.88 33.32 -35.70
CA TRP B 128 -8.67 32.95 -36.43
C TRP B 128 -7.75 32.17 -35.49
N GLY B 129 -8.33 31.61 -34.43
CA GLY B 129 -7.57 30.79 -33.49
C GLY B 129 -7.23 29.45 -34.10
N ILE B 130 -6.26 28.75 -33.50
CA ILE B 130 -5.86 27.41 -33.92
C ILE B 130 -7.07 26.49 -34.11
N VAL B 131 -7.07 25.69 -35.18
CA VAL B 131 -8.19 24.81 -35.51
C VAL B 131 -8.32 23.55 -34.63
N SER B 132 -7.32 23.27 -33.78
CA SER B 132 -7.23 22.12 -32.88
C SER B 132 -6.24 22.57 -31.85
N HIS B 133 -6.15 21.91 -30.70
CA HIS B 133 -5.30 22.40 -29.63
C HIS B 133 -3.86 22.46 -30.08
N ALA B 134 -3.45 21.40 -30.75
CA ALA B 134 -2.07 21.16 -31.12
C ALA B 134 -1.62 22.08 -32.22
N GLY B 135 -2.34 22.04 -33.31
CA GLY B 135 -3.22 23.04 -33.82
C GLY B 135 -2.66 23.94 -34.88
N ARG B 136 -3.36 24.01 -35.99
CA ARG B 136 -2.97 24.83 -37.11
C ARG B 136 -3.75 26.14 -37.13
N ARG B 137 -3.04 27.21 -37.39
CA ARG B 137 -3.52 28.61 -37.44
C ARG B 137 -4.18 28.83 -38.81
N PRO B 138 -5.50 29.11 -38.91
CA PRO B 138 -6.10 29.30 -40.24
C PRO B 138 -5.85 30.70 -40.80
N ASP B 139 -5.83 30.80 -42.15
CA ASP B 139 -5.66 32.09 -42.80
C ASP B 139 -7.02 32.80 -42.87
N ARG B 140 -8.10 32.01 -43.10
CA ARG B 140 -9.46 32.52 -43.23
C ARG B 140 -10.29 32.28 -41.98
N LEU B 141 -11.20 33.23 -41.70
CA LEU B 141 -12.10 33.19 -40.56
C LEU B 141 -12.90 31.88 -40.50
N GLN B 142 -12.90 31.27 -39.31
CA GLN B 142 -13.66 30.05 -39.03
C GLN B 142 -14.79 30.40 -38.06
N HIS B 143 -15.83 29.57 -38.01
CA HIS B 143 -16.93 29.75 -37.06
C HIS B 143 -17.51 28.38 -36.69
N VAL B 144 -18.23 28.31 -35.56
CA VAL B 144 -18.90 27.09 -35.09
C VAL B 144 -20.11 27.46 -34.24
N LEU B 145 -21.15 26.67 -34.33
CA LEU B 145 -22.37 26.83 -33.57
C LEU B 145 -22.26 25.91 -32.33
N LEU B 146 -22.21 26.50 -31.12
CA LEU B 146 -22.03 25.78 -29.86
C LEU B 146 -23.23 25.86 -28.93
N PRO B 147 -23.65 24.73 -28.29
CA PRO B 147 -24.72 24.84 -27.29
C PRO B 147 -24.18 25.39 -25.96
N VAL B 148 -24.91 26.33 -25.38
CA VAL B 148 -24.59 26.92 -24.07
C VAL B 148 -24.74 25.79 -23.00
N LEU B 149 -23.82 25.75 -22.05
CA LEU B 149 -23.82 24.76 -20.97
C LEU B 149 -24.17 25.51 -19.68
N ASP B 150 -25.09 24.98 -18.88
CA ASP B 150 -25.51 25.62 -17.65
C ASP B 150 -24.33 25.81 -16.67
N ARG B 151 -24.43 26.83 -15.82
CA ARG B 151 -23.39 27.20 -14.85
C ARG B 151 -23.10 26.13 -13.79
N ALA B 152 -24.14 25.45 -13.27
CA ALA B 152 -23.96 24.42 -12.24
C ALA B 152 -23.13 23.22 -12.82
N THR B 153 -23.43 22.75 -14.05
CA THR B 153 -22.66 21.70 -14.71
C THR B 153 -21.21 22.20 -14.87
N CYS B 154 -21.06 23.46 -15.38
CA CYS B 154 -19.76 24.06 -15.59
C CYS B 154 -18.88 24.20 -14.34
N ASN B 155 -19.50 24.31 -13.17
CA ASN B 155 -18.85 24.40 -11.86
C ASN B 155 -18.58 23.06 -11.17
N ARG B 156 -19.00 21.94 -11.74
CA ARG B 156 -18.68 20.65 -11.17
C ARG B 156 -17.16 20.57 -11.12
N ARG B 157 -16.63 19.82 -10.17
CA ARG B 157 -15.20 19.73 -9.96
C ARG B 157 -14.45 19.18 -11.17
N THR B 158 -15.06 18.28 -11.89
CA THR B 158 -14.50 17.74 -13.09
C THR B 158 -14.24 18.88 -14.03
N HIS B 159 -15.08 19.88 -13.99
CA HIS B 159 -15.02 20.99 -14.92
C HIS B 159 -14.29 22.21 -14.44
N HIS B 160 -14.96 23.32 -14.21
CA HIS B 160 -14.29 24.52 -13.75
C HIS B 160 -14.43 24.83 -12.28
N ASP B 161 -14.89 23.85 -11.52
CA ASP B 161 -14.80 23.76 -10.07
C ASP B 161 -15.08 25.07 -9.27
N GLY B 162 -16.18 25.74 -9.56
CA GLY B 162 -16.57 26.97 -8.88
C GLY B 162 -16.10 28.30 -9.46
N ALA B 163 -15.17 28.29 -10.43
CA ALA B 163 -14.64 29.52 -11.02
C ALA B 163 -15.64 30.29 -11.91
N ILE B 164 -16.74 29.64 -12.33
CA ILE B 164 -17.75 30.28 -13.21
C ILE B 164 -18.71 31.09 -12.38
N THR B 165 -18.55 32.40 -12.42
CA THR B 165 -19.43 33.31 -11.67
C THR B 165 -20.65 33.62 -12.52
N GLN B 166 -21.60 34.41 -11.97
CA GLN B 166 -22.80 34.85 -12.72
C GLN B 166 -22.41 35.87 -13.81
N ARG B 167 -21.13 36.31 -13.82
CA ARG B 167 -20.67 37.28 -14.83
C ARG B 167 -20.07 36.53 -16.03
N MET B 168 -20.13 35.17 -15.97
CA MET B 168 -19.53 34.27 -16.92
C MET B 168 -20.53 33.25 -17.37
N MET B 169 -20.26 32.68 -18.55
CA MET B 169 -21.04 31.59 -19.10
C MET B 169 -20.09 30.56 -19.72
N CYS B 170 -20.65 29.40 -20.04
CA CYS B 170 -19.94 28.28 -20.61
C CYS B 170 -20.65 27.79 -21.84
N ALA B 171 -19.93 27.07 -22.68
CA ALA B 171 -20.48 26.37 -23.83
C ALA B 171 -19.81 24.99 -23.90
N GLU B 172 -20.45 24.07 -24.58
CA GLU B 172 -19.85 22.75 -24.77
C GLU B 172 -18.52 22.83 -25.55
N SER B 173 -17.56 21.95 -25.17
CA SER B 173 -16.19 21.87 -25.70
C SER B 173 -15.80 20.53 -26.38
N ASN B 174 -16.71 19.57 -26.42
CA ASN B 174 -16.44 18.30 -27.08
C ASN B 174 -16.76 18.29 -28.54
N ARG B 175 -15.72 18.20 -29.32
CA ARG B 175 -15.75 18.00 -30.74
C ARG B 175 -16.12 19.32 -31.44
N ARG B 176 -16.46 20.32 -30.66
CA ARG B 176 -16.70 21.68 -31.11
C ARG B 176 -16.15 22.65 -30.03
N ASP B 177 -15.29 23.62 -30.34
CA ASP B 177 -14.85 24.54 -29.28
C ASP B 177 -14.13 25.77 -29.87
N SER B 178 -13.75 26.71 -28.97
CA SER B 178 -12.92 27.87 -29.23
C SER B 178 -11.50 27.51 -28.71
N CYS B 179 -10.46 27.94 -29.42
CA CYS B 179 -9.10 27.57 -29.08
C CYS B 179 -8.21 28.78 -28.92
N LYS B 180 -6.92 28.54 -28.61
CA LYS B 180 -5.90 29.58 -28.48
C LYS B 180 -6.00 30.46 -29.74
N GLY B 181 -6.07 31.79 -29.54
CA GLY B 181 -6.19 32.77 -30.63
C GLY B 181 -7.60 33.22 -30.89
N ASP B 182 -8.60 32.51 -30.30
CA ASP B 182 -10.03 32.84 -30.40
C ASP B 182 -10.46 33.77 -29.25
N SER B 183 -9.62 33.90 -28.19
CA SER B 183 -9.86 34.75 -27.02
C SER B 183 -10.14 36.18 -27.47
N GLY B 184 -11.12 36.81 -26.85
CA GLY B 184 -11.47 38.17 -27.21
C GLY B 184 -12.54 38.23 -28.27
N GLY B 185 -12.78 37.12 -28.94
CA GLY B 185 -13.78 37.02 -30.00
C GLY B 185 -15.21 36.97 -29.50
N PRO B 186 -16.17 37.00 -30.44
CA PRO B 186 -17.58 37.03 -30.03
C PRO B 186 -18.33 35.70 -29.94
N LEU B 187 -19.28 35.62 -28.97
CA LEU B 187 -20.23 34.52 -28.82
C LEU B 187 -21.56 35.22 -29.02
N VAL B 188 -22.26 34.88 -30.12
CA VAL B 188 -23.47 35.56 -30.60
C VAL B 188 -24.65 34.61 -30.55
N CYS B 189 -25.70 35.00 -29.84
CA CYS B 189 -26.89 34.17 -29.67
C CYS B 189 -28.10 34.90 -30.23
N GLY B 190 -28.68 34.32 -31.27
CA GLY B 190 -29.83 34.89 -31.96
C GLY B 190 -29.62 36.30 -32.47
N GLY B 191 -28.44 36.57 -33.03
CA GLY B 191 -28.07 37.87 -33.56
C GLY B 191 -27.54 38.89 -32.57
N VAL B 192 -27.48 38.52 -31.27
CA VAL B 192 -27.01 39.43 -30.22
C VAL B 192 -25.69 38.96 -29.58
N LEU B 193 -24.73 39.88 -29.42
CA LEU B 193 -23.47 39.59 -28.75
C LEU B 193 -23.78 39.32 -27.29
N GLU B 194 -23.48 38.11 -26.80
CA GLU B 194 -23.72 37.70 -25.41
C GLU B 194 -22.47 37.51 -24.61
N GLY B 195 -21.40 37.00 -25.22
CA GLY B 195 -20.16 36.76 -24.49
C GLY B 195 -18.92 37.11 -25.24
N VAL B 196 -17.81 37.18 -24.53
CA VAL B 196 -16.50 37.41 -25.11
C VAL B 196 -15.65 36.20 -24.70
N VAL B 197 -15.02 35.50 -25.67
CA VAL B 197 -14.17 34.31 -25.40
C VAL B 197 -13.11 34.72 -24.36
N THR B 198 -13.09 34.07 -23.17
CA THR B 198 -12.11 34.45 -22.16
C THR B 198 -10.79 33.79 -22.42
N SER B 199 -9.73 34.47 -21.99
CA SER B 199 -8.34 34.04 -22.01
C SER B 199 -8.05 33.02 -20.89
N GLY B 200 -6.98 32.25 -21.11
CA GLY B 200 -6.53 31.20 -20.21
C GLY B 200 -5.70 30.17 -20.94
N SER B 201 -5.13 29.24 -20.18
CA SER B 201 -4.28 28.17 -20.70
C SER B 201 -5.11 26.88 -20.96
N ARG B 202 -6.41 27.05 -21.26
CA ARG B 202 -7.35 25.96 -21.51
C ARG B 202 -7.06 25.32 -22.86
N VAL B 203 -6.92 23.99 -22.88
CA VAL B 203 -6.70 23.18 -24.09
C VAL B 203 -8.08 22.95 -24.69
N CYS B 204 -8.26 23.26 -25.98
CA CYS B 204 -9.57 23.07 -26.57
C CYS B 204 -9.85 21.62 -26.97
N GLY B 205 -11.14 21.32 -27.18
CA GLY B 205 -11.61 20.00 -27.59
C GLY B 205 -11.84 18.97 -26.51
N ASN B 206 -11.53 19.29 -25.26
CA ASN B 206 -11.70 18.38 -24.12
C ASN B 206 -13.07 18.61 -23.45
N ARG B 207 -13.91 17.57 -23.44
CA ARG B 207 -15.23 17.60 -22.84
C ARG B 207 -15.21 17.95 -21.34
N LYS B 208 -14.08 17.73 -20.69
CA LYS B 208 -13.90 18.01 -19.27
C LYS B 208 -13.64 19.46 -19.01
N LYS B 209 -13.33 20.23 -20.05
CA LYS B 209 -13.05 21.66 -19.92
C LYS B 209 -13.90 22.50 -20.85
N PRO B 210 -15.15 22.78 -20.43
CA PRO B 210 -16.03 23.62 -21.24
C PRO B 210 -15.41 24.98 -21.59
N GLY B 211 -15.80 25.54 -22.74
CA GLY B 211 -15.38 26.87 -23.16
C GLY B 211 -15.95 27.91 -22.20
N ILE B 212 -15.13 28.93 -21.87
CA ILE B 212 -15.48 30.02 -20.95
C ILE B 212 -15.68 31.37 -21.67
N TYR B 213 -16.81 32.05 -21.38
CA TYR B 213 -17.16 33.31 -22.03
C TYR B 213 -17.61 34.29 -20.98
N THR B 214 -17.05 35.52 -21.03
CA THR B 214 -17.45 36.57 -20.10
C THR B 214 -18.78 37.14 -20.65
N ARG B 215 -19.78 37.29 -19.78
CA ARG B 215 -21.09 37.81 -20.19
C ARG B 215 -21.03 39.34 -20.33
N VAL B 216 -21.23 39.87 -21.55
CA VAL B 216 -21.18 41.34 -21.82
C VAL B 216 -22.23 42.15 -21.02
N ALA B 217 -23.48 41.60 -20.86
CA ALA B 217 -24.61 42.18 -20.12
C ALA B 217 -24.23 42.56 -18.70
N SER B 218 -23.37 41.74 -18.08
CA SER B 218 -22.86 41.92 -16.73
C SER B 218 -21.90 43.11 -16.59
N TYR B 219 -21.41 43.64 -17.72
CA TYR B 219 -20.49 44.78 -17.75
C TYR B 219 -21.11 45.95 -18.53
N ALA B 220 -22.47 45.95 -18.74
CA ALA B 220 -23.21 46.98 -19.51
C ALA B 220 -22.88 48.42 -19.13
N ALA B 221 -22.77 48.71 -17.82
CA ALA B 221 -22.47 50.06 -17.33
C ALA B 221 -21.02 50.45 -17.61
N TRP B 222 -20.08 49.49 -17.49
CA TRP B 222 -18.66 49.70 -17.79
C TRP B 222 -18.45 49.93 -19.30
N ILE B 223 -19.18 49.18 -20.14
CA ILE B 223 -19.10 49.34 -21.59
C ILE B 223 -19.65 50.73 -21.99
N ASP B 224 -20.86 51.11 -21.47
CA ASP B 224 -21.51 52.40 -21.70
C ASP B 224 -20.56 53.56 -21.35
N SER B 225 -19.88 53.48 -20.19
CA SER B 225 -18.97 54.53 -19.74
C SER B 225 -17.81 54.80 -20.67
N VAL B 226 -17.08 53.74 -21.06
CA VAL B 226 -15.91 53.80 -21.95
C VAL B 226 -16.34 54.27 -23.38
N LEU B 227 -17.47 53.76 -23.89
CA LEU B 227 -17.99 54.10 -25.22
C LEU B 227 -18.59 55.52 -25.36
N ALA B 228 -18.90 56.17 -24.20
CA ALA B 228 -19.51 57.50 -24.14
C ALA B 228 -18.56 58.59 -24.64
N ASP C 1 -21.32 4.68 -15.08
CA ASP C 1 -20.93 3.76 -14.02
C ASP C 1 -19.47 3.35 -14.14
N ILE C 2 -18.62 3.97 -13.32
CA ILE C 2 -17.16 3.67 -13.34
C ILE C 2 -16.84 2.90 -12.08
N GLN C 3 -16.29 1.71 -12.23
CA GLN C 3 -15.93 0.87 -11.07
C GLN C 3 -14.63 1.40 -10.45
N VAL C 4 -14.56 1.34 -9.12
CA VAL C 4 -13.42 1.78 -8.38
C VAL C 4 -13.08 0.68 -7.37
N THR C 5 -11.80 0.25 -7.35
CA THR C 5 -11.34 -0.77 -6.38
C THR C 5 -10.33 -0.09 -5.48
N GLN C 6 -10.65 0.03 -4.21
CA GLN C 6 -9.76 0.63 -3.25
C GLN C 6 -9.11 -0.42 -2.43
N SER C 7 -7.78 -0.26 -2.18
CA SER C 7 -7.06 -1.19 -1.31
C SER C 7 -5.91 -0.52 -0.54
N PRO C 8 -5.54 -1.05 0.65
CA PRO C 8 -6.13 -2.24 1.31
C PRO C 8 -7.44 -1.87 2.01
N SER C 9 -8.08 -2.83 2.63
CA SER C 9 -9.31 -2.62 3.40
C SER C 9 -8.95 -1.97 4.77
N SER C 10 -7.79 -2.31 5.33
CA SER C 10 -7.30 -1.77 6.59
C SER C 10 -5.81 -2.01 6.68
N LEU C 11 -5.12 -1.15 7.42
CA LEU C 11 -3.69 -1.32 7.62
C LEU C 11 -3.31 -0.74 8.98
N SER C 12 -2.16 -1.21 9.51
CA SER C 12 -1.63 -0.70 10.77
C SER C 12 -0.21 -0.32 10.53
N ALA C 13 0.15 0.88 10.92
CA ALA C 13 1.50 1.34 10.74
C ALA C 13 1.89 2.18 11.96
N SER C 14 3.18 2.41 12.19
CA SER C 14 3.63 3.20 13.32
C SER C 14 3.74 4.68 12.95
N VAL C 15 3.79 5.53 13.99
CA VAL C 15 4.01 6.96 13.86
C VAL C 15 5.32 7.17 13.10
N GLY C 16 5.24 7.96 12.04
CA GLY C 16 6.37 8.26 11.19
C GLY C 16 6.52 7.33 10.00
N ASP C 17 5.69 6.28 9.90
CA ASP C 17 5.76 5.40 8.74
C ASP C 17 5.10 6.08 7.55
N ARG C 18 5.44 5.61 6.36
CA ARG C 18 4.78 6.04 5.12
C ARG C 18 3.63 5.08 4.89
N VAL C 19 2.41 5.60 4.66
CA VAL C 19 1.20 4.81 4.39
C VAL C 19 0.87 5.03 2.93
N THR C 20 0.62 3.95 2.17
CA THR C 20 0.25 4.12 0.76
C THR C 20 -1.07 3.39 0.55
N ILE C 21 -2.04 4.10 -0.06
CA ILE C 21 -3.40 3.57 -0.32
C ILE C 21 -3.64 3.71 -1.82
N THR C 22 -4.25 2.68 -2.44
CA THR C 22 -4.47 2.64 -3.87
C THR C 22 -5.96 2.72 -4.25
N CYS C 23 -6.23 3.29 -5.42
CA CYS C 23 -7.52 3.25 -6.08
C CYS C 23 -7.30 3.02 -7.53
N ILE C 24 -7.91 1.96 -8.05
CA ILE C 24 -7.79 1.56 -9.45
C ILE C 24 -9.18 1.67 -10.11
N THR C 25 -9.26 2.43 -11.22
CA THR C 25 -10.54 2.62 -11.90
C THR C 25 -10.69 1.65 -13.05
N SER C 26 -11.96 1.34 -13.44
CA SER C 26 -12.19 0.36 -14.50
C SER C 26 -11.79 0.85 -15.88
N THR C 27 -11.78 2.19 -16.04
CA THR C 27 -11.49 2.94 -17.26
C THR C 27 -10.62 4.17 -16.93
N ASP C 28 -9.96 4.73 -17.95
CA ASP C 28 -9.08 5.90 -17.88
C ASP C 28 -9.90 7.14 -17.48
N ILE C 29 -9.51 7.80 -16.40
CA ILE C 29 -10.23 8.97 -15.88
C ILE C 29 -9.37 10.22 -15.83
N ASP C 30 -8.22 10.21 -16.56
CA ASP C 30 -7.23 11.28 -16.54
C ASP C 30 -6.78 11.47 -15.09
N ASP C 31 -6.88 12.67 -14.57
CA ASP C 31 -6.44 12.96 -13.20
C ASP C 31 -7.65 13.26 -12.25
N ASP C 32 -8.87 12.82 -12.61
CA ASP C 32 -10.07 13.11 -11.82
C ASP C 32 -10.30 12.21 -10.61
N MET C 33 -9.32 12.18 -9.74
CA MET C 33 -9.36 11.40 -8.50
C MET C 33 -9.30 12.34 -7.32
N ASN C 34 -10.11 12.04 -6.31
CA ASN C 34 -10.24 12.76 -5.05
C ASN C 34 -10.00 11.80 -3.90
N TRP C 35 -9.57 12.33 -2.76
CA TRP C 35 -9.33 11.55 -1.57
C TRP C 35 -9.92 12.27 -0.40
N TYR C 36 -10.77 11.57 0.37
CA TYR C 36 -11.47 12.05 1.56
C TYR C 36 -10.97 11.33 2.78
N GLN C 37 -11.00 12.03 3.92
CA GLN C 37 -10.68 11.47 5.21
C GLN C 37 -11.93 11.57 6.07
N GLN C 38 -12.27 10.51 6.78
CA GLN C 38 -13.39 10.56 7.71
C GLN C 38 -13.03 9.96 9.07
N LYS C 39 -13.24 10.73 10.15
CA LYS C 39 -13.08 10.32 11.57
C LYS C 39 -14.41 9.74 12.07
N PRO C 40 -14.41 8.70 12.96
CA PRO C 40 -15.65 8.01 13.39
C PRO C 40 -17.03 8.69 13.39
N GLY C 41 -17.20 9.74 14.18
CA GLY C 41 -18.46 10.46 14.23
C GLY C 41 -18.41 11.82 13.59
N LYS C 42 -17.66 11.93 12.49
CA LYS C 42 -17.47 13.19 11.79
C LYS C 42 -17.83 13.11 10.33
N VAL C 43 -18.02 14.27 9.75
CA VAL C 43 -18.35 14.48 8.36
C VAL C 43 -17.07 14.25 7.48
N PRO C 44 -17.21 13.65 6.28
CA PRO C 44 -16.01 13.45 5.45
C PRO C 44 -15.38 14.78 5.05
N LYS C 45 -14.05 14.79 4.97
CA LYS C 45 -13.28 15.98 4.62
C LYS C 45 -12.46 15.66 3.36
N LEU C 46 -12.59 16.51 2.31
CA LEU C 46 -11.82 16.37 1.07
C LEU C 46 -10.37 16.80 1.34
N LEU C 47 -9.39 15.89 1.12
CA LEU C 47 -7.98 16.26 1.35
C LEU C 47 -7.30 16.59 0.03
N ILE C 48 -7.54 15.78 -0.99
CA ILE C 48 -6.88 15.89 -2.30
C ILE C 48 -7.95 15.88 -3.37
N SER C 49 -7.80 16.73 -4.36
CA SER C 49 -8.77 16.71 -5.46
C SER C 49 -8.03 16.52 -6.76
N GLY C 50 -8.78 16.48 -7.87
CA GLY C 50 -8.25 16.24 -9.20
C GLY C 50 -6.90 16.85 -9.45
N GLY C 51 -6.02 16.09 -10.09
CA GLY C 51 -4.67 16.55 -10.41
C GLY C 51 -3.72 16.46 -9.23
N ASN C 52 -4.12 15.65 -8.19
CA ASN C 52 -3.39 15.46 -6.94
C ASN C 52 -3.14 16.79 -6.21
N THR C 53 -4.18 17.65 -6.23
CA THR C 53 -4.17 18.97 -5.63
C THR C 53 -4.46 18.82 -4.17
N LEU C 54 -3.50 19.25 -3.35
CA LEU C 54 -3.58 19.26 -1.91
C LEU C 54 -4.46 20.46 -1.51
N ARG C 55 -5.56 20.19 -0.81
CA ARG C 55 -6.45 21.27 -0.44
C ARG C 55 -5.81 22.20 0.61
N PRO C 56 -6.03 23.54 0.53
CA PRO C 56 -5.40 24.47 1.49
C PRO C 56 -5.71 24.13 2.95
N GLY C 57 -4.69 24.17 3.78
CA GLY C 57 -4.85 23.86 5.19
C GLY C 57 -4.60 22.40 5.56
N VAL C 58 -4.50 21.51 4.52
CA VAL C 58 -4.26 20.07 4.75
C VAL C 58 -2.73 19.90 4.88
N PRO C 59 -2.22 19.19 5.92
CA PRO C 59 -0.77 19.01 6.06
C PRO C 59 -0.09 18.43 4.80
N SER C 60 1.10 18.93 4.49
CA SER C 60 1.89 18.56 3.31
C SER C 60 2.32 17.07 3.32
N ARG C 61 2.18 16.36 4.47
CA ARG C 61 2.51 14.92 4.54
C ARG C 61 1.54 14.05 3.69
N PHE C 62 0.35 14.63 3.34
CA PHE C 62 -0.63 13.99 2.46
C PHE C 62 -0.31 14.39 1.03
N SER C 63 -0.26 13.41 0.12
CA SER C 63 -0.03 13.71 -1.30
C SER C 63 -0.70 12.64 -2.12
N GLY C 64 -1.13 13.01 -3.32
CA GLY C 64 -1.74 12.06 -4.23
C GLY C 64 -0.78 11.90 -5.41
N SER C 65 -0.83 10.76 -6.07
CA SER C 65 -0.04 10.55 -7.28
C SER C 65 -0.81 9.61 -8.18
N GLY C 66 -0.48 9.62 -9.46
CA GLY C 66 -1.14 8.78 -10.43
C GLY C 66 -2.04 9.55 -11.35
N SER C 67 -2.26 8.99 -12.51
CA SER C 67 -3.07 9.54 -13.57
C SER C 67 -3.54 8.31 -14.38
N GLY C 68 -4.69 8.40 -15.02
CA GLY C 68 -5.15 7.30 -15.84
C GLY C 68 -6.09 6.40 -15.10
N THR C 69 -5.60 5.24 -14.61
CA THR C 69 -6.45 4.27 -13.86
C THR C 69 -5.94 4.00 -12.47
N ASP C 70 -4.64 4.22 -12.23
CA ASP C 70 -3.88 3.87 -11.03
C ASP C 70 -3.56 5.05 -10.15
N PHE C 71 -4.23 5.16 -9.02
CA PHE C 71 -4.03 6.33 -8.13
C PHE C 71 -3.58 5.93 -6.78
N THR C 72 -2.76 6.75 -6.16
CA THR C 72 -2.21 6.47 -4.86
C THR C 72 -2.34 7.67 -3.94
N LEU C 73 -2.69 7.42 -2.68
CA LEU C 73 -2.69 8.36 -1.58
C LEU C 73 -1.54 7.96 -0.66
N THR C 74 -0.63 8.88 -0.42
CA THR C 74 0.53 8.66 0.43
C THR C 74 0.44 9.59 1.64
N ILE C 75 0.61 9.03 2.83
CA ILE C 75 0.75 9.81 4.06
C ILE C 75 2.24 9.56 4.38
N SER C 76 3.10 10.54 4.11
CA SER C 76 4.54 10.36 4.27
C SER C 76 5.13 10.14 5.66
N SER C 77 4.45 10.63 6.68
CA SER C 77 5.00 10.49 8.03
C SER C 77 3.78 10.43 8.93
N LEU C 78 3.19 9.22 9.10
CA LEU C 78 1.97 8.98 9.82
C LEU C 78 1.97 9.57 11.22
N GLN C 79 0.97 10.44 11.51
CA GLN C 79 0.82 11.10 12.79
C GLN C 79 -0.35 10.50 13.55
N PRO C 80 -0.38 10.58 14.90
CA PRO C 80 -1.51 9.98 15.62
C PRO C 80 -2.88 10.47 15.17
N GLU C 81 -3.01 11.76 14.78
CA GLU C 81 -4.27 12.38 14.34
C GLU C 81 -4.73 11.94 12.96
N ASP C 82 -3.89 11.14 12.24
CA ASP C 82 -4.26 10.63 10.92
C ASP C 82 -5.13 9.39 10.96
N VAL C 83 -5.36 8.79 12.16
CA VAL C 83 -6.22 7.61 12.27
C VAL C 83 -7.63 8.00 11.80
N ALA C 84 -8.09 7.30 10.77
CA ALA C 84 -9.35 7.57 10.10
C ALA C 84 -9.59 6.49 9.07
N THR C 85 -10.75 6.59 8.36
CA THR C 85 -11.04 5.80 7.18
C THR C 85 -10.91 6.79 6.01
N TYR C 86 -10.18 6.38 4.97
CA TYR C 86 -9.93 7.20 3.80
C TYR C 86 -10.70 6.60 2.66
N TYR C 87 -11.30 7.46 1.83
CA TYR C 87 -12.10 7.07 0.67
C TYR C 87 -11.66 7.86 -0.54
N CYS C 88 -11.39 7.15 -1.66
CA CYS C 88 -11.13 7.83 -2.92
C CYS C 88 -12.51 8.02 -3.54
N LEU C 89 -12.57 8.93 -4.50
CA LEU C 89 -13.78 9.20 -5.25
C LEU C 89 -13.37 9.58 -6.67
N GLN C 90 -13.89 8.88 -7.66
CA GLN C 90 -13.57 9.28 -9.04
C GLN C 90 -14.63 10.31 -9.46
N SER C 91 -14.20 11.37 -10.13
CA SER C 91 -15.13 12.40 -10.60
C SER C 91 -14.87 12.69 -12.09
N ASP C 92 -14.72 11.65 -12.88
CA ASP C 92 -14.51 11.73 -14.33
C ASP C 92 -15.80 12.22 -15.01
N SER C 93 -16.94 11.74 -14.53
CA SER C 93 -18.27 11.96 -15.11
C SER C 93 -19.29 11.50 -14.12
N LEU C 94 -20.57 11.83 -14.37
CA LEU C 94 -21.65 11.40 -13.50
C LEU C 94 -22.09 10.01 -13.91
N PRO C 95 -22.42 9.11 -12.96
CA PRO C 95 -22.32 9.26 -11.51
C PRO C 95 -20.88 9.12 -10.99
N TYR C 96 -20.53 9.86 -9.91
CA TYR C 96 -19.20 9.74 -9.29
C TYR C 96 -19.21 8.39 -8.51
N THR C 97 -18.04 7.96 -8.02
CA THR C 97 -17.93 6.68 -7.34
C THR C 97 -16.90 6.76 -6.26
N PHE C 98 -17.29 6.38 -5.02
CA PHE C 98 -16.37 6.28 -3.90
C PHE C 98 -15.75 4.88 -3.95
N GLY C 99 -14.53 4.73 -3.43
CA GLY C 99 -13.94 3.42 -3.24
C GLY C 99 -14.50 2.86 -1.94
N GLN C 100 -14.21 1.60 -1.62
CA GLN C 100 -14.72 0.89 -0.44
C GLN C 100 -14.16 1.41 0.90
N GLY C 101 -13.09 2.20 0.85
CA GLY C 101 -12.47 2.79 2.04
C GLY C 101 -11.30 1.98 2.56
N THR C 102 -10.42 2.65 3.30
CA THR C 102 -9.27 2.00 3.95
C THR C 102 -9.19 2.56 5.35
N LYS C 103 -9.29 1.68 6.34
CA LYS C 103 -9.18 2.06 7.72
C LYS C 103 -7.69 2.13 8.09
N VAL C 104 -7.21 3.30 8.49
CA VAL C 104 -5.80 3.46 8.87
C VAL C 104 -5.70 3.46 10.38
N GLU C 105 -4.91 2.52 10.94
CA GLU C 105 -4.72 2.39 12.39
C GLU C 105 -3.25 2.56 12.75
N ILE C 106 -2.99 2.96 13.98
CA ILE C 106 -1.64 3.17 14.47
C ILE C 106 -1.22 2.01 15.33
N LYS C 107 -0.02 1.51 15.06
CA LYS C 107 0.62 0.48 15.88
C LYS C 107 1.55 1.24 16.80
N ARG C 108 1.34 1.10 18.11
CA ARG C 108 2.12 1.79 19.14
C ARG C 108 2.57 0.78 20.22
N THR C 109 3.32 1.25 21.23
CA THR C 109 3.76 0.41 22.36
C THR C 109 2.57 -0.04 23.19
N VAL C 110 2.69 -1.19 23.86
CA VAL C 110 1.65 -1.72 24.74
C VAL C 110 1.41 -0.75 25.92
N ALA C 111 0.13 -0.45 26.21
CA ALA C 111 -0.26 0.42 27.32
C ALA C 111 -1.37 -0.26 28.10
N ALA C 112 -1.10 -0.51 29.39
CA ALA C 112 -2.07 -1.15 30.30
C ALA C 112 -3.19 -0.18 30.62
N PRO C 113 -4.46 -0.65 30.72
CA PRO C 113 -5.56 0.27 31.03
C PRO C 113 -5.60 0.74 32.49
N SER C 114 -6.16 1.95 32.72
CA SER C 114 -6.46 2.49 34.05
C SER C 114 -7.89 2.00 34.25
N VAL C 115 -8.15 1.28 35.36
CA VAL C 115 -9.48 0.73 35.61
C VAL C 115 -10.24 1.53 36.69
N PHE C 116 -11.53 1.79 36.43
CA PHE C 116 -12.45 2.51 37.29
C PHE C 116 -13.75 1.75 37.34
N ILE C 117 -14.39 1.70 38.52
CA ILE C 117 -15.69 1.06 38.72
C ILE C 117 -16.68 2.13 39.26
N PHE C 118 -17.94 2.09 38.78
CA PHE C 118 -18.98 3.02 39.20
C PHE C 118 -20.19 2.28 39.66
N PRO C 119 -20.57 2.43 40.95
CA PRO C 119 -21.81 1.78 41.42
C PRO C 119 -23.01 2.45 40.76
N PRO C 120 -24.20 1.82 40.76
CA PRO C 120 -25.38 2.52 40.22
C PRO C 120 -25.71 3.76 41.05
N SER C 121 -26.30 4.78 40.41
CA SER C 121 -26.68 6.02 41.11
C SER C 121 -27.96 5.74 41.92
N ASP C 122 -28.12 6.42 43.08
CA ASP C 122 -29.31 6.28 43.93
C ASP C 122 -30.57 6.59 43.12
N GLU C 123 -30.48 7.58 42.20
CA GLU C 123 -31.55 7.98 41.29
C GLU C 123 -32.01 6.81 40.40
N GLN C 124 -31.03 6.02 39.88
CA GLN C 124 -31.34 4.87 39.03
C GLN C 124 -32.03 3.77 39.84
N LEU C 125 -31.57 3.55 41.10
CA LEU C 125 -32.15 2.56 42.01
C LEU C 125 -33.65 2.80 42.23
N LYS C 126 -34.05 4.08 42.47
CA LYS C 126 -35.46 4.52 42.63
C LYS C 126 -36.38 4.01 41.51
N SER C 127 -35.80 3.82 40.29
CA SER C 127 -36.49 3.34 39.09
C SER C 127 -36.62 1.81 39.00
N GLY C 128 -35.86 1.09 39.83
CA GLY C 128 -35.91 -0.37 39.90
C GLY C 128 -34.87 -1.15 39.12
N THR C 129 -33.81 -0.47 38.65
CA THR C 129 -32.72 -1.12 37.90
C THR C 129 -31.38 -0.61 38.40
N ALA C 130 -30.37 -1.47 38.35
CA ALA C 130 -29.01 -1.13 38.74
C ALA C 130 -28.02 -1.40 37.57
N SER C 131 -27.26 -0.37 37.20
CA SER C 131 -26.25 -0.44 36.15
C SER C 131 -24.91 -0.18 36.79
N VAL C 132 -24.03 -1.18 36.74
CA VAL C 132 -22.68 -1.05 37.31
C VAL C 132 -21.74 -0.84 36.11
N VAL C 133 -20.91 0.20 36.17
CA VAL C 133 -20.05 0.53 35.04
C VAL C 133 -18.56 0.33 35.36
N CYS C 134 -17.88 -0.43 34.49
CA CYS C 134 -16.44 -0.63 34.60
C CYS C 134 -15.82 0.13 33.41
N LEU C 135 -14.86 1.01 33.69
CA LEU C 135 -14.19 1.81 32.67
C LEU C 135 -12.74 1.38 32.54
N LEU C 136 -12.31 1.02 31.30
CA LEU C 136 -10.92 0.66 30.96
C LEU C 136 -10.45 1.82 30.14
N ASN C 137 -9.53 2.59 30.66
CA ASN C 137 -9.08 3.80 30.01
C ASN C 137 -7.67 3.77 29.45
N ASN C 138 -7.54 4.30 28.20
CA ASN C 138 -6.28 4.51 27.52
C ASN C 138 -5.32 3.33 27.40
N PHE C 139 -5.79 2.26 26.78
CA PHE C 139 -5.00 1.05 26.60
C PHE C 139 -4.70 0.66 25.13
N TYR C 140 -3.59 -0.04 24.93
CA TYR C 140 -3.17 -0.58 23.62
C TYR C 140 -2.47 -1.93 23.83
N PRO C 141 -2.79 -3.01 23.07
CA PRO C 141 -3.76 -3.11 21.96
C PRO C 141 -5.25 -3.18 22.35
N ARG C 142 -6.13 -3.21 21.33
CA ARG C 142 -7.60 -3.25 21.42
C ARG C 142 -8.12 -4.37 22.31
N GLU C 143 -7.49 -5.55 22.22
CA GLU C 143 -7.87 -6.76 22.92
C GLU C 143 -7.77 -6.61 24.41
N ALA C 144 -8.89 -6.79 25.09
CA ALA C 144 -8.98 -6.71 26.54
C ALA C 144 -10.15 -7.56 26.97
N LYS C 145 -10.06 -8.21 28.13
CA LYS C 145 -11.18 -9.00 28.63
C LYS C 145 -11.66 -8.43 29.95
N VAL C 146 -13.00 -8.31 30.07
CA VAL C 146 -13.65 -7.81 31.27
C VAL C 146 -14.61 -8.87 31.80
N GLN C 147 -14.37 -9.33 33.04
CA GLN C 147 -15.24 -10.31 33.70
C GLN C 147 -15.90 -9.68 34.93
N TRP C 148 -17.21 -9.83 35.03
CA TRP C 148 -17.96 -9.33 36.18
C TRP C 148 -18.16 -10.42 37.24
N LYS C 149 -17.83 -10.09 38.49
CA LYS C 149 -18.00 -11.00 39.62
C LYS C 149 -18.84 -10.33 40.70
N VAL C 150 -19.97 -10.97 41.06
CA VAL C 150 -20.91 -10.50 42.09
C VAL C 150 -20.82 -11.52 43.26
N ASP C 151 -20.17 -11.12 44.38
CA ASP C 151 -19.89 -11.98 45.56
C ASP C 151 -19.01 -13.16 45.11
N ASN C 152 -18.00 -12.88 44.26
CA ASN C 152 -17.07 -13.83 43.66
C ASN C 152 -17.72 -14.85 42.69
N ALA C 153 -18.97 -14.61 42.29
CA ALA C 153 -19.64 -15.49 41.33
C ALA C 153 -19.55 -14.83 39.93
N LEU C 154 -19.00 -15.58 38.96
CA LEU C 154 -18.83 -15.15 37.59
C LEU C 154 -20.15 -14.86 36.90
N GLN C 155 -20.26 -13.66 36.29
CA GLN C 155 -21.47 -13.26 35.60
C GLN C 155 -21.41 -13.58 34.11
N SER C 156 -22.56 -13.85 33.52
CA SER C 156 -22.69 -14.09 32.09
C SER C 156 -24.05 -13.66 31.62
N GLY C 157 -24.10 -13.13 30.40
CA GLY C 157 -25.33 -12.68 29.75
C GLY C 157 -26.00 -11.45 30.35
N ASN C 158 -25.36 -10.78 31.32
CA ASN C 158 -25.95 -9.60 31.96
C ASN C 158 -25.09 -8.32 31.80
N SER C 159 -24.11 -8.36 30.87
CA SER C 159 -23.22 -7.23 30.58
C SER C 159 -23.14 -6.94 29.09
N GLN C 160 -22.76 -5.68 28.74
CA GLN C 160 -22.54 -5.20 27.38
C GLN C 160 -21.32 -4.30 27.39
N GLU C 161 -20.48 -4.40 26.35
CA GLU C 161 -19.24 -3.65 26.16
C GLU C 161 -19.39 -2.65 25.01
N SER C 162 -18.57 -1.60 25.04
CA SER C 162 -18.49 -0.58 24.00
C SER C 162 -17.08 -0.08 24.05
N VAL C 163 -16.43 0.00 22.88
CA VAL C 163 -15.01 0.40 22.78
C VAL C 163 -14.95 1.64 21.91
N THR C 164 -14.10 2.61 22.27
CA THR C 164 -13.96 3.81 21.45
C THR C 164 -13.08 3.50 20.22
N GLU C 165 -13.07 4.42 19.26
CA GLU C 165 -12.13 4.27 18.15
C GLU C 165 -10.79 4.74 18.68
N GLN C 166 -9.70 4.40 18.01
CA GLN C 166 -8.37 4.82 18.40
C GLN C 166 -8.25 6.34 18.60
N ASP C 167 -7.72 6.73 19.76
CA ASP C 167 -7.57 8.14 20.16
C ASP C 167 -6.63 8.86 19.26
N SER C 168 -7.04 10.06 18.83
CA SER C 168 -6.33 10.92 17.89
C SER C 168 -5.05 11.57 18.44
N LYS C 169 -4.81 11.46 19.75
CA LYS C 169 -3.63 12.05 20.37
C LYS C 169 -2.67 10.98 20.88
N ASP C 170 -3.17 9.97 21.61
CA ASP C 170 -2.30 8.94 22.19
C ASP C 170 -2.39 7.54 21.53
N SER C 171 -3.29 7.36 20.52
CA SER C 171 -3.45 6.07 19.80
C SER C 171 -3.89 4.87 20.67
N THR C 172 -4.64 5.17 21.75
CA THR C 172 -5.16 4.15 22.66
C THR C 172 -6.65 3.98 22.44
N TYR C 173 -7.20 2.95 23.06
CA TYR C 173 -8.63 2.66 23.04
C TYR C 173 -9.12 2.80 24.48
N SER C 174 -10.42 3.00 24.64
CA SER C 174 -11.07 3.02 25.95
C SER C 174 -12.31 2.12 25.85
N LEU C 175 -12.67 1.46 26.95
CA LEU C 175 -13.79 0.53 26.96
C LEU C 175 -14.67 0.76 28.18
N SER C 176 -15.97 0.59 27.98
CA SER C 176 -16.91 0.64 29.07
C SER C 176 -17.64 -0.68 29.07
N SER C 177 -17.74 -1.34 30.25
CA SER C 177 -18.53 -2.57 30.41
C SER C 177 -19.64 -2.25 31.40
N THR C 178 -20.88 -2.57 31.02
CA THR C 178 -22.04 -2.30 31.82
C THR C 178 -22.80 -3.56 32.25
N LEU C 179 -22.76 -3.84 33.56
CA LEU C 179 -23.47 -4.93 34.23
C LEU C 179 -24.85 -4.40 34.65
N THR C 180 -25.93 -5.00 34.11
CA THR C 180 -27.29 -4.57 34.43
C THR C 180 -28.05 -5.64 35.23
N LEU C 181 -28.59 -5.20 36.40
CA LEU C 181 -29.34 -6.03 37.35
C LEU C 181 -30.61 -5.33 37.78
N SER C 182 -31.61 -6.11 38.27
CA SER C 182 -32.82 -5.53 38.88
C SER C 182 -32.38 -4.99 40.25
N LYS C 183 -33.12 -4.02 40.80
CA LYS C 183 -32.85 -3.43 42.14
C LYS C 183 -32.80 -4.57 43.20
N ALA C 184 -33.80 -5.48 43.14
CA ALA C 184 -33.93 -6.65 44.03
C ALA C 184 -32.66 -7.51 44.01
N ASP C 185 -32.19 -7.90 42.81
CA ASP C 185 -30.99 -8.72 42.63
C ASP C 185 -29.76 -7.95 43.11
N TYR C 186 -29.72 -6.64 42.83
CA TYR C 186 -28.62 -5.78 43.23
C TYR C 186 -28.45 -5.70 44.76
N GLU C 187 -29.55 -5.44 45.49
CA GLU C 187 -29.53 -5.33 46.95
C GLU C 187 -29.27 -6.67 47.69
N LYS C 188 -29.58 -7.81 47.06
CA LYS C 188 -29.32 -9.12 47.68
C LYS C 188 -27.86 -9.59 47.65
N HIS C 189 -26.95 -8.75 47.09
CA HIS C 189 -25.51 -9.06 47.03
C HIS C 189 -24.61 -7.94 47.55
N LYS C 190 -23.37 -8.26 48.00
CA LYS C 190 -22.46 -7.28 48.61
C LYS C 190 -21.31 -6.78 47.73
N VAL C 191 -20.45 -7.71 47.24
CA VAL C 191 -19.24 -7.41 46.46
C VAL C 191 -19.51 -7.36 44.96
N TYR C 192 -19.19 -6.19 44.36
CA TYR C 192 -19.30 -5.94 42.93
C TYR C 192 -17.94 -5.67 42.39
N ALA C 193 -17.46 -6.56 41.51
CA ALA C 193 -16.11 -6.46 40.94
C ALA C 193 -16.03 -6.70 39.45
N CYS C 194 -15.14 -5.97 38.79
CA CYS C 194 -14.84 -6.19 37.38
C CYS C 194 -13.37 -6.52 37.31
N GLU C 195 -13.09 -7.69 36.71
CA GLU C 195 -11.75 -8.25 36.54
C GLU C 195 -11.33 -7.95 35.11
N VAL C 196 -10.17 -7.30 34.97
CA VAL C 196 -9.62 -6.86 33.68
C VAL C 196 -8.33 -7.59 33.32
N THR C 197 -8.37 -8.27 32.17
CA THR C 197 -7.21 -8.95 31.59
C THR C 197 -6.79 -8.21 30.29
N HIS C 198 -5.54 -7.78 30.26
CA HIS C 198 -4.90 -7.09 29.14
C HIS C 198 -3.40 -7.45 29.07
N GLN C 199 -2.81 -7.36 27.85
CA GLN C 199 -1.40 -7.63 27.55
C GLN C 199 -0.40 -6.81 28.40
N GLY C 200 -0.77 -5.56 28.71
CA GLY C 200 0.07 -4.66 29.49
C GLY C 200 0.02 -4.88 30.97
N LEU C 201 -0.89 -5.79 31.44
CA LEU C 201 -1.05 -6.13 32.85
C LEU C 201 -0.41 -7.50 33.11
N SER C 202 0.63 -7.53 34.00
CA SER C 202 1.35 -8.74 34.44
C SER C 202 0.40 -9.80 35.01
N SER C 203 -0.65 -9.35 35.73
CA SER C 203 -1.70 -10.20 36.31
C SER C 203 -3.05 -9.46 36.20
N PRO C 204 -4.20 -10.18 36.09
CA PRO C 204 -5.49 -9.48 35.99
C PRO C 204 -5.81 -8.56 37.17
N VAL C 205 -6.18 -7.30 36.86
CA VAL C 205 -6.51 -6.22 37.79
C VAL C 205 -8.01 -6.24 38.06
N THR C 206 -8.38 -6.11 39.36
CA THR C 206 -9.77 -6.10 39.80
C THR C 206 -10.07 -4.78 40.50
N LYS C 207 -11.19 -4.17 40.12
CA LYS C 207 -11.71 -2.97 40.75
C LYS C 207 -13.03 -3.38 41.33
N SER C 208 -13.22 -3.13 42.63
CA SER C 208 -14.41 -3.55 43.35
C SER C 208 -14.94 -2.53 44.31
N PHE C 209 -16.21 -2.69 44.68
CA PHE C 209 -16.90 -1.87 45.67
C PHE C 209 -17.85 -2.73 46.47
N ASN C 210 -18.10 -2.36 47.73
CA ASN C 210 -19.07 -3.05 48.60
C ASN C 210 -20.34 -2.24 48.60
N ARG C 211 -21.46 -2.85 48.18
CA ARG C 211 -22.74 -2.17 48.09
C ARG C 211 -23.17 -1.49 49.40
N GLY C 212 -23.15 -0.15 49.40
CA GLY C 212 -23.49 0.68 50.56
C GLY C 212 -22.38 0.82 51.60
N GLU C 213 -21.17 1.18 51.15
CA GLU C 213 -20.00 1.35 52.02
C GLU C 213 -19.04 2.39 51.47
N GLU D 1 -19.89 33.17 4.85
CA GLU D 1 -19.32 31.82 4.77
C GLU D 1 -20.36 30.79 4.29
N VAL D 2 -19.93 29.79 3.50
CA VAL D 2 -20.80 28.73 2.99
C VAL D 2 -21.34 27.87 4.13
N GLN D 3 -22.65 27.63 4.15
CA GLN D 3 -23.25 26.71 5.10
C GLN D 3 -24.26 25.86 4.40
N LEU D 4 -24.38 24.60 4.86
CA LEU D 4 -25.36 23.62 4.39
C LEU D 4 -25.95 23.01 5.65
N VAL D 5 -27.22 23.33 5.93
CA VAL D 5 -27.91 22.88 7.14
C VAL D 5 -29.00 21.92 6.78
N GLN D 6 -28.88 20.71 7.27
CA GLN D 6 -29.84 19.68 6.97
C GLN D 6 -30.84 19.55 8.09
N SER D 7 -32.01 18.98 7.77
CA SER D 7 -33.10 18.76 8.72
C SER D 7 -32.69 17.67 9.73
N GLY D 8 -33.32 17.66 10.90
CA GLY D 8 -32.99 16.76 12.01
C GLY D 8 -33.22 15.28 11.82
N PRO D 9 -32.79 14.46 12.80
CA PRO D 9 -33.00 13.00 12.69
C PRO D 9 -34.46 12.63 12.57
N GLU D 10 -34.74 11.56 11.82
CA GLU D 10 -36.10 11.09 11.56
C GLU D 10 -36.24 9.65 11.96
N LEU D 11 -37.45 9.29 12.39
CA LEU D 11 -37.84 7.92 12.70
C LEU D 11 -39.10 7.70 11.87
N LYS D 12 -39.09 6.68 11.04
CA LYS D 12 -40.20 6.38 10.14
C LYS D 12 -40.48 4.92 10.18
N LYS D 13 -41.74 4.54 9.91
CA LYS D 13 -42.12 3.12 9.91
C LYS D 13 -41.88 2.54 8.53
N PRO D 14 -41.66 1.21 8.40
CA PRO D 14 -41.49 0.62 7.06
C PRO D 14 -42.71 0.89 6.15
N GLY D 15 -42.45 1.15 4.87
CA GLY D 15 -43.51 1.44 3.89
C GLY D 15 -43.79 2.91 3.73
N ALA D 16 -43.47 3.72 4.76
CA ALA D 16 -43.63 5.18 4.73
C ALA D 16 -42.63 5.87 3.74
N SER D 17 -42.70 7.20 3.68
CA SER D 17 -41.85 8.09 2.90
C SER D 17 -41.24 9.12 3.84
N VAL D 18 -40.09 9.68 3.45
CA VAL D 18 -39.39 10.71 4.20
C VAL D 18 -38.84 11.73 3.21
N LYS D 19 -38.82 12.99 3.60
CA LYS D 19 -38.25 14.06 2.79
C LYS D 19 -37.31 14.79 3.68
N VAL D 20 -36.00 14.71 3.36
CA VAL D 20 -34.88 15.33 4.08
C VAL D 20 -34.52 16.60 3.31
N SER D 21 -34.23 17.70 4.02
CA SER D 21 -33.91 18.96 3.39
C SER D 21 -32.48 19.36 3.62
N CYS D 22 -31.93 20.14 2.69
CA CYS D 22 -30.57 20.63 2.75
C CYS D 22 -30.57 22.10 2.34
N LYS D 23 -30.51 22.96 3.36
CA LYS D 23 -30.59 24.40 3.21
C LYS D 23 -29.23 25.03 3.05
N ALA D 24 -28.99 25.65 1.88
CA ALA D 24 -27.76 26.30 1.49
C ALA D 24 -27.76 27.81 1.79
N SER D 25 -26.59 28.37 2.11
CA SER D 25 -26.40 29.80 2.34
C SER D 25 -24.93 30.17 2.19
N GLY D 26 -24.68 31.45 1.93
CA GLY D 26 -23.34 31.96 1.79
C GLY D 26 -22.81 31.88 0.38
N TYR D 27 -23.67 31.46 -0.59
CA TYR D 27 -23.27 31.35 -1.99
C TYR D 27 -24.49 31.37 -2.91
N THR D 28 -24.31 31.63 -4.20
CA THR D 28 -25.39 31.57 -5.20
C THR D 28 -25.74 30.09 -5.43
N PHE D 29 -26.91 29.70 -4.94
CA PHE D 29 -27.40 28.33 -4.96
C PHE D 29 -27.35 27.63 -6.35
N THR D 30 -27.76 28.35 -7.42
CA THR D 30 -27.83 27.82 -8.78
C THR D 30 -26.50 27.75 -9.52
N ASN D 31 -25.42 28.24 -8.90
CA ASN D 31 -24.08 28.22 -9.44
C ASN D 31 -23.40 26.89 -9.23
N TYR D 32 -23.91 26.08 -8.29
CA TYR D 32 -23.34 24.79 -7.91
C TYR D 32 -24.43 23.76 -7.75
N GLY D 33 -24.24 22.56 -8.28
CA GLY D 33 -25.16 21.46 -8.07
C GLY D 33 -24.98 20.85 -6.68
N MET D 34 -25.74 19.82 -6.36
CA MET D 34 -25.70 19.20 -5.02
C MET D 34 -25.65 17.68 -5.15
N ASN D 35 -24.73 17.03 -4.44
CA ASN D 35 -24.67 15.56 -4.41
C ASN D 35 -25.35 15.09 -3.14
N TRP D 36 -25.86 13.86 -3.18
CA TRP D 36 -26.42 13.17 -2.04
C TRP D 36 -25.58 11.94 -1.80
N VAL D 37 -25.19 11.74 -0.56
CA VAL D 37 -24.31 10.63 -0.15
C VAL D 37 -24.96 9.91 1.02
N ARG D 38 -24.99 8.59 0.95
CA ARG D 38 -25.51 7.75 2.02
C ARG D 38 -24.35 7.07 2.82
N GLN D 39 -24.53 6.92 4.12
CA GLN D 39 -23.64 6.13 4.97
C GLN D 39 -24.48 5.29 5.95
N ALA D 40 -24.65 4.00 5.67
CA ALA D 40 -25.37 3.08 6.57
C ALA D 40 -24.47 2.87 7.81
N PRO D 41 -25.01 2.50 9.01
CA PRO D 41 -24.14 2.40 10.21
C PRO D 41 -22.98 1.43 10.10
N GLY D 42 -21.79 1.92 10.38
CA GLY D 42 -20.56 1.16 10.30
C GLY D 42 -20.11 0.80 8.89
N GLN D 43 -20.69 1.43 7.85
CA GLN D 43 -20.38 1.10 6.44
C GLN D 43 -19.68 2.26 5.76
N GLY D 44 -19.36 2.09 4.47
CA GLY D 44 -18.67 3.13 3.71
C GLY D 44 -19.60 4.17 3.10
N LEU D 45 -19.01 5.16 2.46
CA LEU D 45 -19.74 6.22 1.77
C LEU D 45 -20.30 5.68 0.42
N GLU D 46 -21.55 6.03 0.07
CA GLU D 46 -22.18 5.65 -1.19
C GLU D 46 -22.65 6.90 -1.86
N TRP D 47 -22.16 7.13 -3.10
CA TRP D 47 -22.57 8.30 -3.85
C TRP D 47 -23.96 7.99 -4.45
N MET D 48 -24.98 8.73 -4.02
CA MET D 48 -26.37 8.46 -4.43
C MET D 48 -26.74 9.07 -5.77
N GLY D 49 -26.31 10.29 -5.96
CA GLY D 49 -26.63 11.01 -7.17
C GLY D 49 -26.39 12.49 -7.05
N TRP D 50 -26.68 13.20 -8.13
CA TRP D 50 -26.55 14.63 -8.23
C TRP D 50 -27.86 15.26 -8.66
N ILE D 51 -28.08 16.49 -8.23
CA ILE D 51 -29.14 17.34 -8.72
C ILE D 51 -28.50 18.67 -9.20
N ASN D 52 -28.75 18.99 -10.46
CA ASN D 52 -28.34 20.27 -11.05
C ASN D 52 -29.31 21.34 -10.47
N THR D 53 -28.80 22.24 -9.63
CA THR D 53 -29.62 23.28 -9.00
C THR D 53 -30.11 24.37 -10.01
N TYR D 54 -29.42 24.49 -11.17
CA TYR D 54 -29.76 25.46 -12.20
C TYR D 54 -30.92 24.97 -13.09
N THR D 55 -30.83 23.72 -13.58
CA THR D 55 -31.81 23.20 -14.51
C THR D 55 -32.82 22.20 -13.91
N GLY D 56 -32.51 21.65 -12.74
CA GLY D 56 -33.35 20.64 -12.13
C GLY D 56 -33.04 19.21 -12.58
N GLU D 57 -32.15 19.02 -13.59
CA GLU D 57 -31.80 17.65 -14.00
C GLU D 57 -31.10 16.86 -12.90
N THR D 58 -31.36 15.55 -12.86
CA THR D 58 -30.84 14.67 -11.83
C THR D 58 -30.14 13.47 -12.46
N THR D 59 -29.11 12.96 -11.79
CA THR D 59 -28.40 11.73 -12.17
C THR D 59 -28.34 10.90 -10.92
N TYR D 60 -28.85 9.69 -10.97
CA TYR D 60 -28.81 8.76 -9.84
C TYR D 60 -27.82 7.66 -10.15
N ALA D 61 -27.08 7.22 -9.12
CA ALA D 61 -26.20 6.06 -9.21
C ALA D 61 -27.16 4.86 -9.30
N ASP D 62 -26.73 3.79 -10.02
CA ASP D 62 -27.51 2.56 -10.23
C ASP D 62 -28.27 2.06 -9.02
N ASP D 63 -27.59 1.92 -7.87
CA ASP D 63 -28.21 1.45 -6.63
C ASP D 63 -29.33 2.36 -6.09
N PHE D 64 -29.38 3.64 -6.54
CA PHE D 64 -30.39 4.60 -6.05
C PHE D 64 -31.49 4.92 -7.04
N LYS D 65 -31.63 4.12 -8.08
CA LYS D 65 -32.66 4.34 -9.09
C LYS D 65 -33.95 3.64 -8.65
N GLY D 66 -35.01 4.40 -8.48
CA GLY D 66 -36.29 3.85 -8.08
C GLY D 66 -37.02 4.59 -6.98
N ARG D 67 -36.65 4.32 -5.73
CA ARG D 67 -37.30 4.88 -4.54
C ARG D 67 -36.76 6.22 -4.07
N PHE D 68 -35.76 6.77 -4.75
CA PHE D 68 -35.05 8.00 -4.32
C PHE D 68 -35.25 9.12 -5.31
N VAL D 69 -35.68 10.30 -4.83
CA VAL D 69 -35.97 11.44 -5.72
C VAL D 69 -35.37 12.72 -5.20
N PHE D 70 -34.62 13.42 -6.04
CA PHE D 70 -34.08 14.73 -5.61
C PHE D 70 -35.00 15.79 -6.15
N SER D 71 -35.17 16.87 -5.40
CA SER D 71 -36.00 18.01 -5.84
C SER D 71 -35.44 19.28 -5.24
N LEU D 72 -35.93 20.43 -5.72
CA LEU D 72 -35.43 21.71 -5.23
C LEU D 72 -36.54 22.64 -4.87
N ASP D 73 -36.14 23.67 -4.14
CA ASP D 73 -36.89 24.87 -3.88
C ASP D 73 -35.86 26.00 -3.91
N THR D 74 -35.58 26.51 -5.12
CA THR D 74 -34.64 27.59 -5.38
C THR D 74 -34.92 28.91 -4.63
N SER D 75 -36.21 29.21 -4.36
CA SER D 75 -36.63 30.42 -3.64
C SER D 75 -36.17 30.41 -2.17
N VAL D 76 -36.00 29.23 -1.59
CA VAL D 76 -35.48 29.07 -0.23
C VAL D 76 -34.07 28.38 -0.27
N SER D 77 -33.41 28.40 -1.46
CA SER D 77 -32.09 27.81 -1.72
C SER D 77 -31.92 26.43 -1.02
N THR D 78 -32.91 25.56 -1.20
CA THR D 78 -32.97 24.24 -0.54
C THR D 78 -33.10 23.09 -1.53
N ALA D 79 -32.33 21.98 -1.26
CA ALA D 79 -32.37 20.70 -2.01
C ALA D 79 -33.02 19.70 -1.08
N TYR D 80 -33.84 18.82 -1.63
CA TYR D 80 -34.54 17.79 -0.85
C TYR D 80 -34.21 16.42 -1.38
N LEU D 81 -34.29 15.43 -0.49
CA LEU D 81 -34.11 14.04 -0.86
C LEU D 81 -35.33 13.38 -0.33
N GLN D 82 -36.07 12.73 -1.21
CA GLN D 82 -37.24 12.01 -0.76
C GLN D 82 -37.04 10.55 -1.00
N ILE D 83 -37.25 9.72 0.05
CA ILE D 83 -37.15 8.27 -0.04
C ILE D 83 -38.55 7.68 0.17
N SER D 84 -38.96 6.82 -0.75
CA SER D 84 -40.27 6.16 -0.74
C SER D 84 -40.15 4.68 -0.41
N SER D 85 -41.28 4.08 0.07
CA SER D 85 -41.38 2.66 0.46
C SER D 85 -40.20 2.23 1.35
N LEU D 86 -39.96 3.03 2.40
CA LEU D 86 -38.92 2.86 3.39
C LEU D 86 -38.79 1.42 3.87
N LYS D 87 -37.53 0.90 3.83
CA LYS D 87 -37.13 -0.43 4.26
C LYS D 87 -36.20 -0.23 5.47
N ALA D 88 -36.06 -1.23 6.34
CA ALA D 88 -35.18 -1.17 7.52
C ALA D 88 -33.72 -0.87 7.09
N GLU D 89 -33.33 -1.38 5.91
CA GLU D 89 -32.00 -1.22 5.28
C GLU D 89 -31.70 0.21 4.84
N ASP D 90 -32.76 1.08 4.75
CA ASP D 90 -32.60 2.50 4.41
C ASP D 90 -32.09 3.28 5.63
N THR D 91 -31.99 2.62 6.82
CA THR D 91 -31.48 3.25 8.05
C THR D 91 -30.04 3.64 7.80
N ALA D 92 -29.81 4.95 7.68
CA ALA D 92 -28.51 5.51 7.34
C ALA D 92 -28.49 6.99 7.57
N VAL D 93 -27.25 7.56 7.56
CA VAL D 93 -27.02 9.00 7.56
C VAL D 93 -27.02 9.37 6.07
N TYR D 94 -27.71 10.46 5.72
CA TYR D 94 -27.77 10.99 4.35
C TYR D 94 -27.17 12.35 4.40
N TYR D 95 -26.18 12.60 3.57
CA TYR D 95 -25.49 13.89 3.51
C TYR D 95 -25.76 14.57 2.20
N CYS D 96 -25.70 15.90 2.21
CA CYS D 96 -25.73 16.66 0.97
C CYS D 96 -24.34 17.24 0.91
N GLU D 97 -23.80 17.36 -0.30
CA GLU D 97 -22.51 17.92 -0.50
C GLU D 97 -22.62 18.89 -1.65
N ARG D 98 -22.14 20.13 -1.46
CA ARG D 98 -22.14 21.08 -2.57
C ARG D 98 -21.08 20.64 -3.56
N GLU D 99 -21.47 20.58 -4.86
CA GLU D 99 -20.56 20.16 -5.93
C GLU D 99 -19.77 21.29 -6.53
N GLY D 100 -18.47 21.33 -6.23
CA GLY D 100 -17.53 22.30 -6.78
C GLY D 100 -17.08 23.35 -5.78
N GLY D 101 -15.99 24.06 -6.10
CA GLY D 101 -15.35 25.05 -5.24
C GLY D 101 -14.85 24.42 -3.95
N VAL D 102 -14.60 25.26 -2.92
CA VAL D 102 -14.21 24.85 -1.57
C VAL D 102 -15.26 23.85 -1.14
N ASN D 103 -14.80 22.66 -0.78
CA ASN D 103 -15.65 21.54 -0.47
C ASN D 103 -16.47 21.70 0.80
N ASN D 104 -17.80 21.71 0.61
CA ASN D 104 -18.76 21.86 1.70
C ASN D 104 -19.80 20.77 1.74
N TRP D 105 -20.07 20.27 2.97
CA TRP D 105 -21.02 19.22 3.28
C TRP D 105 -22.01 19.71 4.33
N GLY D 106 -23.22 19.15 4.27
CA GLY D 106 -24.21 19.32 5.32
C GLY D 106 -23.78 18.43 6.49
N GLN D 107 -24.44 18.54 7.63
CA GLN D 107 -24.04 17.78 8.82
C GLN D 107 -24.52 16.34 8.86
N GLY D 108 -25.38 15.97 7.92
CA GLY D 108 -25.96 14.65 7.85
C GLY D 108 -27.30 14.59 8.55
N THR D 109 -28.17 13.73 8.06
CA THR D 109 -29.48 13.45 8.62
C THR D 109 -29.54 11.96 8.83
N LEU D 110 -29.69 11.49 10.07
CA LEU D 110 -29.88 10.07 10.31
C LEU D 110 -31.37 9.77 10.22
N VAL D 111 -31.74 8.85 9.35
CA VAL D 111 -33.11 8.37 9.17
C VAL D 111 -33.11 6.92 9.67
N THR D 112 -33.97 6.61 10.65
CA THR D 112 -34.12 5.26 11.20
C THR D 112 -35.47 4.72 10.73
N VAL D 113 -35.47 3.52 10.17
CA VAL D 113 -36.69 2.87 9.72
C VAL D 113 -37.00 1.70 10.67
N SER D 114 -38.03 1.88 11.52
CA SER D 114 -38.45 0.94 12.55
C SER D 114 -39.93 1.09 12.92
N SER D 115 -40.58 -0.04 13.32
CA SER D 115 -41.97 -0.06 13.80
C SER D 115 -42.03 0.51 15.23
N ALA D 116 -40.88 0.48 15.96
CA ALA D 116 -40.71 0.98 17.32
C ALA D 116 -40.95 2.47 17.42
N SER D 117 -41.29 2.94 18.64
CA SER D 117 -41.62 4.33 18.95
C SER D 117 -40.47 5.08 19.58
N THR D 118 -40.52 6.41 19.53
CA THR D 118 -39.52 7.26 20.12
C THR D 118 -39.53 7.18 21.66
N LYS D 119 -38.34 7.28 22.27
CA LYS D 119 -38.15 7.28 23.70
C LYS D 119 -36.95 8.12 24.06
N GLY D 120 -37.14 9.07 24.95
CA GLY D 120 -36.07 9.93 25.44
C GLY D 120 -35.23 9.20 26.47
N PRO D 121 -33.96 9.56 26.63
CA PRO D 121 -33.13 8.87 27.62
C PRO D 121 -33.28 9.36 29.07
N SER D 122 -32.77 8.56 29.99
CA SER D 122 -32.66 8.88 31.40
C SER D 122 -31.17 9.11 31.58
N VAL D 123 -30.76 10.18 32.26
CA VAL D 123 -29.33 10.52 32.44
C VAL D 123 -28.93 10.39 33.92
N PHE D 124 -28.09 9.39 34.23
CA PHE D 124 -27.62 9.12 35.58
C PHE D 124 -26.16 9.50 35.72
N PRO D 125 -25.73 10.08 36.86
CA PRO D 125 -24.32 10.43 36.99
C PRO D 125 -23.44 9.20 37.24
N LEU D 126 -22.16 9.28 36.85
CA LEU D 126 -21.17 8.26 37.12
C LEU D 126 -20.20 9.03 37.99
N ALA D 127 -20.53 9.06 39.29
CA ALA D 127 -19.86 9.85 40.30
C ALA D 127 -18.40 9.50 40.52
N PRO D 128 -17.52 10.52 40.65
CA PRO D 128 -16.09 10.22 40.92
C PRO D 128 -15.90 9.68 42.34
N SER D 129 -14.92 8.78 42.55
CA SER D 129 -14.66 8.18 43.85
C SER D 129 -13.17 8.06 44.24
N SER D 130 -12.89 7.43 45.43
CA SER D 130 -11.56 7.22 46.03
C SER D 130 -10.62 6.47 45.09
N GLY D 136 -2.96 13.05 41.51
CA GLY D 136 -3.99 12.10 41.13
C GLY D 136 -4.89 12.52 39.98
N THR D 137 -5.54 11.51 39.35
CA THR D 137 -6.47 11.65 38.22
C THR D 137 -7.76 10.95 38.60
N ALA D 138 -8.90 11.63 38.41
CA ALA D 138 -10.22 11.07 38.74
C ALA D 138 -11.03 10.88 37.46
N ALA D 139 -11.95 9.89 37.48
CA ALA D 139 -12.83 9.63 36.35
C ALA D 139 -14.26 9.84 36.78
N LEU D 140 -15.03 10.47 35.91
CA LEU D 140 -16.45 10.71 36.14
C LEU D 140 -17.16 10.69 34.79
N GLY D 141 -18.46 10.52 34.80
CA GLY D 141 -19.23 10.48 33.57
C GLY D 141 -20.72 10.57 33.78
N CYS D 142 -21.46 10.25 32.72
CA CYS D 142 -22.92 10.22 32.67
C CYS D 142 -23.29 8.98 31.92
N LEU D 143 -24.39 8.36 32.33
CA LEU D 143 -24.94 7.18 31.68
C LEU D 143 -26.26 7.60 31.06
N VAL D 144 -26.31 7.57 29.72
CA VAL D 144 -27.45 7.97 28.91
C VAL D 144 -28.14 6.66 28.53
N LYS D 145 -29.11 6.24 29.36
CA LYS D 145 -29.79 4.95 29.23
C LYS D 145 -31.20 5.02 28.66
N ASP D 146 -31.61 3.95 27.99
CA ASP D 146 -32.93 3.67 27.45
C ASP D 146 -33.52 4.69 26.49
N TYR D 147 -32.94 4.79 25.28
CA TYR D 147 -33.46 5.69 24.27
C TYR D 147 -33.65 5.03 22.90
N PHE D 148 -34.51 5.62 22.06
CA PHE D 148 -34.79 5.19 20.70
C PHE D 148 -35.35 6.36 19.87
N PRO D 149 -34.89 6.57 18.61
CA PRO D 149 -33.82 5.85 17.90
C PRO D 149 -32.49 6.54 18.19
N GLU D 150 -31.47 6.23 17.39
CA GLU D 150 -30.22 6.99 17.44
C GLU D 150 -30.55 8.33 16.71
N PRO D 151 -29.83 9.44 16.97
CA PRO D 151 -28.63 9.60 17.79
C PRO D 151 -28.83 10.44 19.05
N VAL D 152 -27.78 10.50 19.89
CA VAL D 152 -27.67 11.40 21.02
C VAL D 152 -26.35 12.12 20.93
N THR D 153 -26.30 13.34 21.42
CA THR D 153 -25.08 14.13 21.49
C THR D 153 -24.79 14.38 22.96
N VAL D 154 -23.52 14.34 23.33
CA VAL D 154 -23.06 14.59 24.69
C VAL D 154 -21.90 15.56 24.66
N SER D 155 -22.01 16.65 25.44
CA SER D 155 -20.92 17.62 25.63
C SER D 155 -20.67 17.79 27.14
N TRP D 156 -19.52 18.36 27.49
CA TRP D 156 -19.17 18.57 28.88
C TRP D 156 -18.90 20.05 29.11
N ASN D 157 -19.64 20.66 30.08
CA ASN D 157 -19.57 22.08 30.44
C ASN D 157 -19.82 22.95 29.21
N SER D 158 -20.93 22.69 28.50
CA SER D 158 -21.37 23.39 27.29
C SER D 158 -20.34 23.41 26.14
N GLY D 159 -19.53 22.35 26.08
CA GLY D 159 -18.48 22.21 25.08
C GLY D 159 -17.15 22.81 25.50
N ALA D 160 -17.07 23.35 26.72
CA ALA D 160 -15.83 23.93 27.27
C ALA D 160 -14.84 22.84 27.68
N LEU D 161 -15.33 21.63 28.04
CA LEU D 161 -14.47 20.52 28.46
C LEU D 161 -14.44 19.47 27.35
N THR D 162 -13.26 19.31 26.69
CA THR D 162 -13.08 18.36 25.58
C THR D 162 -11.97 17.36 25.84
N SER D 163 -10.90 17.80 26.52
CA SER D 163 -9.75 16.98 26.87
C SER D 163 -10.12 15.87 27.86
N GLY D 164 -9.75 14.63 27.49
CA GLY D 164 -10.03 13.44 28.29
C GLY D 164 -11.43 12.91 28.17
N VAL D 165 -12.27 13.53 27.32
CA VAL D 165 -13.66 13.09 27.11
C VAL D 165 -13.71 11.87 26.20
N HIS D 166 -14.41 10.81 26.62
CA HIS D 166 -14.62 9.59 25.86
C HIS D 166 -16.10 9.27 25.89
N THR D 167 -16.79 9.57 24.79
CA THR D 167 -18.20 9.25 24.64
C THR D 167 -18.22 7.98 23.86
N PHE D 168 -18.72 6.92 24.48
CA PHE D 168 -18.75 5.60 23.91
C PHE D 168 -19.81 5.43 22.84
N PRO D 169 -19.56 4.57 21.83
CA PRO D 169 -20.61 4.27 20.84
C PRO D 169 -21.78 3.64 21.55
N ALA D 170 -23.02 3.97 21.12
CA ALA D 170 -24.21 3.41 21.72
C ALA D 170 -24.27 1.90 21.47
N VAL D 171 -24.81 1.14 22.42
CA VAL D 171 -25.03 -0.28 22.32
C VAL D 171 -26.56 -0.51 22.38
N LEU D 172 -27.07 -1.42 21.55
CA LEU D 172 -28.48 -1.74 21.56
C LEU D 172 -28.67 -2.85 22.60
N GLN D 173 -29.49 -2.56 23.62
CA GLN D 173 -29.82 -3.49 24.70
C GLN D 173 -30.89 -4.45 24.22
N SER D 174 -31.10 -5.55 24.97
CA SER D 174 -32.09 -6.60 24.67
C SER D 174 -33.51 -6.02 24.56
N SER D 175 -33.76 -4.89 25.27
CA SER D 175 -35.04 -4.17 25.28
C SER D 175 -35.36 -3.49 23.95
N GLY D 176 -34.35 -3.38 23.07
CA GLY D 176 -34.48 -2.72 21.78
C GLY D 176 -34.29 -1.22 21.91
N LEU D 177 -33.69 -0.82 23.04
CA LEU D 177 -33.38 0.56 23.42
C LEU D 177 -31.88 0.68 23.50
N TYR D 178 -31.36 1.85 23.15
CA TYR D 178 -29.93 2.09 23.18
C TYR D 178 -29.48 2.59 24.53
N SER D 179 -28.19 2.54 24.80
CA SER D 179 -27.61 3.06 26.02
C SER D 179 -26.15 3.37 25.75
N LEU D 180 -25.65 4.47 26.29
CA LEU D 180 -24.25 4.82 26.21
C LEU D 180 -23.77 5.52 27.46
N SER D 181 -22.47 5.69 27.56
CA SER D 181 -21.78 6.38 28.63
C SER D 181 -20.81 7.33 27.99
N SER D 182 -20.60 8.46 28.63
CA SER D 182 -19.63 9.47 28.25
C SER D 182 -18.86 9.73 29.50
N VAL D 183 -17.57 9.57 29.44
CA VAL D 183 -16.70 9.74 30.61
C VAL D 183 -15.69 10.84 30.32
N VAL D 184 -15.09 11.34 31.39
CA VAL D 184 -14.02 12.33 31.34
C VAL D 184 -13.11 12.10 32.54
N THR D 185 -11.80 12.21 32.30
CA THR D 185 -10.81 12.11 33.34
C THR D 185 -10.30 13.53 33.60
N VAL D 186 -10.26 13.90 34.88
CA VAL D 186 -9.90 15.26 35.33
C VAL D 186 -8.93 15.17 36.52
N PRO D 187 -8.14 16.23 36.84
CA PRO D 187 -7.26 16.14 38.02
C PRO D 187 -8.11 15.96 39.29
N SER D 188 -7.66 15.09 40.21
CA SER D 188 -8.37 14.83 41.47
C SER D 188 -8.53 16.12 42.31
N SER D 189 -7.52 17.01 42.26
CA SER D 189 -7.47 18.31 42.93
C SER D 189 -8.67 19.21 42.56
N SER D 190 -9.14 19.10 41.31
CA SER D 190 -10.23 19.90 40.76
C SER D 190 -11.66 19.51 41.18
N LEU D 191 -11.84 18.32 41.78
CA LEU D 191 -13.18 17.83 42.14
C LEU D 191 -14.07 18.79 42.93
N GLY D 192 -13.51 19.39 43.98
CA GLY D 192 -14.22 20.36 44.82
C GLY D 192 -14.40 21.69 44.11
N THR D 193 -13.29 22.22 43.54
CA THR D 193 -13.19 23.49 42.82
C THR D 193 -14.08 23.57 41.55
N GLN D 194 -13.81 22.74 40.53
CA GLN D 194 -14.48 22.75 39.23
C GLN D 194 -15.82 22.03 39.19
N THR D 195 -16.77 22.62 38.46
CA THR D 195 -18.11 22.04 38.24
C THR D 195 -18.10 21.24 36.92
N TYR D 196 -18.75 20.05 36.93
CA TYR D 196 -18.82 19.15 35.78
C TYR D 196 -20.24 18.80 35.44
N ILE D 197 -20.71 19.31 34.29
CA ILE D 197 -22.06 19.06 33.79
C ILE D 197 -21.99 18.39 32.41
N CYS D 198 -22.79 17.35 32.20
CA CYS D 198 -22.90 16.70 30.91
C CYS D 198 -24.17 17.17 30.24
N ASN D 199 -24.04 17.65 29.00
CA ASN D 199 -25.16 18.18 28.23
C ASN D 199 -25.60 17.12 27.24
N VAL D 200 -26.80 16.57 27.43
CA VAL D 200 -27.33 15.48 26.62
C VAL D 200 -28.50 15.92 25.75
N ASN D 201 -28.39 15.68 24.44
CA ASN D 201 -29.48 16.03 23.52
C ASN D 201 -29.96 14.80 22.77
N HIS D 202 -31.27 14.58 22.77
CA HIS D 202 -31.91 13.51 22.01
C HIS D 202 -33.03 14.18 21.19
N LYS D 203 -32.66 14.71 20.02
CA LYS D 203 -33.55 15.41 19.09
C LYS D 203 -34.83 14.66 18.76
N PRO D 204 -34.83 13.33 18.46
CA PRO D 204 -36.10 12.66 18.12
C PRO D 204 -37.23 12.77 19.15
N SER D 205 -36.90 13.03 20.43
CA SER D 205 -37.87 13.18 21.51
C SER D 205 -37.78 14.56 22.18
N ASN D 206 -37.00 15.48 21.58
CA ASN D 206 -36.78 16.86 22.07
C ASN D 206 -36.21 16.91 23.48
N THR D 207 -35.60 15.79 23.97
CA THR D 207 -34.95 15.70 25.28
C THR D 207 -33.69 16.55 25.27
N LYS D 208 -33.52 17.38 26.30
CA LYS D 208 -32.36 18.23 26.54
C LYS D 208 -32.13 18.19 28.04
N VAL D 209 -31.11 17.45 28.48
CA VAL D 209 -30.80 17.24 29.90
C VAL D 209 -29.41 17.72 30.23
N ASP D 210 -29.29 18.56 31.25
CA ASP D 210 -27.99 18.99 31.77
C ASP D 210 -27.88 18.32 33.15
N LYS D 211 -26.78 17.60 33.37
CA LYS D 211 -26.62 16.84 34.60
C LYS D 211 -25.30 17.16 35.27
N LYS D 212 -25.36 17.66 36.51
CA LYS D 212 -24.17 17.94 37.29
C LYS D 212 -23.72 16.63 37.88
N VAL D 213 -22.40 16.36 37.78
CA VAL D 213 -21.80 15.13 38.29
C VAL D 213 -20.91 15.52 39.46
N GLU D 214 -21.23 15.00 40.64
CA GLU D 214 -20.47 15.35 41.85
C GLU D 214 -20.11 14.17 42.74
N PRO D 215 -19.01 14.26 43.52
CA PRO D 215 -18.64 13.15 44.42
C PRO D 215 -19.76 12.85 45.42
N LYS D 216 -20.08 11.56 45.63
CA LYS D 216 -21.14 11.13 46.54
C LYS D 216 -20.59 10.83 47.95
N SER D 217 -21.32 11.29 48.99
CA SER D 217 -21.01 11.12 50.43
C SER D 217 -21.07 9.64 50.85
N GLU E 1 20.06 -31.34 -8.06
CA GLU E 1 19.36 -30.19 -7.46
C GLU E 1 20.03 -29.72 -6.15
N VAL E 2 20.04 -28.40 -5.92
CA VAL E 2 20.60 -27.78 -4.72
C VAL E 2 19.82 -28.19 -3.48
N GLN E 3 20.53 -28.59 -2.42
CA GLN E 3 19.90 -28.88 -1.14
C GLN E 3 20.79 -28.36 -0.04
N LEU E 4 20.16 -27.90 1.04
CA LEU E 4 20.77 -27.42 2.27
C LEU E 4 20.02 -28.11 3.39
N VAL E 5 20.69 -29.03 4.08
CA VAL E 5 20.09 -29.82 5.16
C VAL E 5 20.74 -29.45 6.46
N GLN E 6 19.93 -28.94 7.37
CA GLN E 6 20.41 -28.49 8.66
C GLN E 6 20.18 -29.57 9.71
N SER E 7 20.94 -29.48 10.82
CA SER E 7 20.85 -30.40 11.95
C SER E 7 19.54 -30.18 12.70
N GLY E 8 19.14 -31.17 13.50
CA GLY E 8 17.88 -31.19 14.24
C GLY E 8 17.71 -30.19 15.37
N PRO E 9 16.49 -30.12 15.95
CA PRO E 9 16.24 -29.19 17.07
C PRO E 9 17.14 -29.43 18.28
N GLU E 10 17.46 -28.38 19.01
CA GLU E 10 18.31 -28.45 20.19
C GLU E 10 17.67 -27.81 21.37
N LEU E 11 18.01 -28.32 22.56
CA LEU E 11 17.63 -27.77 23.86
C LEU E 11 18.93 -27.61 24.60
N LYS E 12 19.17 -26.40 25.09
CA LYS E 12 20.41 -26.09 25.81
C LYS E 12 20.10 -25.26 27.01
N LYS E 13 20.91 -25.36 28.05
CA LYS E 13 20.69 -24.59 29.27
C LYS E 13 21.37 -23.22 29.12
N PRO E 14 20.91 -22.17 29.85
CA PRO E 14 21.61 -20.87 29.78
C PRO E 14 23.09 -20.98 30.16
N GLY E 15 23.96 -20.26 29.45
CA GLY E 15 25.39 -20.29 29.70
C GLY E 15 26.13 -21.27 28.81
N ALA E 16 25.42 -22.31 28.33
CA ALA E 16 25.99 -23.31 27.43
C ALA E 16 26.30 -22.75 26.01
N SER E 17 26.80 -23.62 25.12
CA SER E 17 27.13 -23.35 23.72
C SER E 17 26.40 -24.37 22.84
N VAL E 18 26.15 -24.01 21.58
CA VAL E 18 25.50 -24.87 20.60
C VAL E 18 26.18 -24.71 19.26
N LYS E 19 26.26 -25.79 18.49
CA LYS E 19 26.83 -25.74 17.16
C LYS E 19 25.82 -26.39 16.24
N VAL E 20 25.25 -25.59 15.32
CA VAL E 20 24.24 -25.98 14.34
C VAL E 20 24.97 -26.15 13.00
N SER E 21 24.63 -27.21 12.25
CA SER E 21 25.27 -27.48 10.97
C SER E 21 24.36 -27.26 9.80
N CYS E 22 24.94 -26.95 8.65
CA CYS E 22 24.23 -26.72 7.40
C CYS E 22 24.98 -27.44 6.28
N LYS E 23 24.47 -28.62 5.89
CA LYS E 23 25.08 -29.45 4.88
C LYS E 23 24.54 -29.14 3.49
N ALA E 24 25.46 -28.72 2.61
CA ALA E 24 25.17 -28.34 1.23
C ALA E 24 25.43 -29.45 0.26
N SER E 25 24.63 -29.51 -0.82
CA SER E 25 24.81 -30.48 -1.91
C SER E 25 24.15 -29.97 -3.18
N GLY E 26 24.60 -30.49 -4.32
CA GLY E 26 24.05 -30.14 -5.62
C GLY E 26 24.71 -28.94 -6.24
N TYR E 27 25.79 -28.43 -5.61
CA TYR E 27 26.57 -27.31 -6.14
C TYR E 27 27.98 -27.27 -5.52
N THR E 28 28.91 -26.54 -6.13
CA THR E 28 30.27 -26.38 -5.60
C THR E 28 30.19 -25.45 -4.40
N PHE E 29 30.37 -26.02 -3.23
CA PHE E 29 30.27 -25.32 -1.95
C PHE E 29 31.06 -24.01 -1.83
N THR E 30 32.31 -24.00 -2.33
CA THR E 30 33.23 -22.84 -2.23
C THR E 30 32.96 -21.76 -3.27
N ASN E 31 32.04 -21.99 -4.19
CA ASN E 31 31.67 -21.03 -5.23
C ASN E 31 30.64 -20.02 -4.72
N TYR E 32 29.99 -20.30 -3.58
CA TYR E 32 28.95 -19.46 -2.99
C TYR E 32 29.14 -19.38 -1.50
N GLY E 33 29.04 -18.18 -0.94
CA GLY E 33 29.09 -18.01 0.51
C GLY E 33 27.77 -18.43 1.13
N MET E 34 27.67 -18.29 2.45
CA MET E 34 26.49 -18.72 3.20
C MET E 34 26.08 -17.64 4.17
N ASN E 35 24.79 -17.32 4.20
CA ASN E 35 24.26 -16.36 5.20
C ASN E 35 23.59 -17.16 6.31
N TRP E 36 23.57 -16.59 7.49
CA TRP E 36 22.86 -17.11 8.64
C TRP E 36 21.76 -16.11 9.00
N VAL E 37 20.56 -16.61 9.17
CA VAL E 37 19.37 -15.81 9.48
C VAL E 37 18.69 -16.36 10.72
N ARG E 38 18.32 -15.49 11.64
CA ARG E 38 17.60 -15.84 12.84
C ARG E 38 16.09 -15.43 12.74
N GLN E 39 15.20 -16.25 13.29
CA GLN E 39 13.79 -15.91 13.45
C GLN E 39 13.33 -16.35 14.88
N ALA E 40 13.24 -15.42 15.81
CA ALA E 40 12.73 -15.68 17.16
C ALA E 40 11.21 -15.98 17.04
N PRO E 41 10.57 -16.73 17.99
CA PRO E 41 9.14 -17.09 17.81
C PRO E 41 8.20 -15.90 17.65
N GLY E 42 7.43 -15.94 16.56
CA GLY E 42 6.48 -14.91 16.20
C GLY E 42 7.10 -13.57 15.82
N GLN E 43 8.43 -13.53 15.54
CA GLN E 43 9.14 -12.28 15.18
C GLN E 43 9.56 -12.29 13.71
N GLY E 44 10.28 -11.25 13.30
CA GLY E 44 10.73 -11.11 11.92
C GLY E 44 12.08 -11.75 11.64
N LEU E 45 12.51 -11.71 10.38
CA LEU E 45 13.80 -12.26 9.96
C LEU E 45 14.94 -11.29 10.36
N GLU E 46 16.04 -11.83 10.91
CA GLU E 46 17.21 -11.02 11.26
C GLU E 46 18.41 -11.59 10.55
N TRP E 47 19.06 -10.77 9.72
CA TRP E 47 20.23 -11.21 8.97
C TRP E 47 21.41 -11.18 9.94
N MET E 48 21.96 -12.36 10.25
CA MET E 48 23.02 -12.47 11.26
C MET E 48 24.41 -12.17 10.74
N GLY E 49 24.69 -12.69 9.56
CA GLY E 49 25.98 -12.49 8.95
C GLY E 49 26.21 -13.41 7.79
N TRP E 50 27.41 -13.29 7.23
CA TRP E 50 27.87 -14.09 6.09
C TRP E 50 29.19 -14.76 6.41
N ILE E 51 29.41 -15.92 5.81
CA ILE E 51 30.69 -16.61 5.81
C ILE E 51 31.06 -16.88 4.35
N ASN E 52 32.24 -16.42 3.97
CA ASN E 52 32.82 -16.69 2.67
C ASN E 52 33.34 -18.15 2.73
N THR E 53 32.70 -19.06 1.99
CA THR E 53 33.08 -20.49 2.00
C THR E 53 34.46 -20.75 1.33
N TYR E 54 34.92 -19.83 0.47
CA TYR E 54 36.18 -19.94 -0.26
C TYR E 54 37.37 -19.50 0.60
N THR E 55 37.27 -18.35 1.27
CA THR E 55 38.38 -17.79 2.05
C THR E 55 38.25 -17.93 3.55
N GLY E 56 37.04 -18.20 4.05
CA GLY E 56 36.79 -18.29 5.49
C GLY E 56 36.48 -16.96 6.14
N GLU E 57 36.60 -15.82 5.40
CA GLU E 57 36.25 -14.51 6.01
C GLU E 57 34.75 -14.44 6.38
N THR E 58 34.46 -13.71 7.46
CA THR E 58 33.11 -13.60 7.99
C THR E 58 32.75 -12.14 8.19
N THR E 59 31.47 -11.79 8.02
CA THR E 59 30.92 -10.45 8.33
C THR E 59 29.69 -10.70 9.18
N TYR E 60 29.65 -10.10 10.36
CA TYR E 60 28.51 -10.20 11.26
C TYR E 60 27.77 -8.89 11.30
N ALA E 61 26.43 -8.94 11.36
CA ALA E 61 25.59 -7.76 11.56
C ALA E 61 25.87 -7.32 13.00
N ASP E 62 25.80 -6.00 13.29
CA ASP E 62 26.05 -5.41 14.62
C ASP E 62 25.45 -6.19 15.79
N ASP E 63 24.17 -6.56 15.72
CA ASP E 63 23.51 -7.33 16.81
C ASP E 63 24.09 -8.71 17.04
N PHE E 64 24.85 -9.26 16.07
CA PHE E 64 25.43 -10.62 16.19
C PHE E 64 26.94 -10.65 16.42
N LYS E 65 27.51 -9.53 16.81
CA LYS E 65 28.95 -9.43 17.08
C LYS E 65 29.20 -9.81 18.54
N GLY E 66 29.99 -10.85 18.73
CA GLY E 66 30.34 -11.29 20.07
C GLY E 66 30.26 -12.79 20.30
N ARG E 67 29.03 -13.27 20.55
CA ARG E 67 28.76 -14.68 20.91
C ARG E 67 28.52 -15.62 19.75
N PHE E 68 28.56 -15.11 18.52
CA PHE E 68 28.19 -15.91 17.33
C PHE E 68 29.41 -16.11 16.45
N VAL E 69 29.69 -17.37 16.04
CA VAL E 69 30.85 -17.66 15.22
C VAL E 69 30.47 -18.57 14.06
N PHE E 70 30.83 -18.16 12.84
CA PHE E 70 30.59 -19.04 11.71
C PHE E 70 31.88 -19.79 11.43
N SER E 71 31.79 -21.05 10.98
CA SER E 71 32.94 -21.86 10.64
C SER E 71 32.59 -22.81 9.52
N LEU E 72 33.60 -23.48 8.95
CA LEU E 72 33.36 -24.40 7.85
C LEU E 72 34.06 -25.72 8.02
N ASP E 73 33.63 -26.67 7.21
CA ASP E 73 34.25 -27.93 6.91
C ASP E 73 34.00 -28.20 5.44
N THR E 74 34.87 -27.64 4.59
CA THR E 74 34.84 -27.72 3.14
C THR E 74 34.86 -29.15 2.57
N SER E 75 35.54 -30.08 3.28
CA SER E 75 35.65 -31.51 2.89
C SER E 75 34.30 -32.23 2.92
N VAL E 76 33.40 -31.78 3.79
CA VAL E 76 32.05 -32.34 3.87
C VAL E 76 31.00 -31.27 3.45
N SER E 77 31.47 -30.20 2.76
CA SER E 77 30.65 -29.09 2.24
C SER E 77 29.61 -28.62 3.27
N THR E 78 30.07 -28.39 4.51
CA THR E 78 29.23 -28.00 5.64
C THR E 78 29.67 -26.68 6.28
N ALA E 79 28.67 -25.84 6.65
CA ALA E 79 28.81 -24.57 7.34
C ALA E 79 28.17 -24.70 8.72
N TYR E 80 28.83 -24.17 9.72
CA TYR E 80 28.38 -24.28 11.10
C TYR E 80 28.14 -22.93 11.71
N LEU E 81 27.22 -22.89 12.67
CA LEU E 81 26.95 -21.69 13.43
C LEU E 81 27.12 -22.10 14.84
N GLN E 82 28.01 -21.43 15.56
CA GLN E 82 28.19 -21.73 16.97
C GLN E 82 27.77 -20.53 17.76
N ILE E 83 26.92 -20.74 18.77
CA ILE E 83 26.46 -19.68 19.67
C ILE E 83 26.97 -20.00 21.05
N SER E 84 27.64 -19.01 21.69
CA SER E 84 28.22 -19.14 23.02
C SER E 84 27.45 -18.33 24.04
N SER E 85 27.59 -18.70 25.33
CA SER E 85 26.93 -18.05 26.48
C SER E 85 25.43 -17.84 26.23
N LEU E 86 24.77 -18.93 25.81
CA LEU E 86 23.36 -19.01 25.49
C LEU E 86 22.48 -18.31 26.51
N LYS E 87 21.59 -17.42 26.02
CA LYS E 87 20.59 -16.66 26.78
C LYS E 87 19.20 -17.19 26.35
N ALA E 88 18.17 -17.02 27.19
CA ALA E 88 16.79 -17.46 26.88
C ALA E 88 16.29 -16.80 25.57
N GLU E 89 16.74 -15.54 25.34
CA GLU E 89 16.43 -14.72 24.17
C GLU E 89 17.02 -15.27 22.86
N ASP E 90 18.01 -16.19 22.95
CA ASP E 90 18.59 -16.86 21.77
C ASP E 90 17.65 -17.94 21.23
N THR E 91 16.51 -18.20 21.94
CA THR E 91 15.52 -19.20 21.51
C THR E 91 14.94 -18.73 20.19
N ALA E 92 15.27 -19.43 19.11
CA ALA E 92 14.88 -19.04 17.77
C ALA E 92 15.18 -20.14 16.78
N VAL E 93 14.58 -20.03 15.58
CA VAL E 93 14.90 -20.84 14.41
C VAL E 93 16.09 -20.11 13.75
N TYR E 94 17.13 -20.88 13.38
CA TYR E 94 18.31 -20.38 12.71
C TYR E 94 18.34 -21.04 11.38
N TYR E 95 18.40 -20.24 10.32
CA TYR E 95 18.45 -20.74 8.95
C TYR E 95 19.80 -20.45 8.32
N CYS E 96 20.17 -21.28 7.36
CA CYS E 96 21.32 -20.99 6.53
C CYS E 96 20.71 -20.70 5.16
N GLU E 97 21.31 -19.79 4.43
CA GLU E 97 20.83 -19.44 3.11
C GLU E 97 22.05 -19.35 2.21
N ARG E 98 22.02 -20.04 1.07
CA ARG E 98 23.12 -19.97 0.13
C ARG E 98 23.06 -18.58 -0.54
N GLU E 99 24.22 -17.89 -0.58
CA GLU E 99 24.32 -16.56 -1.15
C GLU E 99 24.65 -16.55 -2.63
N GLY E 100 23.64 -16.21 -3.45
CA GLY E 100 23.78 -16.10 -4.90
C GLY E 100 23.10 -17.19 -5.67
N GLY E 101 22.92 -16.98 -6.97
CA GLY E 101 22.21 -17.91 -7.85
C GLY E 101 20.76 -18.10 -7.43
N VAL E 102 20.13 -19.19 -7.95
CA VAL E 102 18.79 -19.61 -7.59
C VAL E 102 18.77 -19.69 -6.07
N ASN E 103 17.84 -18.97 -5.46
CA ASN E 103 17.80 -18.82 -4.02
C ASN E 103 17.41 -20.08 -3.27
N ASN E 104 18.36 -20.55 -2.40
CA ASN E 104 18.18 -21.73 -1.59
C ASN E 104 18.44 -21.51 -0.12
N TRP E 105 17.56 -22.10 0.71
CA TRP E 105 17.60 -22.03 2.17
C TRP E 105 17.59 -23.43 2.76
N GLY E 106 18.16 -23.57 3.95
CA GLY E 106 18.06 -24.78 4.75
C GLY E 106 16.68 -24.78 5.37
N GLN E 107 16.26 -25.88 6.02
CA GLN E 107 14.91 -25.97 6.61
C GLN E 107 14.74 -25.29 7.96
N GLY E 108 15.84 -24.84 8.55
CA GLY E 108 15.85 -24.20 9.85
C GLY E 108 16.14 -25.18 10.96
N THR E 109 16.71 -24.69 12.04
CA THR E 109 17.03 -25.43 13.25
C THR E 109 16.48 -24.62 14.39
N LEU E 110 15.54 -25.19 15.16
CA LEU E 110 15.04 -24.49 16.34
C LEU E 110 15.93 -24.83 17.53
N VAL E 111 16.50 -23.82 18.16
CA VAL E 111 17.33 -23.93 19.36
C VAL E 111 16.53 -23.30 20.50
N THR E 112 16.25 -24.07 21.57
CA THR E 112 15.54 -23.57 22.75
C THR E 112 16.54 -23.45 23.89
N VAL E 113 16.54 -22.32 24.57
CA VAL E 113 17.42 -22.11 25.71
C VAL E 113 16.56 -22.07 26.98
N SER E 114 16.67 -23.13 27.80
CA SER E 114 15.88 -23.29 29.04
C SER E 114 16.57 -24.20 30.05
N SER E 115 16.33 -23.95 31.36
CA SER E 115 16.82 -24.76 32.48
C SER E 115 16.03 -26.06 32.56
N ALA E 116 14.79 -26.07 32.00
CA ALA E 116 13.90 -27.23 31.93
C ALA E 116 14.48 -28.37 31.12
N SER E 117 14.02 -29.61 31.38
CA SER E 117 14.51 -30.83 30.75
C SER E 117 13.61 -31.29 29.62
N THR E 118 14.16 -32.13 28.74
CA THR E 118 13.40 -32.71 27.63
C THR E 118 12.33 -33.66 28.14
N LYS E 119 11.16 -33.65 27.49
CA LYS E 119 10.04 -34.52 27.80
C LYS E 119 9.28 -34.83 26.54
N GLY E 120 9.09 -36.11 26.29
CA GLY E 120 8.32 -36.57 25.15
C GLY E 120 6.83 -36.39 25.41
N PRO E 121 6.01 -36.21 24.36
CA PRO E 121 4.58 -36.03 24.60
C PRO E 121 3.82 -37.33 24.89
N SER E 122 2.57 -37.16 25.36
CA SER E 122 1.60 -38.22 25.53
C SER E 122 0.58 -37.88 24.43
N VAL E 123 0.16 -38.89 23.65
CA VAL E 123 -0.76 -38.66 22.53
C VAL E 123 -2.11 -39.34 22.81
N PHE E 124 -3.15 -38.53 23.02
CA PHE E 124 -4.50 -39.00 23.31
C PHE E 124 -5.41 -38.79 22.12
N PRO E 125 -6.33 -39.72 21.81
CA PRO E 125 -7.21 -39.49 20.66
C PRO E 125 -8.31 -38.49 20.95
N LEU E 126 -8.81 -37.81 19.91
CA LEU E 126 -9.95 -36.90 19.99
C LEU E 126 -10.94 -37.58 19.09
N ALA E 127 -11.65 -38.54 19.67
CA ALA E 127 -12.57 -39.44 19.02
C ALA E 127 -13.74 -38.79 18.32
N PRO E 128 -14.07 -39.23 17.08
CA PRO E 128 -15.25 -38.66 16.40
C PRO E 128 -16.56 -39.12 17.06
N SER E 129 -17.58 -38.26 17.09
CA SER E 129 -18.89 -38.59 17.69
C SER E 129 -20.09 -38.04 16.91
N SER E 130 -21.33 -38.24 17.45
CA SER E 130 -22.60 -37.77 16.87
C SER E 130 -22.67 -36.23 16.85
N LYS E 131 -22.16 -35.58 17.95
CA LYS E 131 -22.07 -34.12 18.19
C LYS E 131 -20.73 -33.55 17.70
N SER E 132 -19.84 -34.43 17.19
CA SER E 132 -18.57 -34.10 16.53
C SER E 132 -18.78 -34.37 15.02
N THR E 133 -20.04 -34.09 14.55
CA THR E 133 -20.53 -34.26 13.19
C THR E 133 -21.18 -32.97 12.67
N SER E 134 -20.71 -32.51 11.49
CA SER E 134 -21.17 -31.33 10.74
C SER E 134 -22.05 -31.83 9.58
N GLY E 135 -23.20 -32.42 9.94
CA GLY E 135 -24.17 -33.00 9.03
C GLY E 135 -23.72 -34.37 8.54
N GLY E 136 -22.87 -34.36 7.52
CA GLY E 136 -22.28 -35.55 6.89
C GLY E 136 -20.76 -35.46 6.89
N THR E 137 -20.22 -34.61 7.78
CA THR E 137 -18.78 -34.36 7.99
C THR E 137 -18.49 -34.59 9.46
N ALA E 138 -17.45 -35.35 9.75
CA ALA E 138 -17.05 -35.66 11.12
C ALA E 138 -15.68 -35.06 11.44
N ALA E 139 -15.44 -34.73 12.71
CA ALA E 139 -14.17 -34.18 13.14
C ALA E 139 -13.52 -35.13 14.11
N LEU E 140 -12.22 -35.32 13.95
CA LEU E 140 -11.42 -36.15 14.84
C LEU E 140 -10.03 -35.56 14.91
N GLY E 141 -9.26 -35.96 15.92
CA GLY E 141 -7.92 -35.45 16.09
C GLY E 141 -7.12 -36.22 17.10
N CYS E 142 -5.98 -35.64 17.49
CA CYS E 142 -5.05 -36.14 18.48
C CYS E 142 -4.66 -34.98 19.33
N LEU E 143 -4.46 -35.21 20.63
CA LEU E 143 -4.01 -34.22 21.57
C LEU E 143 -2.60 -34.63 21.98
N VAL E 144 -1.63 -33.80 21.62
CA VAL E 144 -0.20 -34.00 21.87
C VAL E 144 0.10 -33.14 23.09
N LYS E 145 0.00 -33.75 24.27
CA LYS E 145 0.12 -33.08 25.57
C LYS E 145 1.43 -33.35 26.29
N ASP E 146 1.86 -32.35 27.07
CA ASP E 146 3.00 -32.36 27.98
C ASP E 146 4.35 -32.72 27.38
N TYR E 147 4.86 -31.87 26.49
CA TYR E 147 6.16 -32.07 25.88
C TYR E 147 7.00 -30.82 25.99
N PHE E 148 8.31 -30.99 25.96
CA PHE E 148 9.29 -29.92 26.02
C PHE E 148 10.61 -30.37 25.37
N PRO E 149 11.26 -29.51 24.53
CA PRO E 149 10.84 -28.18 24.09
C PRO E 149 10.04 -28.30 22.81
N GLU E 150 9.87 -27.19 22.10
CA GLU E 150 9.29 -27.25 20.76
C GLU E 150 10.45 -27.78 19.86
N PRO E 151 10.17 -28.41 18.70
CA PRO E 151 8.89 -28.60 18.02
C PRO E 151 8.41 -30.04 17.96
N VAL E 152 7.18 -30.20 17.49
CA VAL E 152 6.60 -31.50 17.19
C VAL E 152 6.04 -31.42 15.79
N THR E 153 6.07 -32.55 15.10
CA THR E 153 5.49 -32.67 13.76
C THR E 153 4.35 -33.64 13.87
N VAL E 154 3.27 -33.36 13.15
CA VAL E 154 2.09 -34.22 13.14
C VAL E 154 1.67 -34.43 11.71
N SER E 155 1.53 -35.70 11.31
CA SER E 155 1.01 -36.07 10.00
C SER E 155 -0.17 -37.04 10.19
N TRP E 156 -0.97 -37.22 9.15
CA TRP E 156 -2.13 -38.09 9.21
C TRP E 156 -2.01 -39.15 8.14
N ASN E 157 -2.06 -40.44 8.54
CA ASN E 157 -1.93 -41.62 7.67
C ASN E 157 -0.63 -41.56 6.86
N SER E 158 0.52 -41.38 7.57
CA SER E 158 1.87 -41.27 7.02
C SER E 158 2.05 -40.17 5.95
N GLY E 159 1.26 -39.10 6.07
CA GLY E 159 1.28 -37.97 5.14
C GLY E 159 0.33 -38.13 3.98
N ALA E 160 -0.45 -39.23 3.95
CA ALA E 160 -1.44 -39.48 2.89
C ALA E 160 -2.68 -38.59 3.07
N LEU E 161 -2.99 -38.19 4.32
CA LEU E 161 -4.16 -37.34 4.60
C LEU E 161 -3.68 -35.92 4.95
N THR E 162 -3.97 -34.95 4.06
CA THR E 162 -3.55 -33.54 4.24
C THR E 162 -4.74 -32.57 4.22
N SER E 163 -5.76 -32.87 3.40
CA SER E 163 -6.96 -32.07 3.26
C SER E 163 -7.80 -32.07 4.57
N GLY E 164 -8.16 -30.88 5.02
CA GLY E 164 -8.93 -30.66 6.24
C GLY E 164 -8.14 -30.75 7.51
N VAL E 165 -6.80 -30.96 7.41
CA VAL E 165 -5.92 -31.06 8.58
C VAL E 165 -5.62 -29.68 9.14
N HIS E 166 -5.81 -29.49 10.45
CA HIS E 166 -5.51 -28.26 11.16
C HIS E 166 -4.70 -28.64 12.38
N THR E 167 -3.39 -28.41 12.32
CA THR E 167 -2.52 -28.68 13.45
C THR E 167 -2.32 -27.32 14.09
N PHE E 168 -2.79 -27.17 15.31
CA PHE E 168 -2.76 -25.91 16.03
C PHE E 168 -1.40 -25.54 16.54
N PRO E 169 -1.07 -24.23 16.61
CA PRO E 169 0.21 -23.83 17.20
C PRO E 169 0.23 -24.27 18.67
N ALA E 170 1.38 -24.72 19.15
CA ALA E 170 1.54 -25.17 20.53
C ALA E 170 1.37 -24.03 21.48
N VAL E 171 0.80 -24.30 22.65
CA VAL E 171 0.64 -23.31 23.71
C VAL E 171 1.38 -23.82 24.93
N LEU E 172 2.05 -22.93 25.64
CA LEU E 172 2.79 -23.28 26.84
C LEU E 172 1.80 -23.24 28.02
N GLN E 173 1.66 -24.39 28.69
CA GLN E 173 0.80 -24.57 29.86
C GLN E 173 1.51 -24.03 31.09
N SER E 174 0.75 -23.87 32.20
CA SER E 174 1.26 -23.39 33.50
C SER E 174 2.40 -24.25 34.03
N SER E 175 2.40 -25.54 33.66
CA SER E 175 3.40 -26.54 34.03
C SER E 175 4.78 -26.28 33.40
N GLY E 176 4.80 -25.40 32.38
CA GLY E 176 6.01 -25.08 31.63
C GLY E 176 6.24 -26.11 30.54
N LEU E 177 5.18 -26.84 30.16
CA LEU E 177 5.22 -27.86 29.10
C LEU E 177 4.27 -27.46 27.99
N TYR E 178 4.58 -27.87 26.75
CA TYR E 178 3.73 -27.52 25.62
C TYR E 178 2.61 -28.50 25.48
N SER E 179 1.58 -28.08 24.71
CA SER E 179 0.47 -28.92 24.36
C SER E 179 -0.19 -28.38 23.12
N LEU E 180 -0.58 -29.27 22.20
CA LEU E 180 -1.28 -28.92 20.99
C LEU E 180 -2.24 -30.01 20.59
N SER E 181 -3.08 -29.69 19.64
CA SER E 181 -4.05 -30.56 19.03
C SER E 181 -3.90 -30.43 17.52
N SER E 182 -4.12 -31.54 16.83
CA SER E 182 -4.14 -31.62 15.39
C SER E 182 -5.45 -32.29 15.07
N VAL E 183 -6.26 -31.64 14.27
CA VAL E 183 -7.57 -32.14 13.93
C VAL E 183 -7.68 -32.32 12.44
N VAL E 184 -8.66 -33.09 12.01
CA VAL E 184 -8.97 -33.33 10.62
C VAL E 184 -10.48 -33.59 10.52
N THR E 185 -11.08 -33.05 9.48
CA THR E 185 -12.47 -33.25 9.17
C THR E 185 -12.55 -34.20 7.98
N VAL E 186 -13.35 -35.28 8.13
CA VAL E 186 -13.48 -36.36 7.14
C VAL E 186 -14.96 -36.68 6.88
N PRO E 187 -15.35 -37.32 5.76
CA PRO E 187 -16.77 -37.67 5.59
C PRO E 187 -17.23 -38.65 6.68
N SER E 188 -18.43 -38.43 7.24
CA SER E 188 -19.01 -39.29 8.28
C SER E 188 -19.11 -40.77 7.82
N SER E 189 -19.44 -40.98 6.52
CA SER E 189 -19.56 -42.28 5.86
C SER E 189 -18.27 -43.13 5.97
N SER E 190 -17.11 -42.46 5.97
CA SER E 190 -15.78 -43.09 6.02
C SER E 190 -15.33 -43.60 7.38
N LEU E 191 -16.01 -43.25 8.47
CA LEU E 191 -15.59 -43.63 9.83
C LEU E 191 -15.31 -45.13 10.03
N GLY E 192 -16.22 -45.99 9.60
CA GLY E 192 -16.06 -47.43 9.69
C GLY E 192 -15.04 -47.98 8.71
N THR E 193 -15.16 -47.55 7.44
CA THR E 193 -14.30 -47.94 6.32
C THR E 193 -12.81 -47.55 6.46
N GLN E 194 -12.52 -46.23 6.51
CA GLN E 194 -11.17 -45.68 6.57
C GLN E 194 -10.53 -45.64 7.95
N THR E 195 -9.24 -45.96 7.99
CA THR E 195 -8.42 -45.91 9.20
C THR E 195 -7.72 -44.54 9.30
N TYR E 196 -7.70 -43.96 10.52
CA TYR E 196 -7.10 -42.64 10.78
C TYR E 196 -6.06 -42.72 11.88
N ILE E 197 -4.79 -42.55 11.49
CA ILE E 197 -3.66 -42.57 12.42
C ILE E 197 -2.93 -41.23 12.37
N CYS E 198 -2.60 -40.68 13.55
CA CYS E 198 -1.81 -39.47 13.63
C CYS E 198 -0.38 -39.85 13.97
N ASN E 199 0.56 -39.38 13.17
CA ASN E 199 1.97 -39.69 13.33
C ASN E 199 2.63 -38.50 14.00
N VAL E 200 3.10 -38.70 15.25
CA VAL E 200 3.69 -37.64 16.05
C VAL E 200 5.18 -37.86 16.23
N ASN E 201 5.97 -36.85 15.85
CA ASN E 201 7.41 -36.92 16.06
C ASN E 201 7.88 -35.79 16.96
N HIS E 202 8.66 -36.13 17.98
CA HIS E 202 9.26 -35.18 18.90
C HIS E 202 10.75 -35.51 18.93
N LYS E 203 11.50 -34.97 17.95
CA LYS E 203 12.94 -35.16 17.78
C LYS E 203 13.75 -34.92 19.06
N PRO E 204 13.54 -33.84 19.87
CA PRO E 204 14.38 -33.66 21.06
C PRO E 204 14.43 -34.82 22.07
N SER E 205 13.42 -35.70 22.06
CA SER E 205 13.34 -36.86 22.96
C SER E 205 13.25 -38.18 22.16
N ASN E 206 13.45 -38.11 20.82
CA ASN E 206 13.37 -39.26 19.91
C ASN E 206 12.02 -40.01 19.94
N THR E 207 10.96 -39.34 20.44
CA THR E 207 9.60 -39.88 20.50
C THR E 207 9.03 -39.96 19.09
N LYS E 208 8.43 -41.11 18.78
CA LYS E 208 7.75 -41.40 17.52
C LYS E 208 6.53 -42.22 17.90
N VAL E 209 5.34 -41.58 17.88
CA VAL E 209 4.08 -42.21 18.29
C VAL E 209 3.08 -42.21 17.16
N ASP E 210 2.51 -43.37 16.85
CA ASP E 210 1.46 -43.50 15.86
C ASP E 210 0.23 -43.86 16.65
N LYS E 211 -0.85 -43.09 16.47
CA LYS E 211 -2.07 -43.27 17.24
C LYS E 211 -3.28 -43.40 16.37
N LYS E 212 -3.98 -44.54 16.46
CA LYS E 212 -5.21 -44.76 15.72
C LYS E 212 -6.32 -44.03 16.45
N VAL E 213 -7.14 -43.29 15.70
CA VAL E 213 -8.27 -42.54 16.26
C VAL E 213 -9.54 -43.20 15.76
N GLU E 214 -10.36 -43.70 16.69
CA GLU E 214 -11.59 -44.40 16.31
C GLU E 214 -12.81 -44.00 17.11
N PRO E 215 -14.03 -44.14 16.54
CA PRO E 215 -15.24 -43.81 17.31
C PRO E 215 -15.36 -44.65 18.57
N LYS E 216 -15.67 -44.02 19.73
CA LYS E 216 -15.80 -44.74 21.00
C LYS E 216 -17.25 -45.16 21.25
N ASP F 1 24.85 -2.13 9.62
CA ASP F 1 25.07 -0.70 9.45
C ASP F 1 24.02 0.02 8.56
N ILE F 2 23.62 -0.56 7.38
CA ILE F 2 22.53 0.07 6.60
C ILE F 2 21.18 -0.26 7.27
N GLN F 3 20.35 0.74 7.46
CA GLN F 3 19.03 0.53 8.05
C GLN F 3 17.91 0.52 7.03
N VAL F 4 16.81 -0.14 7.39
CA VAL F 4 15.69 -0.36 6.51
C VAL F 4 14.38 -0.19 7.29
N THR F 5 13.45 0.60 6.75
CA THR F 5 12.13 0.83 7.39
C THR F 5 11.07 0.28 6.46
N GLN F 6 10.39 -0.75 6.90
CA GLN F 6 9.33 -1.38 6.12
C GLN F 6 7.97 -0.95 6.62
N SER F 7 7.04 -0.66 5.69
CA SER F 7 5.64 -0.36 6.04
C SER F 7 4.61 -0.85 5.02
N PRO F 8 3.38 -1.16 5.42
CA PRO F 8 2.85 -1.09 6.80
C PRO F 8 3.29 -2.32 7.61
N SER F 9 2.92 -2.38 8.88
CA SER F 9 3.23 -3.53 9.74
C SER F 9 2.28 -4.72 9.39
N SER F 10 1.04 -4.42 9.01
CA SER F 10 0.03 -5.41 8.64
C SER F 10 -1.04 -4.74 7.84
N LEU F 11 -1.73 -5.50 7.00
CA LEU F 11 -2.82 -5.00 6.19
C LEU F 11 -3.81 -6.12 5.89
N SER F 12 -5.06 -5.75 5.57
CA SER F 12 -6.06 -6.71 5.15
C SER F 12 -6.61 -6.22 3.82
N ALA F 13 -6.65 -7.08 2.84
CA ALA F 13 -7.19 -6.68 1.54
C ALA F 13 -8.00 -7.85 1.00
N SER F 14 -8.86 -7.58 0.03
CA SER F 14 -9.69 -8.64 -0.55
C SER F 14 -9.01 -9.26 -1.74
N VAL F 15 -9.50 -10.45 -2.12
CA VAL F 15 -9.06 -11.18 -3.30
C VAL F 15 -9.26 -10.26 -4.51
N GLY F 16 -8.20 -10.09 -5.27
CA GLY F 16 -8.19 -9.23 -6.45
C GLY F 16 -7.73 -7.81 -6.19
N ASP F 17 -7.50 -7.44 -4.93
CA ASP F 17 -7.04 -6.09 -4.65
C ASP F 17 -5.55 -6.00 -4.97
N ARG F 18 -5.07 -4.77 -5.14
CA ARG F 18 -3.66 -4.50 -5.31
C ARG F 18 -3.11 -4.20 -3.91
N VAL F 19 -2.03 -4.88 -3.51
CA VAL F 19 -1.36 -4.67 -2.21
C VAL F 19 -0.05 -3.96 -2.50
N THR F 20 0.29 -2.88 -1.78
CA THR F 20 1.53 -2.16 -2.02
C THR F 20 2.26 -2.08 -0.69
N ILE F 21 3.55 -2.49 -0.68
CA ILE F 21 4.37 -2.51 0.54
C ILE F 21 5.66 -1.70 0.24
N THR F 22 6.06 -0.87 1.19
CA THR F 22 7.22 0.02 1.04
C THR F 22 8.42 -0.38 1.88
N CYS F 23 9.60 -0.08 1.38
CA CYS F 23 10.87 -0.21 2.09
C CYS F 23 11.70 0.98 1.75
N ILE F 24 12.14 1.68 2.78
CA ILE F 24 12.98 2.88 2.67
C ILE F 24 14.33 2.62 3.34
N THR F 25 15.43 2.82 2.61
CA THR F 25 16.77 2.58 3.18
C THR F 25 17.39 3.84 3.72
N SER F 26 18.28 3.70 4.71
CA SER F 26 19.00 4.80 5.36
C SER F 26 19.96 5.51 4.41
N THR F 27 20.48 4.78 3.41
CA THR F 27 21.43 5.29 2.42
C THR F 27 21.06 4.75 1.04
N ASP F 28 21.57 5.39 -0.02
CA ASP F 28 21.35 5.02 -1.43
C ASP F 28 21.96 3.62 -1.71
N ILE F 29 21.14 2.71 -2.19
CA ILE F 29 21.59 1.33 -2.45
C ILE F 29 21.46 0.93 -3.91
N ASP F 30 21.34 1.92 -4.82
CA ASP F 30 21.07 1.68 -6.25
C ASP F 30 19.80 0.81 -6.34
N ASP F 31 19.86 -0.32 -7.02
CA ASP F 31 18.70 -1.20 -7.19
C ASP F 31 18.86 -2.52 -6.40
N ASP F 32 19.73 -2.56 -5.36
CA ASP F 32 19.98 -3.79 -4.60
C ASP F 32 18.95 -4.11 -3.53
N MET F 33 17.69 -4.22 -3.98
CA MET F 33 16.56 -4.55 -3.10
C MET F 33 16.00 -5.89 -3.52
N ASN F 34 15.68 -6.72 -2.52
CA ASN F 34 15.09 -8.05 -2.62
C ASN F 34 13.79 -8.08 -1.81
N TRP F 35 12.89 -8.96 -2.19
CA TRP F 35 11.62 -9.14 -1.50
C TRP F 35 11.39 -10.62 -1.32
N TYR F 36 11.13 -11.04 -0.06
CA TYR F 36 10.88 -12.41 0.36
C TYR F 36 9.44 -12.55 0.84
N GLN F 37 8.89 -13.75 0.65
CA GLN F 37 7.58 -14.13 1.13
C GLN F 37 7.78 -15.27 2.11
N GLN F 38 7.15 -15.20 3.26
CA GLN F 38 7.22 -16.30 4.21
C GLN F 38 5.81 -16.69 4.63
N LYS F 39 5.32 -17.82 4.06
CA LYS F 39 4.00 -18.35 4.39
C LYS F 39 4.05 -18.98 5.79
N PRO F 40 2.89 -19.07 6.49
CA PRO F 40 2.90 -19.66 7.86
C PRO F 40 3.54 -21.06 7.93
N GLY F 41 4.48 -21.26 8.86
CA GLY F 41 5.21 -22.49 9.08
C GLY F 41 6.16 -22.92 7.97
N LYS F 42 6.54 -21.97 7.10
CA LYS F 42 7.40 -22.27 5.96
C LYS F 42 8.68 -21.45 5.95
N VAL F 43 9.61 -21.90 5.12
CA VAL F 43 10.91 -21.29 4.92
C VAL F 43 10.72 -20.03 4.01
N PRO F 44 11.46 -18.93 4.25
CA PRO F 44 11.33 -17.76 3.38
C PRO F 44 11.69 -18.08 1.93
N LYS F 45 10.96 -17.47 1.00
CA LYS F 45 11.15 -17.65 -0.42
C LYS F 45 11.42 -16.28 -1.06
N LEU F 46 12.49 -16.18 -1.86
CA LEU F 46 12.88 -14.95 -2.57
C LEU F 46 11.97 -14.79 -3.78
N LEU F 47 11.22 -13.67 -3.83
CA LEU F 47 10.33 -13.45 -4.98
C LEU F 47 10.96 -12.51 -6.01
N ILE F 48 11.58 -11.44 -5.53
CA ILE F 48 12.15 -10.38 -6.37
C ILE F 48 13.57 -10.12 -5.91
N SER F 49 14.47 -9.92 -6.87
CA SER F 49 15.85 -9.62 -6.48
C SER F 49 16.28 -8.34 -7.18
N GLY F 50 17.50 -7.89 -6.90
CA GLY F 50 18.06 -6.66 -7.42
C GLY F 50 17.60 -6.28 -8.81
N GLY F 51 17.23 -5.00 -8.97
CA GLY F 51 16.79 -4.48 -10.26
C GLY F 51 15.34 -4.83 -10.58
N ASN F 52 14.58 -5.20 -9.51
CA ASN F 52 13.16 -5.60 -9.57
C ASN F 52 12.94 -6.78 -10.49
N THR F 53 13.89 -7.75 -10.39
CA THR F 53 13.89 -8.97 -11.16
C THR F 53 12.96 -9.97 -10.52
N LEU F 54 11.92 -10.36 -11.26
CA LEU F 54 10.96 -11.35 -10.84
C LEU F 54 11.60 -12.73 -11.00
N ARG F 55 11.70 -13.49 -9.90
CA ARG F 55 12.35 -14.79 -9.96
C ARG F 55 11.52 -15.79 -10.77
N PRO F 56 12.17 -16.65 -11.63
CA PRO F 56 11.38 -17.60 -12.46
C PRO F 56 10.49 -18.51 -11.63
N GLY F 57 9.26 -18.71 -12.10
CA GLY F 57 8.25 -19.51 -11.43
C GLY F 57 7.37 -18.73 -10.47
N VAL F 58 7.73 -17.46 -10.16
CA VAL F 58 6.92 -16.61 -9.28
C VAL F 58 5.85 -15.94 -10.16
N PRO F 59 4.54 -15.98 -9.74
CA PRO F 59 3.48 -15.35 -10.55
C PRO F 59 3.75 -13.89 -10.90
N SER F 60 3.40 -13.50 -12.13
CA SER F 60 3.61 -12.14 -12.66
C SER F 60 2.83 -11.05 -11.87
N ARG F 61 1.88 -11.46 -11.00
CA ARG F 61 1.15 -10.49 -10.17
C ARG F 61 2.08 -9.78 -9.13
N PHE F 62 3.25 -10.38 -8.83
CA PHE F 62 4.27 -9.80 -7.95
C PHE F 62 5.21 -8.96 -8.80
N SER F 63 5.48 -7.71 -8.37
CA SER F 63 6.45 -6.86 -9.07
C SER F 63 7.11 -5.92 -8.07
N GLY F 64 8.34 -5.52 -8.34
CA GLY F 64 9.06 -4.57 -7.51
C GLY F 64 9.27 -3.30 -8.30
N SER F 65 9.41 -2.18 -7.62
CA SER F 65 9.76 -0.92 -8.30
C SER F 65 10.58 -0.09 -7.34
N GLY F 66 11.30 0.89 -7.88
CA GLY F 66 12.10 1.80 -7.08
C GLY F 66 13.58 1.55 -7.25
N SER F 67 14.35 2.58 -6.96
CA SER F 67 15.79 2.64 -7.06
C SER F 67 16.25 3.72 -6.06
N GLY F 68 17.46 3.59 -5.52
CA GLY F 68 18.00 4.60 -4.62
C GLY F 68 17.72 4.26 -3.17
N THR F 69 16.68 4.89 -2.55
CA THR F 69 16.31 4.64 -1.14
C THR F 69 14.88 4.12 -0.98
N ASP F 70 14.00 4.41 -1.94
CA ASP F 70 12.55 4.14 -1.92
C ASP F 70 12.09 2.98 -2.79
N PHE F 71 11.70 1.89 -2.16
CA PHE F 71 11.34 0.68 -2.90
C PHE F 71 9.91 0.23 -2.58
N THR F 72 9.26 -0.37 -3.56
CA THR F 72 7.89 -0.83 -3.40
C THR F 72 7.73 -2.25 -3.94
N LEU F 73 6.97 -3.07 -3.20
CA LEU F 73 6.51 -4.37 -3.61
C LEU F 73 4.99 -4.27 -3.88
N THR F 74 4.59 -4.65 -5.07
CA THR F 74 3.19 -4.64 -5.45
C THR F 74 2.71 -6.06 -5.74
N ILE F 75 1.56 -6.45 -5.17
CA ILE F 75 0.88 -7.73 -5.51
C ILE F 75 -0.36 -7.22 -6.23
N SER F 76 -0.39 -7.32 -7.55
CA SER F 76 -1.46 -6.75 -8.36
C SER F 76 -2.86 -7.28 -8.27
N SER F 77 -3.00 -8.54 -7.92
CA SER F 77 -4.35 -9.13 -7.87
C SER F 77 -4.29 -10.20 -6.79
N LEU F 78 -4.41 -9.78 -5.51
CA LEU F 78 -4.25 -10.61 -4.34
C LEU F 78 -5.05 -11.90 -4.40
N GLN F 79 -4.35 -13.04 -4.25
CA GLN F 79 -4.98 -14.37 -4.29
C GLN F 79 -4.99 -14.98 -2.88
N PRO F 80 -5.90 -15.93 -2.56
CA PRO F 80 -5.92 -16.52 -1.19
C PRO F 80 -4.59 -17.06 -0.74
N GLU F 81 -3.81 -17.68 -1.67
CA GLU F 81 -2.49 -18.29 -1.37
C GLU F 81 -1.38 -17.28 -1.12
N ASP F 82 -1.65 -15.96 -1.30
CA ASP F 82 -0.65 -14.93 -1.04
C ASP F 82 -0.56 -14.52 0.43
N VAL F 83 -1.40 -15.11 1.29
CA VAL F 83 -1.41 -14.85 2.73
C VAL F 83 -0.05 -15.22 3.28
N ALA F 84 0.67 -14.24 3.86
CA ALA F 84 2.04 -14.43 4.32
C ALA F 84 2.54 -13.17 4.97
N THR F 85 3.81 -13.21 5.46
CA THR F 85 4.52 -12.04 5.91
C THR F 85 5.60 -11.81 4.84
N TYR F 86 5.71 -10.55 4.37
CA TYR F 86 6.66 -10.18 3.33
C TYR F 86 7.75 -9.36 3.94
N TYR F 87 9.00 -9.63 3.54
CA TYR F 87 10.18 -8.95 4.05
C TYR F 87 11.05 -8.46 2.90
N CYS F 88 11.45 -7.18 2.96
CA CYS F 88 12.42 -6.67 2.01
C CYS F 88 13.78 -6.96 2.62
N LEU F 89 14.81 -6.94 1.79
CA LEU F 89 16.18 -7.15 2.21
C LEU F 89 17.06 -6.31 1.33
N GLN F 90 17.90 -5.45 1.92
CA GLN F 90 18.81 -4.68 1.09
C GLN F 90 20.09 -5.53 0.97
N SER F 91 20.68 -5.56 -0.23
CA SER F 91 21.91 -6.32 -0.45
C SER F 91 22.94 -5.43 -1.18
N ASP F 92 23.08 -4.18 -0.73
CA ASP F 92 24.02 -3.22 -1.30
C ASP F 92 25.47 -3.63 -0.97
N SER F 93 25.67 -4.14 0.24
CA SER F 93 26.96 -4.47 0.81
C SER F 93 26.68 -5.24 2.08
N LEU F 94 27.73 -5.82 2.64
CA LEU F 94 27.61 -6.59 3.87
C LEU F 94 27.72 -5.65 5.04
N PRO F 95 26.93 -5.82 6.11
CA PRO F 95 25.90 -6.86 6.29
C PRO F 95 24.60 -6.50 5.56
N TYR F 96 23.87 -7.50 5.07
CA TYR F 96 22.54 -7.28 4.45
C TYR F 96 21.56 -6.94 5.59
N THR F 97 20.38 -6.44 5.24
CA THR F 97 19.39 -5.99 6.25
C THR F 97 18.00 -6.28 5.79
N PHE F 98 17.23 -7.00 6.62
CA PHE F 98 15.81 -7.26 6.35
C PHE F 98 15.00 -6.07 6.88
N GLY F 99 13.83 -5.83 6.31
CA GLY F 99 12.85 -4.90 6.88
C GLY F 99 12.13 -5.62 7.99
N GLN F 100 11.27 -4.90 8.76
CA GLN F 100 10.53 -5.46 9.89
C GLN F 100 9.42 -6.44 9.48
N GLY F 101 9.05 -6.45 8.19
CA GLY F 101 8.01 -7.34 7.68
C GLY F 101 6.62 -6.70 7.60
N THR F 102 5.76 -7.24 6.74
CA THR F 102 4.39 -6.78 6.61
C THR F 102 3.56 -8.04 6.51
N LYS F 103 2.63 -8.19 7.45
CA LYS F 103 1.72 -9.32 7.50
C LYS F 103 0.55 -9.03 6.57
N VAL F 104 0.39 -9.85 5.53
CA VAL F 104 -0.70 -9.65 4.57
C VAL F 104 -1.79 -10.64 4.91
N GLU F 105 -3.01 -10.11 5.18
CA GLU F 105 -4.19 -10.93 5.48
C GLU F 105 -5.28 -10.69 4.44
N ILE F 106 -6.12 -11.70 4.23
CA ILE F 106 -7.24 -11.60 3.29
C ILE F 106 -8.51 -11.24 4.00
N LYS F 107 -9.24 -10.27 3.46
CA LYS F 107 -10.56 -9.88 3.96
C LYS F 107 -11.52 -10.61 3.05
N ARG F 108 -12.34 -11.47 3.64
CA ARG F 108 -13.34 -12.27 2.93
C ARG F 108 -14.72 -12.13 3.61
N THR F 109 -15.76 -12.79 3.06
CA THR F 109 -17.10 -12.78 3.65
C THR F 109 -17.08 -13.47 5.03
N VAL F 110 -17.99 -13.07 5.91
CA VAL F 110 -18.12 -13.65 7.25
C VAL F 110 -18.51 -15.13 7.12
N ALA F 111 -17.83 -16.01 7.88
CA ALA F 111 -18.10 -17.44 7.91
C ALA F 111 -18.19 -17.87 9.37
N ALA F 112 -19.36 -18.38 9.77
CA ALA F 112 -19.62 -18.84 11.13
C ALA F 112 -18.83 -20.13 11.37
N PRO F 113 -18.23 -20.33 12.57
CA PRO F 113 -17.50 -21.58 12.82
C PRO F 113 -18.39 -22.82 12.99
N SER F 114 -17.85 -24.00 12.63
CA SER F 114 -18.46 -25.30 12.91
C SER F 114 -17.88 -25.64 14.27
N VAL F 115 -18.75 -25.92 15.27
CA VAL F 115 -18.28 -26.23 16.62
C VAL F 115 -18.34 -27.73 16.94
N PHE F 116 -17.27 -28.23 17.56
CA PHE F 116 -17.12 -29.62 17.98
C PHE F 116 -16.57 -29.64 19.40
N ILE F 117 -17.04 -30.58 20.22
CA ILE F 117 -16.57 -30.78 21.59
C ILE F 117 -16.02 -32.23 21.72
N PHE F 118 -14.90 -32.40 22.46
CA PHE F 118 -14.28 -33.69 22.65
C PHE F 118 -14.07 -33.93 24.12
N PRO F 119 -14.71 -34.99 24.68
CA PRO F 119 -14.47 -35.33 26.08
C PRO F 119 -13.04 -35.85 26.26
N PRO F 120 -12.50 -35.88 27.49
CA PRO F 120 -11.17 -36.49 27.66
C PRO F 120 -11.23 -37.99 27.35
N SER F 121 -10.10 -38.54 26.87
CA SER F 121 -10.00 -39.96 26.54
C SER F 121 -9.87 -40.76 27.85
N ASP F 122 -10.40 -42.01 27.89
CA ASP F 122 -10.28 -42.90 29.06
C ASP F 122 -8.80 -43.08 29.42
N GLU F 123 -7.91 -43.17 28.39
CA GLU F 123 -6.46 -43.27 28.55
C GLU F 123 -5.89 -42.09 29.36
N GLN F 124 -6.36 -40.85 29.05
CA GLN F 124 -5.90 -39.66 29.77
C GLN F 124 -6.37 -39.66 31.23
N LEU F 125 -7.62 -40.12 31.47
CA LEU F 125 -8.20 -40.23 32.80
C LEU F 125 -7.34 -41.10 33.71
N LYS F 126 -6.87 -42.28 33.22
CA LYS F 126 -5.97 -43.22 33.93
C LYS F 126 -4.74 -42.52 34.51
N SER F 127 -4.29 -41.41 33.87
CA SER F 127 -3.13 -40.61 34.26
C SER F 127 -3.44 -39.55 35.34
N GLY F 128 -4.73 -39.29 35.57
CA GLY F 128 -5.17 -38.35 36.60
C GLY F 128 -5.50 -36.93 36.18
N THR F 129 -5.63 -36.70 34.86
CA THR F 129 -5.97 -35.38 34.32
C THR F 129 -7.03 -35.52 33.24
N ALA F 130 -7.89 -34.50 33.12
CA ALA F 130 -8.93 -34.45 32.09
C ALA F 130 -8.79 -33.18 31.24
N SER F 131 -8.69 -33.36 29.91
CA SER F 131 -8.58 -32.26 28.95
C SER F 131 -9.79 -32.32 28.05
N VAL F 132 -10.61 -31.27 28.12
CA VAL F 132 -11.82 -31.19 27.29
C VAL F 132 -11.48 -30.21 26.14
N VAL F 133 -11.71 -30.64 24.89
CA VAL F 133 -11.34 -29.81 23.74
C VAL F 133 -12.57 -29.29 22.99
N CYS F 134 -12.62 -27.98 22.76
CA CYS F 134 -13.66 -27.34 21.96
C CYS F 134 -12.96 -26.89 20.66
N LEU F 135 -13.49 -27.30 19.52
CA LEU F 135 -12.93 -26.94 18.21
C LEU F 135 -13.86 -26.01 17.46
N LEU F 136 -13.33 -24.85 17.02
CA LEU F 136 -14.04 -23.86 16.20
C LEU F 136 -13.37 -23.95 14.84
N ASN F 137 -14.08 -24.45 13.86
CA ASN F 137 -13.51 -24.72 12.56
C ASN F 137 -14.00 -23.81 11.43
N ASN F 138 -13.04 -23.37 10.59
CA ASN F 138 -13.23 -22.60 9.35
C ASN F 138 -14.10 -21.35 9.46
N PHE F 139 -13.64 -20.41 10.29
CA PHE F 139 -14.38 -19.18 10.53
C PHE F 139 -13.63 -17.91 10.13
N TYR F 140 -14.43 -16.88 9.78
CA TYR F 140 -13.96 -15.54 9.47
C TYR F 140 -14.98 -14.48 9.95
N PRO F 141 -14.58 -13.40 10.65
CA PRO F 141 -13.22 -13.00 11.08
C PRO F 141 -12.60 -13.78 12.25
N ARG F 142 -11.32 -13.49 12.57
CA ARG F 142 -10.55 -14.13 13.64
C ARG F 142 -11.14 -14.00 15.04
N GLU F 143 -11.87 -12.89 15.31
CA GLU F 143 -12.48 -12.58 16.60
C GLU F 143 -13.59 -13.59 16.90
N ALA F 144 -13.44 -14.27 18.01
CA ALA F 144 -14.39 -15.28 18.47
C ALA F 144 -14.22 -15.41 19.96
N LYS F 145 -15.32 -15.70 20.68
CA LYS F 145 -15.21 -15.89 22.12
C LYS F 145 -15.69 -17.28 22.49
N VAL F 146 -14.90 -17.97 23.33
CA VAL F 146 -15.20 -19.31 23.83
C VAL F 146 -15.29 -19.29 25.35
N GLN F 147 -16.47 -19.65 25.88
CA GLN F 147 -16.69 -19.74 27.33
C GLN F 147 -16.97 -21.19 27.73
N TRP F 148 -16.28 -21.66 28.77
CA TRP F 148 -16.47 -23.01 29.30
C TRP F 148 -17.44 -23.00 30.49
N LYS F 149 -18.46 -23.88 30.44
CA LYS F 149 -19.43 -24.05 31.52
C LYS F 149 -19.45 -25.51 31.97
N VAL F 150 -19.18 -25.73 33.26
CA VAL F 150 -19.18 -27.05 33.93
C VAL F 150 -20.37 -27.05 34.92
N ASP F 151 -21.46 -27.78 34.57
CA ASP F 151 -22.73 -27.83 35.33
C ASP F 151 -23.34 -26.40 35.38
N ASN F 152 -23.28 -25.68 34.24
CA ASN F 152 -23.73 -24.29 34.06
C ASN F 152 -22.94 -23.25 34.87
N ALA F 153 -21.79 -23.65 35.42
CA ALA F 153 -20.94 -22.70 36.15
C ALA F 153 -19.81 -22.24 35.23
N LEU F 154 -19.69 -20.92 35.05
CA LEU F 154 -18.69 -20.28 34.19
C LEU F 154 -17.27 -20.54 34.69
N GLN F 155 -16.40 -21.01 33.76
CA GLN F 155 -15.02 -21.32 34.09
C GLN F 155 -14.10 -20.16 33.81
N SER F 156 -13.03 -20.05 34.58
CA SER F 156 -12.01 -19.03 34.39
C SER F 156 -10.67 -19.57 34.88
N GLY F 157 -9.61 -19.20 34.18
CA GLY F 157 -8.24 -19.58 34.52
C GLY F 157 -7.87 -21.04 34.33
N ASN F 158 -8.77 -21.86 33.77
CA ASN F 158 -8.50 -23.30 33.57
C ASN F 158 -8.55 -23.74 32.08
N SER F 159 -8.51 -22.75 31.16
CA SER F 159 -8.51 -22.99 29.73
C SER F 159 -7.40 -22.22 29.00
N GLN F 160 -7.01 -22.72 27.81
CA GLN F 160 -6.03 -22.11 26.91
C GLN F 160 -6.54 -22.24 25.50
N GLU F 161 -6.36 -21.19 24.69
CA GLU F 161 -6.76 -21.11 23.29
C GLU F 161 -5.55 -21.13 22.37
N SER F 162 -5.74 -21.58 21.13
CA SER F 162 -4.74 -21.61 20.08
C SER F 162 -5.48 -21.43 18.79
N VAL F 163 -5.03 -20.53 17.94
CA VAL F 163 -5.68 -20.19 16.68
C VAL F 163 -4.72 -20.49 15.53
N THR F 164 -5.22 -21.01 14.41
CA THR F 164 -4.35 -21.26 13.27
C THR F 164 -4.10 -19.94 12.52
N GLU F 165 -3.12 -19.96 11.60
CA GLU F 165 -2.91 -18.79 10.74
C GLU F 165 -3.96 -18.90 9.65
N GLN F 166 -4.24 -17.79 8.96
CA GLN F 166 -5.25 -17.81 7.89
C GLN F 166 -4.97 -18.89 6.83
N ASP F 167 -5.99 -19.69 6.53
CA ASP F 167 -5.88 -20.76 5.55
C ASP F 167 -5.60 -20.22 4.15
N SER F 168 -4.64 -20.82 3.45
CA SER F 168 -4.19 -20.43 2.13
C SER F 168 -5.16 -20.72 0.97
N LYS F 169 -6.25 -21.45 1.24
CA LYS F 169 -7.24 -21.81 0.23
C LYS F 169 -8.58 -21.13 0.49
N ASP F 170 -9.10 -21.21 1.75
CA ASP F 170 -10.40 -20.63 2.09
C ASP F 170 -10.35 -19.34 2.90
N SER F 171 -9.16 -18.88 3.32
CA SER F 171 -8.95 -17.62 4.09
C SER F 171 -9.66 -17.58 5.45
N THR F 172 -9.84 -18.77 6.08
CA THR F 172 -10.49 -18.88 7.38
C THR F 172 -9.49 -19.20 8.43
N TYR F 173 -9.91 -19.12 9.69
CA TYR F 173 -9.12 -19.46 10.85
C TYR F 173 -9.80 -20.64 11.53
N SER F 174 -9.09 -21.32 12.42
CA SER F 174 -9.62 -22.40 13.25
C SER F 174 -9.04 -22.23 14.62
N LEU F 175 -9.81 -22.62 15.64
CA LEU F 175 -9.41 -22.40 17.02
C LEU F 175 -9.69 -23.64 17.84
N SER F 176 -8.81 -23.90 18.78
CA SER F 176 -9.01 -24.96 19.73
C SER F 176 -8.96 -24.33 21.11
N SER F 177 -9.94 -24.64 21.98
CA SER F 177 -9.94 -24.21 23.39
C SER F 177 -9.85 -25.48 24.23
N THR F 178 -8.90 -25.51 25.16
CA THR F 178 -8.66 -26.67 26.01
C THR F 178 -8.85 -26.37 27.49
N LEU F 179 -9.90 -26.98 28.06
CA LEU F 179 -10.28 -26.93 29.47
C LEU F 179 -9.55 -28.08 30.17
N THR F 180 -8.67 -27.76 31.14
CA THR F 180 -7.91 -28.78 31.87
C THR F 180 -8.34 -28.84 33.35
N LEU F 181 -8.73 -30.07 33.80
CA LEU F 181 -9.17 -30.37 35.16
C LEU F 181 -8.47 -31.62 35.68
N SER F 182 -8.42 -31.79 37.02
CA SER F 182 -7.92 -33.02 37.65
C SER F 182 -9.02 -34.07 37.42
N LYS F 183 -8.65 -35.37 37.44
CA LYS F 183 -9.60 -36.49 37.29
C LYS F 183 -10.73 -36.38 38.33
N ALA F 184 -10.33 -36.10 39.61
CA ALA F 184 -11.21 -35.92 40.76
C ALA F 184 -12.27 -34.84 40.50
N ASP F 185 -11.81 -33.64 40.06
CA ASP F 185 -12.72 -32.54 39.76
C ASP F 185 -13.61 -32.93 38.59
N TYR F 186 -13.02 -33.53 37.54
CA TYR F 186 -13.74 -33.95 36.34
C TYR F 186 -14.92 -34.90 36.65
N GLU F 187 -14.67 -35.96 37.45
CA GLU F 187 -15.71 -36.93 37.83
C GLU F 187 -16.79 -36.38 38.78
N LYS F 188 -16.44 -35.35 39.59
CA LYS F 188 -17.35 -34.68 40.51
C LYS F 188 -18.46 -33.83 39.80
N HIS F 189 -18.42 -33.69 38.43
CA HIS F 189 -19.39 -32.89 37.63
C HIS F 189 -19.99 -33.63 36.44
N LYS F 190 -21.19 -33.20 35.95
CA LYS F 190 -21.91 -33.89 34.87
C LYS F 190 -21.86 -33.25 33.48
N VAL F 191 -22.32 -31.98 33.38
CA VAL F 191 -22.44 -31.24 32.12
C VAL F 191 -21.17 -30.43 31.76
N TYR F 192 -20.61 -30.74 30.59
CA TYR F 192 -19.45 -30.05 30.04
C TYR F 192 -19.84 -29.37 28.76
N ALA F 193 -19.77 -28.03 28.76
CA ALA F 193 -20.18 -27.23 27.61
C ALA F 193 -19.23 -26.09 27.26
N CYS F 194 -19.09 -25.84 25.95
CA CYS F 194 -18.34 -24.68 25.45
C CYS F 194 -19.32 -23.83 24.66
N GLU F 195 -19.42 -22.56 25.06
CA GLU F 195 -20.29 -21.57 24.47
C GLU F 195 -19.46 -20.70 23.53
N VAL F 196 -19.86 -20.63 22.26
CA VAL F 196 -19.15 -19.92 21.19
C VAL F 196 -19.91 -18.71 20.68
N THR F 197 -19.27 -17.54 20.79
CA THR F 197 -19.78 -16.25 20.30
C THR F 197 -18.90 -15.78 19.13
N HIS F 198 -19.54 -15.53 17.96
CA HIS F 198 -18.90 -15.09 16.72
C HIS F 198 -19.91 -14.32 15.83
N GLN F 199 -19.39 -13.35 15.02
CA GLN F 199 -20.13 -12.47 14.09
C GLN F 199 -21.08 -13.20 13.13
N GLY F 200 -20.68 -14.37 12.65
CA GLY F 200 -21.47 -15.17 11.73
C GLY F 200 -22.59 -15.96 12.38
N LEU F 201 -22.64 -15.98 13.73
CA LEU F 201 -23.66 -16.69 14.50
C LEU F 201 -24.66 -15.66 15.06
N SER F 202 -25.95 -15.78 14.65
CA SER F 202 -27.03 -14.88 15.11
C SER F 202 -27.16 -14.86 16.66
N SER F 203 -26.92 -16.03 17.29
CA SER F 203 -26.94 -16.22 18.74
C SER F 203 -25.82 -17.19 19.14
N PRO F 204 -25.23 -17.07 20.37
CA PRO F 204 -24.16 -18.01 20.77
C PRO F 204 -24.55 -19.49 20.72
N VAL F 205 -23.69 -20.29 20.08
CA VAL F 205 -23.82 -21.73 19.88
C VAL F 205 -23.10 -22.47 21.01
N THR F 206 -23.77 -23.49 21.58
CA THR F 206 -23.22 -24.31 22.67
C THR F 206 -23.13 -25.76 22.21
N LYS F 207 -21.97 -26.37 22.47
CA LYS F 207 -21.74 -27.78 22.22
C LYS F 207 -21.45 -28.36 23.58
N SER F 208 -22.18 -29.42 23.94
CA SER F 208 -22.08 -30.04 25.25
C SER F 208 -22.13 -31.55 25.23
N PHE F 209 -21.66 -32.15 26.33
CA PHE F 209 -21.70 -33.59 26.55
C PHE F 209 -21.92 -33.87 28.03
N ASN F 210 -22.55 -35.01 28.35
CA ASN F 210 -22.78 -35.44 29.74
C ASN F 210 -21.73 -36.50 30.04
N ARG F 211 -20.91 -36.26 31.08
CA ARG F 211 -19.82 -37.15 31.47
C ARG F 211 -20.29 -38.61 31.68
N GLY F 212 -19.85 -39.48 30.79
CA GLY F 212 -20.19 -40.89 30.79
C GLY F 212 -21.22 -41.20 29.72
N GLU F 213 -22.26 -40.37 29.61
CA GLU F 213 -23.34 -40.54 28.63
C GLU F 213 -22.86 -40.29 27.19
C1 GOL G . 39.23 -18.23 -6.96
O1 GOL G . 38.39 -17.90 -5.87
C2 GOL G . 39.71 -16.99 -7.69
O2 GOL G . 40.87 -17.33 -8.48
C3 GOL G . 38.59 -16.51 -8.60
O3 GOL G . 38.76 -15.15 -9.02
C1 GOL H . 24.58 -0.11 -9.96
O1 GOL H . 25.76 -0.13 -9.16
C2 GOL H . 23.90 -1.46 -9.97
O2 GOL H . 23.69 -1.94 -8.64
C3 GOL H . 24.62 -2.50 -10.81
O3 GOL H . 25.75 -3.01 -10.12
ZN ZN I . 27.57 -8.20 -29.13
S SO4 J . 46.58 7.92 -25.88
O1 SO4 J . 47.35 9.12 -26.10
O2 SO4 J . 46.14 7.84 -24.47
O3 SO4 J . 47.41 6.75 -26.19
O4 SO4 J . 45.40 7.97 -26.78
S SO4 K . 33.90 -6.27 -20.11
O1 SO4 K . 33.34 -4.91 -20.15
O2 SO4 K . 34.93 -6.33 -19.09
O3 SO4 K . 34.49 -6.60 -21.41
O4 SO4 K . 32.85 -7.24 -19.79
C1 GOL L . -24.29 29.78 -18.43
O1 GOL L . -23.51 29.26 -19.51
C2 GOL L . -25.76 29.77 -18.77
O2 GOL L . -26.06 30.86 -19.67
C3 GOL L . -26.59 29.91 -17.51
O3 GOL L . -26.54 28.70 -16.77
C1 GOL M . -27.81 31.30 -34.69
O1 GOL M . -28.28 29.96 -34.48
C2 GOL M . -26.96 31.79 -33.54
O2 GOL M . -27.75 31.98 -32.36
C3 GOL M . -26.22 33.07 -33.88
O3 GOL M . -27.09 34.19 -33.87
C1 GOL N . -31.63 36.72 -23.02
O1 GOL N . -30.25 37.04 -23.09
C2 GOL N . -31.82 35.24 -22.78
O2 GOL N . -31.76 34.54 -24.03
C3 GOL N . -33.09 34.86 -22.04
O3 GOL N . -34.25 34.99 -22.84
ZN ZN O . -37.16 30.61 -22.27
S SO4 P . -7.14 28.39 -44.59
O1 SO4 P . -7.95 27.18 -44.74
O2 SO4 P . -6.66 28.81 -45.91
O3 SO4 P . -7.98 29.45 -44.01
O4 SO4 P . -5.98 28.15 -43.73
C1 GOL Q . -8.99 17.84 -12.82
O1 GOL Q . -8.94 16.76 -13.74
C2 GOL Q . -9.80 18.92 -13.50
O2 GOL Q . -10.71 18.30 -14.43
C3 GOL Q . -10.55 19.90 -12.62
O3 GOL Q . -10.34 19.68 -11.23
C1 GOL R . -2.16 22.70 2.05
O1 GOL R . -2.00 23.16 0.69
C2 GOL R . -1.10 23.25 3.00
O2 GOL R . -1.27 24.66 3.18
C3 GOL R . 0.32 22.90 2.61
O3 GOL R . 1.18 22.88 3.75
ZN ZN S . -20.95 2.05 -16.25
ZN ZN T . -8.15 9.30 26.86
C1 GOL U . -40.00 20.00 -3.92
O1 GOL U . -39.85 18.96 -2.94
C2 GOL U . -40.49 21.31 -3.34
O2 GOL U . -41.36 21.09 -2.21
C3 GOL U . -41.26 22.05 -4.41
O3 GOL U . -40.40 22.86 -5.21
C1 GOL V . -30.73 0.98 -1.18
O1 GOL V . -31.75 1.13 -2.16
C2 GOL V . -29.37 1.04 -1.84
O2 GOL V . -29.45 0.42 -3.13
C3 GOL V . -28.34 0.34 -0.98
O3 GOL V . -27.01 0.50 -1.50
C1 GOL W . 13.02 -27.58 14.09
O1 GOL W . 14.44 -27.64 13.88
C2 GOL W . 12.25 -27.01 12.92
O2 GOL W . 12.56 -27.73 11.72
C3 GOL W . 12.48 -25.53 12.73
O3 GOL W . 12.40 -25.14 11.36
ZN ZN X . -10.31 -25.88 7.12
ZN ZN Y . 21.92 7.21 -6.48
ZN ZN Z . 22.27 -4.95 -8.67
#